data_2VZK
#
_entry.id   2VZK
#
_cell.length_a   61.273
_cell.length_b   73.878
_cell.length_c   172.166
_cell.angle_alpha   90.00
_cell.angle_beta   92.71
_cell.angle_gamma   90.00
#
_symmetry.space_group_name_H-M   'P 1 21 1'
#
loop_
_entity.id
_entity.type
_entity.pdbx_description
1 polymer 'GLUTAMATE N-ACETYLTRANSFERASE 2 ALPHA CHAIN'
2 polymer 'GLUTAMATE N-ACETYLTRANSFERASE 2 BETA CHAIN'
3 polymer 'GLUTAMATE N-ACETYLTRANSFERASE 2 BETA CHAIN'
4 non-polymer 2-AMINO-2-HYDROXYMETHYL-PROPANE-1,3-DIOL
5 non-polymer 'ACETATE ION'
6 water water
#
loop_
_entity_poly.entity_id
_entity_poly.type
_entity_poly.pdbx_seq_one_letter_code
_entity_poly.pdbx_strand_id
1 'polypeptide(L)'
;TPRGFVVHTAPVGLADDGRDDFTVLASTAPATVSAVFTRSRFAGPSVVLCREAVADGQARGVVVLARNANVATGLEGEEN
AREVREAVARALGLPEGEMLIASTGVIGRQYPMESIREHLKTLEWPAGEGGFDRAARAIMTTDTRPKEVRVSVGGATLVG
IAKGVGMLEPDMA
;
A,C,E,G
2 'polypeptide(L)'
;TLLTFFATDARLDPAEQDRLFRRVMDRTFNAVSIDTDTSTSDTAVLFANGLAGEVDAGEFEEALHTAALALVKDIASDGE
GAAKLIEVQVTGARDDAQAKRVGKTVVNSPLVKTAVHGCDPNWGRVAMAIGKCSDDTDIDQERVTIRFGEVEVYPPKARG
DQADDALRAAVAEHLRGDEVVIGIDLAIADGAFTVYGCDLTEGYVRLNSEYTT
;
B
3 'polypeptide(L)'
;(TH5)LLTFFATDARLDPAEQDRLFRRVMDRTFNAVSIDTDTSTSDTAVLFANGLAGEVDAGEFEEALHTAALALVKDIA
SDGEGAAKLIEVQVTGARDDAQAKRVGKTVVNSPLVKTAVHGCDPNWGRVAMAIGKCSDDTDIDQERVTIRFGEVEVYPP
KARGDQADDALRAAVAEHLRGDEVVIGIDLAIADGAFTVYGCDLTEGYVRLNSEYTT
;
D,F,H
#
loop_
_chem_comp.id
_chem_comp.type
_chem_comp.name
_chem_comp.formula
ACT non-polymer 'ACETATE ION' 'C2 H3 O2 -1'
TRS non-polymer 2-AMINO-2-HYDROXYMETHYL-PROPANE-1,3-DIOL 'C4 H12 N O3 1'
#
# COMPACT_ATOMS: atom_id res chain seq x y z
N THR A 1 0.69 -4.36 -14.53
CA THR A 1 1.30 -5.66 -14.11
C THR A 1 2.83 -5.66 -14.17
N PRO A 2 3.47 -4.91 -15.11
CA PRO A 2 4.94 -4.90 -15.03
C PRO A 2 5.49 -4.22 -13.78
N ARG A 3 6.58 -4.77 -13.27
CA ARG A 3 7.19 -4.29 -12.05
C ARG A 3 7.77 -2.92 -12.27
N GLY A 4 7.53 -2.05 -11.30
CA GLY A 4 8.16 -0.76 -11.29
C GLY A 4 7.40 0.35 -11.95
N PHE A 5 6.24 0.04 -12.56
CA PHE A 5 5.43 1.05 -13.26
C PHE A 5 4.22 1.47 -12.45
N VAL A 6 4.06 2.78 -12.33
CA VAL A 6 2.97 3.39 -11.62
C VAL A 6 2.24 4.36 -12.59
N VAL A 7 0.98 4.64 -12.30
CA VAL A 7 0.17 5.54 -13.12
C VAL A 7 -0.48 6.60 -12.27
N HIS A 8 -0.33 7.85 -12.67
CA HIS A 8 -1.10 8.92 -12.07
C HIS A 8 -2.05 9.40 -13.15
N THR A 9 -3.34 9.53 -12.78
CA THR A 9 -4.36 10.18 -13.60
C THR A 9 -5.17 11.18 -12.79
N ALA A 10 -5.60 12.25 -13.44
CA ALA A 10 -6.36 13.27 -12.73
C ALA A 10 -7.07 14.20 -13.73
N PRO A 11 -8.20 14.80 -13.32
CA PRO A 11 -8.82 15.85 -14.10
C PRO A 11 -8.08 17.21 -13.96
N VAL A 12 -7.72 17.85 -15.08
CA VAL A 12 -7.15 19.20 -15.02
C VAL A 12 -7.90 20.20 -15.90
N GLY A 13 -9.07 19.80 -16.42
CA GLY A 13 -9.94 20.73 -17.11
C GLY A 13 -9.47 21.09 -18.49
N LEU A 14 -8.83 20.15 -19.18
CA LEU A 14 -8.49 20.31 -20.60
C LEU A 14 -9.77 20.32 -21.48
N ALA A 15 -10.80 19.60 -21.02
CA ALA A 15 -12.21 19.82 -21.38
C ALA A 15 -13.00 19.94 -20.06
N ASP A 16 -14.19 20.53 -20.15
CA ASP A 16 -14.96 20.93 -18.95
C ASP A 16 -15.97 19.86 -18.55
N ASP A 17 -15.47 18.68 -18.23
CA ASP A 17 -16.31 17.54 -17.89
C ASP A 17 -15.85 16.73 -16.65
N GLY A 18 -14.90 17.26 -15.89
CA GLY A 18 -14.40 16.56 -14.74
C GLY A 18 -13.76 15.23 -14.99
N ARG A 19 -13.46 14.92 -16.26
CA ARG A 19 -12.87 13.62 -16.60
C ARG A 19 -11.33 13.65 -16.48
N ASP A 20 -10.76 12.51 -16.14
CA ASP A 20 -9.31 12.37 -16.08
C ASP A 20 -8.73 12.71 -17.43
N ASP A 21 -7.93 13.74 -17.51
CA ASP A 21 -7.35 14.09 -18.79
C ASP A 21 -5.80 14.31 -18.72
N PHE A 22 -5.22 14.05 -17.54
CA PHE A 22 -3.81 14.36 -17.27
C PHE A 22 -3.20 13.12 -16.69
N THR A 23 -2.21 12.57 -17.40
CA THR A 23 -1.70 11.27 -17.05
C THR A 23 -0.17 11.34 -16.85
N VAL A 24 0.31 10.68 -15.80
CA VAL A 24 1.75 10.42 -15.69
C VAL A 24 2.00 8.91 -15.59
N LEU A 25 2.71 8.40 -16.59
CA LEU A 25 3.25 7.04 -16.49
C LEU A 25 4.70 7.16 -16.10
N ALA A 26 5.21 6.34 -15.17
CA ALA A 26 6.62 6.44 -14.74
C ALA A 26 7.14 5.16 -14.25
N SER A 27 8.44 4.91 -14.43
CA SER A 27 9.13 3.76 -13.85
C SER A 27 9.89 4.19 -12.62
N THR A 28 9.79 3.39 -11.53
CA THR A 28 10.58 3.55 -10.30
C THR A 28 12.05 3.14 -10.49
N ALA A 29 12.34 2.56 -11.65
CA ALA A 29 13.67 2.16 -12.01
C ALA A 29 14.08 2.87 -13.31
N PRO A 30 15.41 3.08 -13.49
CA PRO A 30 15.91 3.47 -14.81
C PRO A 30 15.42 2.50 -15.91
N ALA A 31 15.14 3.07 -17.06
CA ALA A 31 14.49 2.37 -18.15
C ALA A 31 15.15 2.81 -19.45
N THR A 32 15.41 1.86 -20.31
CA THR A 32 15.82 2.18 -21.66
C THR A 32 14.58 2.52 -22.43
N VAL A 33 14.69 3.50 -23.32
CA VAL A 33 13.55 3.95 -24.08
C VAL A 33 13.76 3.84 -25.58
N SER A 34 12.71 3.45 -26.30
CA SER A 34 12.65 3.58 -27.76
C SER A 34 11.34 4.34 -28.08
N ALA A 35 11.39 5.28 -29.05
CA ALA A 35 10.23 6.09 -29.39
C ALA A 35 10.31 6.47 -30.87
N VAL A 36 9.15 6.66 -31.51
CA VAL A 36 9.05 7.22 -32.87
C VAL A 36 7.93 8.26 -32.86
N PHE A 37 8.01 9.22 -33.76
CA PHE A 37 7.11 10.38 -33.71
C PHE A 37 6.68 10.86 -35.12
N THR A 38 5.59 11.64 -35.13
CA THR A 38 5.20 12.42 -36.30
C THR A 38 6.41 13.18 -36.88
N ARG A 39 6.40 13.38 -38.19
CA ARG A 39 7.39 14.20 -38.88
C ARG A 39 6.62 15.31 -39.51
N SER A 40 5.45 15.59 -38.96
CA SER A 40 4.64 16.70 -39.41
C SER A 40 5.42 18.02 -39.35
N ARG A 41 5.29 18.85 -40.37
CA ARG A 41 5.82 20.20 -40.37
C ARG A 41 5.19 21.05 -39.29
N PHE A 42 4.04 20.65 -38.79
CA PHE A 42 3.38 21.36 -37.70
C PHE A 42 3.49 20.59 -36.42
N ALA A 43 4.54 19.76 -36.33
CA ALA A 43 4.84 18.98 -35.14
C ALA A 43 4.76 19.86 -33.94
N GLY A 44 4.00 19.44 -32.94
CA GLY A 44 3.83 20.21 -31.72
C GLY A 44 5.08 20.27 -30.89
N PRO A 45 5.24 21.34 -30.05
CA PRO A 45 6.39 21.43 -29.14
C PRO A 45 6.61 20.18 -28.22
N SER A 46 5.55 19.47 -27.88
CA SER A 46 5.68 18.22 -27.09
C SER A 46 6.60 17.19 -27.73
N VAL A 47 6.53 17.13 -29.05
CA VAL A 47 7.28 16.15 -29.87
C VAL A 47 8.78 16.42 -29.85
N VAL A 48 9.14 17.69 -29.96
CA VAL A 48 10.52 18.12 -30.04
C VAL A 48 11.23 17.68 -28.74
N LEU A 49 10.57 17.91 -27.62
CA LEU A 49 11.12 17.63 -26.31
C LEU A 49 11.22 16.17 -26.07
N CYS A 50 10.25 15.41 -26.58
CA CYS A 50 10.37 13.95 -26.56
C CYS A 50 11.61 13.48 -27.29
N ARG A 51 11.84 13.99 -28.50
CA ARG A 51 13.03 13.60 -29.27
C ARG A 51 14.33 13.82 -28.50
N GLU A 52 14.48 15.04 -28.01
CA GLU A 52 15.57 15.39 -27.14
C GLU A 52 15.71 14.47 -25.95
N ALA A 53 14.61 14.22 -25.25
CA ALA A 53 14.58 13.31 -24.08
C ALA A 53 15.01 11.86 -24.40
N VAL A 54 14.67 11.30 -25.56
CA VAL A 54 15.05 9.91 -25.87
C VAL A 54 16.43 9.82 -26.61
N ALA A 55 17.05 10.95 -26.90
CA ALA A 55 18.32 10.92 -27.60
C ALA A 55 19.37 10.03 -26.88
N ASP A 56 19.36 9.99 -25.56
CA ASP A 56 20.36 9.18 -24.84
C ASP A 56 19.89 7.78 -24.55
N GLY A 57 18.72 7.43 -25.09
CA GLY A 57 18.17 6.09 -24.92
C GLY A 57 17.61 5.84 -23.53
N GLN A 58 17.45 6.91 -22.76
CA GLN A 58 17.18 6.84 -21.31
C GLN A 58 15.96 7.67 -21.01
N ALA A 59 14.94 7.04 -20.45
CA ALA A 59 13.78 7.77 -19.98
C ALA A 59 12.95 6.93 -19.02
N ARG A 60 12.20 7.58 -18.16
CA ARG A 60 11.48 6.87 -17.13
C ARG A 60 9.96 7.07 -17.19
N GLY A 61 9.46 7.96 -18.03
CA GLY A 61 8.05 8.18 -18.05
C GLY A 61 7.68 9.23 -19.04
N VAL A 62 6.39 9.56 -18.98
CA VAL A 62 5.75 10.47 -19.89
C VAL A 62 4.51 11.03 -19.19
N VAL A 63 4.36 12.37 -19.24
CA VAL A 63 3.11 13.05 -18.99
C VAL A 63 2.28 13.25 -20.28
N VAL A 64 0.99 13.03 -20.18
CA VAL A 64 0.10 13.07 -21.31
C VAL A 64 -1.10 13.93 -21.01
N LEU A 65 -1.38 14.87 -21.88
CA LEU A 65 -2.53 15.71 -21.71
C LEU A 65 -3.49 15.45 -22.86
N ALA A 66 -4.77 15.24 -22.52
CA ALA A 66 -5.80 14.83 -23.51
C ALA A 66 -6.87 15.87 -23.60
N ARG A 67 -7.36 16.06 -24.83
CA ARG A 67 -8.29 17.17 -25.21
C ARG A 67 -7.65 18.54 -25.31
N ASN A 68 -6.32 18.57 -25.39
CA ASN A 68 -5.65 19.71 -26.01
C ASN A 68 -4.26 19.25 -26.48
N ALA A 69 -4.01 19.52 -27.76
CA ALA A 69 -2.78 19.07 -28.45
C ALA A 69 -1.56 19.89 -28.17
N ASN A 70 -1.78 21.17 -27.81
CA ASN A 70 -0.73 22.15 -27.65
C ASN A 70 0.12 22.27 -28.90
N VAL A 71 -0.57 22.61 -30.00
CA VAL A 71 0.00 22.61 -31.34
C VAL A 71 -0.43 23.91 -31.96
N ALA A 72 0.49 24.50 -32.69
CA ALA A 72 0.26 25.78 -33.37
C ALA A 72 -0.04 26.88 -32.37
N THR A 73 0.58 26.79 -31.19
CA THR A 73 0.27 27.67 -30.06
C THR A 73 1.38 28.70 -29.80
N GLY A 74 2.38 28.69 -30.67
CA GLY A 74 3.48 29.64 -30.66
C GLY A 74 4.45 29.39 -29.53
N LEU A 75 5.10 30.49 -29.14
CA LEU A 75 6.12 30.50 -28.10
C LEU A 75 5.45 30.23 -26.76
N GLU A 76 4.31 30.88 -26.52
CA GLU A 76 3.48 30.52 -25.39
C GLU A 76 3.37 28.98 -25.23
N GLY A 77 2.93 28.28 -26.26
CA GLY A 77 2.78 26.82 -26.17
C GLY A 77 4.11 26.11 -25.94
N GLU A 78 5.20 26.62 -26.52
CA GLU A 78 6.53 26.04 -26.29
C GLU A 78 6.93 26.15 -24.83
N GLU A 79 6.75 27.34 -24.29
CA GLU A 79 6.95 27.61 -22.89
C GLU A 79 6.12 26.67 -22.07
N ASN A 80 4.82 26.58 -22.37
CA ASN A 80 3.92 25.69 -21.60
C ASN A 80 4.31 24.20 -21.66
N ALA A 81 4.78 23.73 -22.80
CA ALA A 81 5.24 22.33 -22.98
C ALA A 81 6.42 22.07 -22.07
N ARG A 82 7.35 23.02 -22.00
CA ARG A 82 8.54 22.89 -21.14
C ARG A 82 8.17 22.96 -19.69
N GLU A 83 7.39 23.96 -19.32
CA GLU A 83 7.02 24.12 -17.94
C GLU A 83 6.36 22.82 -17.46
N VAL A 84 5.42 22.30 -18.22
CA VAL A 84 4.70 21.12 -17.76
C VAL A 84 5.61 19.90 -17.67
N ARG A 85 6.40 19.67 -18.71
CA ARG A 85 7.29 18.51 -18.71
C ARG A 85 8.26 18.57 -17.51
N GLU A 86 8.83 19.75 -17.29
CA GLU A 86 9.79 19.97 -16.23
C GLU A 86 9.13 19.86 -14.84
N ALA A 87 8.00 20.52 -14.66
CA ALA A 87 7.34 20.48 -13.36
C ALA A 87 7.01 19.01 -12.97
N VAL A 88 6.68 18.18 -13.95
CA VAL A 88 6.41 16.74 -13.66
C VAL A 88 7.66 16.02 -13.21
N ALA A 89 8.77 16.22 -13.97
CA ALA A 89 10.08 15.67 -13.62
C ALA A 89 10.46 16.02 -12.19
N ARG A 90 10.39 17.33 -11.92
CA ARG A 90 10.76 17.91 -10.68
C ARG A 90 9.90 17.38 -9.50
N ALA A 91 8.60 17.29 -9.72
CA ALA A 91 7.67 16.82 -8.68
C ALA A 91 7.90 15.35 -8.34
N LEU A 92 8.44 14.57 -9.29
CA LEU A 92 8.80 13.16 -8.99
C LEU A 92 10.26 12.96 -8.74
N GLY A 93 11.05 14.04 -8.69
CA GLY A 93 12.51 13.94 -8.47
C GLY A 93 13.30 13.18 -9.50
N LEU A 94 12.84 13.24 -10.76
CA LEU A 94 13.54 12.67 -11.91
C LEU A 94 14.25 13.83 -12.61
N PRO A 95 15.32 13.53 -13.39
CA PRO A 95 15.93 14.55 -14.28
C PRO A 95 15.01 14.82 -15.42
N GLU A 96 14.84 16.10 -15.77
CA GLU A 96 14.12 16.55 -16.96
C GLU A 96 14.23 15.54 -18.08
N GLY A 97 15.43 15.24 -18.51
CA GLY A 97 15.68 14.49 -19.76
C GLY A 97 15.28 13.01 -19.68
N GLU A 98 14.69 12.64 -18.54
CA GLU A 98 14.06 11.35 -18.41
C GLU A 98 12.53 11.35 -18.29
N MET A 99 11.92 12.49 -18.61
CA MET A 99 10.48 12.65 -18.68
C MET A 99 10.06 13.15 -20.06
N LEU A 100 9.25 12.36 -20.75
CA LEU A 100 8.67 12.82 -22.02
C LEU A 100 7.33 13.51 -21.80
N ILE A 101 6.83 14.15 -22.85
CA ILE A 101 5.51 14.75 -22.75
C ILE A 101 4.78 14.48 -24.02
N ALA A 102 3.47 14.26 -23.92
CA ALA A 102 2.65 14.01 -25.11
C ALA A 102 1.28 14.69 -24.92
N SER A 103 0.66 15.12 -26.00
CA SER A 103 -0.56 15.92 -25.86
C SER A 103 -1.47 15.75 -27.05
N THR A 104 -2.76 15.65 -26.78
CA THR A 104 -3.69 15.30 -27.85
C THR A 104 -4.99 15.99 -27.66
N GLY A 105 -5.61 16.29 -28.78
CA GLY A 105 -6.86 17.03 -28.83
C GLY A 105 -6.77 18.19 -29.80
N VAL A 106 -7.44 19.28 -29.44
CA VAL A 106 -7.56 20.46 -30.31
C VAL A 106 -6.22 21.10 -30.63
N ILE A 107 -6.10 21.55 -31.88
CA ILE A 107 -4.98 22.32 -32.36
C ILE A 107 -5.33 23.84 -32.25
N GLY A 108 -4.40 24.65 -31.81
CA GLY A 108 -4.54 26.11 -31.86
C GLY A 108 -5.19 26.74 -30.63
N ARG A 109 -5.12 26.00 -29.53
CA ARG A 109 -5.73 26.39 -28.27
C ARG A 109 -4.74 26.23 -27.14
N GLN A 110 -4.58 27.32 -26.40
CA GLN A 110 -3.65 27.36 -25.33
C GLN A 110 -4.13 26.47 -24.18
N TYR A 111 -3.17 25.87 -23.47
CA TYR A 111 -3.48 25.13 -22.26
C TYR A 111 -4.15 26.04 -21.24
N PRO A 112 -5.03 25.46 -20.41
CA PRO A 112 -5.53 26.12 -19.20
C PRO A 112 -4.46 26.00 -18.08
N MET A 113 -3.51 26.95 -18.08
CA MET A 113 -2.25 26.78 -17.37
C MET A 113 -2.40 26.88 -15.87
N GLU A 114 -3.30 27.74 -15.42
CA GLU A 114 -3.52 27.90 -13.98
C GLU A 114 -4.11 26.62 -13.39
N SER A 115 -5.08 26.04 -14.07
CA SER A 115 -5.62 24.73 -13.64
C SER A 115 -4.53 23.63 -13.59
N ILE A 116 -3.66 23.61 -14.59
CA ILE A 116 -2.54 22.65 -14.65
C ILE A 116 -1.46 22.96 -13.63
N ARG A 117 -1.18 24.25 -13.42
CA ARG A 117 -0.26 24.70 -12.38
C ARG A 117 -0.68 24.30 -10.98
N GLU A 118 -1.97 24.42 -10.65
CA GLU A 118 -2.46 24.04 -9.35
C GLU A 118 -2.34 22.52 -9.15
N HIS A 119 -2.57 21.76 -10.22
CA HIS A 119 -2.52 20.32 -10.07
C HIS A 119 -1.09 19.83 -9.87
N LEU A 120 -0.16 20.34 -10.69
CA LEU A 120 1.25 20.02 -10.54
C LEU A 120 1.74 20.20 -9.09
N LYS A 121 1.32 21.25 -8.41
CA LYS A 121 1.78 21.48 -7.05
C LYS A 121 1.43 20.34 -6.09
N THR A 122 0.44 19.54 -6.44
CA THR A 122 -0.01 18.44 -5.60
C THR A 122 0.58 17.12 -6.04
N LEU A 123 1.25 17.09 -7.18
CA LEU A 123 1.64 15.84 -7.80
C LEU A 123 2.76 15.14 -7.01
N GLU A 124 2.59 13.82 -6.82
CA GLU A 124 3.66 12.96 -6.31
C GLU A 124 3.49 11.51 -6.72
N TRP A 125 4.45 10.67 -6.34
CA TRP A 125 4.45 9.29 -6.75
C TRP A 125 3.17 8.59 -6.31
N PRO A 126 2.48 7.93 -7.26
CA PRO A 126 1.40 7.04 -6.85
C PRO A 126 1.87 6.05 -5.80
N ALA A 127 1.04 5.84 -4.78
CA ALA A 127 1.23 4.71 -3.89
C ALA A 127 0.92 3.47 -4.77
N GLY A 128 1.81 2.48 -4.75
CA GLY A 128 1.53 1.22 -5.46
C GLY A 128 1.68 1.28 -6.98
N GLU A 129 1.85 0.10 -7.58
CA GLU A 129 2.05 -0.05 -9.03
C GLU A 129 0.73 -0.24 -9.79
N GLY A 130 0.83 -0.14 -11.12
CA GLY A 130 -0.31 -0.38 -12.00
C GLY A 130 -1.17 0.84 -12.25
N GLY A 131 -2.34 0.59 -12.85
CA GLY A 131 -3.28 1.64 -13.26
C GLY A 131 -3.28 1.96 -14.74
N PHE A 132 -2.88 1.00 -15.57
CA PHE A 132 -2.78 1.25 -17.03
C PHE A 132 -4.17 1.42 -17.64
N ASP A 133 -5.12 0.72 -17.05
CA ASP A 133 -6.52 0.86 -17.36
C ASP A 133 -6.95 2.32 -17.19
N ARG A 134 -6.58 2.94 -16.08
CA ARG A 134 -6.83 4.37 -15.83
C ARG A 134 -6.14 5.29 -16.84
N ALA A 135 -4.87 5.00 -17.14
CA ALA A 135 -4.12 5.71 -18.20
C ALA A 135 -4.82 5.59 -19.58
N ALA A 136 -5.21 4.35 -19.92
CA ALA A 136 -5.92 4.05 -21.13
C ALA A 136 -7.17 4.95 -21.33
N ARG A 137 -7.96 5.14 -20.27
CA ARG A 137 -9.13 6.03 -20.27
C ARG A 137 -8.73 7.51 -20.29
N ALA A 138 -7.73 7.87 -19.51
CA ALA A 138 -7.39 9.29 -19.36
C ALA A 138 -6.78 9.93 -20.61
N ILE A 139 -6.26 9.08 -21.52
CA ILE A 139 -5.67 9.54 -22.78
C ILE A 139 -6.70 9.74 -23.91
N MET A 140 -7.90 9.18 -23.75
CA MET A 140 -8.90 9.16 -24.83
C MET A 140 -9.31 10.57 -25.29
N THR A 141 -9.68 10.67 -26.55
CA THR A 141 -10.39 11.86 -26.99
C THR A 141 -11.70 11.41 -27.68
N THR A 142 -11.65 11.24 -29.00
CA THR A 142 -12.83 10.81 -29.73
C THR A 142 -12.90 9.27 -29.81
N ASP A 143 -12.01 8.56 -29.13
CA ASP A 143 -12.18 7.12 -28.91
C ASP A 143 -13.52 6.80 -28.22
N THR A 144 -14.14 5.68 -28.56
CA THR A 144 -15.37 5.30 -27.86
C THR A 144 -15.09 4.29 -26.74
N ARG A 145 -13.89 3.71 -26.79
CA ARG A 145 -13.44 2.79 -25.78
C ARG A 145 -11.94 2.87 -25.55
N PRO A 146 -11.51 2.55 -24.32
CA PRO A 146 -10.10 2.44 -24.01
C PRO A 146 -9.48 1.25 -24.69
N LYS A 147 -8.20 1.36 -25.02
CA LYS A 147 -7.47 0.33 -25.74
C LYS A 147 -6.24 -0.06 -24.93
N GLU A 148 -6.19 -1.33 -24.60
CA GLU A 148 -5.25 -1.84 -23.63
C GLU A 148 -4.93 -3.30 -23.98
N VAL A 149 -3.67 -3.71 -23.81
CA VAL A 149 -3.26 -5.07 -24.08
C VAL A 149 -2.07 -5.45 -23.20
N ARG A 150 -2.04 -6.74 -22.84
CA ARG A 150 -1.09 -7.29 -21.92
C ARG A 150 -0.53 -8.59 -22.47
N VAL A 151 0.79 -8.71 -22.48
CA VAL A 151 1.44 -9.95 -22.84
C VAL A 151 2.50 -10.33 -21.80
N SER A 152 2.61 -11.64 -21.53
CA SER A 152 3.71 -12.20 -20.75
C SER A 152 4.80 -12.74 -21.67
N VAL A 153 6.06 -12.44 -21.35
CA VAL A 153 7.21 -13.04 -22.07
C VAL A 153 8.39 -13.34 -21.16
N GLY A 154 8.78 -14.60 -21.13
CA GLY A 154 9.96 -15.03 -20.42
C GLY A 154 10.04 -14.55 -18.99
N GLY A 155 8.88 -14.46 -18.33
CA GLY A 155 8.84 -14.02 -16.93
C GLY A 155 8.68 -12.54 -16.72
N ALA A 156 8.73 -11.78 -17.82
CA ALA A 156 8.44 -10.35 -17.79
C ALA A 156 7.01 -10.07 -18.34
N THR A 157 6.51 -8.88 -18.06
CA THR A 157 5.20 -8.48 -18.54
C THR A 157 5.41 -7.30 -19.46
N LEU A 158 4.55 -7.19 -20.46
CA LEU A 158 4.49 -6.08 -21.36
C LEU A 158 3.01 -5.64 -21.39
N VAL A 159 2.77 -4.35 -21.12
CA VAL A 159 1.46 -3.73 -21.20
C VAL A 159 1.54 -2.58 -22.21
N GLY A 160 0.56 -2.50 -23.09
CA GLY A 160 0.48 -1.43 -24.02
C GLY A 160 -0.89 -0.80 -23.92
N ILE A 161 -0.89 0.51 -24.07
CA ILE A 161 -2.10 1.26 -24.30
C ILE A 161 -1.96 2.13 -25.58
N ALA A 162 -3.08 2.43 -26.22
CA ALA A 162 -3.08 3.30 -27.40
C ALA A 162 -4.39 4.05 -27.45
N LYS A 163 -4.38 5.16 -28.17
CA LYS A 163 -5.56 5.95 -28.40
C LYS A 163 -5.36 6.57 -29.77
N GLY A 164 -6.47 6.98 -30.37
CA GLY A 164 -6.45 7.75 -31.61
C GLY A 164 -7.27 7.07 -32.67
N VAL A 165 -8.39 7.68 -33.03
CA VAL A 165 -9.28 7.11 -34.04
C VAL A 165 -9.74 8.14 -35.09
N GLY A 166 -9.16 9.32 -35.08
CA GLY A 166 -9.30 10.28 -36.17
C GLY A 166 -7.99 11.03 -36.20
N MET A 167 -7.74 11.79 -37.27
CA MET A 167 -6.42 12.36 -37.59
C MET A 167 -5.40 11.26 -37.45
N LEU A 168 -5.62 10.20 -38.21
CA LEU A 168 -4.88 8.96 -38.04
C LEU A 168 -4.37 8.26 -39.31
N GLU A 169 -3.17 8.62 -39.73
CA GLU A 169 -2.33 7.79 -40.54
C GLU A 169 -0.88 8.05 -40.11
N PRO A 170 -0.42 7.34 -39.07
CA PRO A 170 0.92 7.57 -38.56
C PRO A 170 2.02 7.26 -39.55
N ASP A 171 3.02 8.14 -39.56
CA ASP A 171 4.18 7.96 -40.42
C ASP A 171 5.36 8.41 -39.55
N MET A 172 5.68 7.54 -38.58
CA MET A 172 6.52 7.94 -37.47
C MET A 172 7.91 7.41 -37.61
N ALA A 173 8.89 8.19 -37.18
CA ALA A 173 10.30 7.75 -37.20
C ALA A 173 11.07 8.47 -36.07
N THR B 1 -4.95 12.09 -33.71
CA THR B 1 -3.61 11.90 -33.10
C THR B 1 -3.46 10.50 -32.47
N LEU B 2 -2.42 9.75 -32.85
CA LEU B 2 -2.06 8.43 -32.23
C LEU B 2 -1.19 8.73 -31.01
N LEU B 3 -1.55 8.20 -29.85
CA LEU B 3 -0.65 8.11 -28.70
C LEU B 3 -0.70 6.68 -28.29
N THR B 4 0.48 6.07 -28.22
CA THR B 4 0.60 4.74 -27.68
C THR B 4 1.90 4.58 -26.89
N PHE B 5 1.78 3.88 -25.74
CA PHE B 5 2.85 3.64 -24.81
C PHE B 5 2.87 2.17 -24.40
N PHE B 6 4.06 1.64 -24.35
CA PHE B 6 4.31 0.30 -23.90
C PHE B 6 5.26 0.29 -22.72
N ALA B 7 4.98 -0.56 -21.75
CA ALA B 7 5.79 -0.69 -20.54
C ALA B 7 6.09 -2.18 -20.30
N THR B 8 7.37 -2.50 -20.07
CA THR B 8 7.77 -3.84 -19.74
C THR B 8 8.85 -3.89 -18.63
N ASP B 9 8.81 -4.92 -17.81
CA ASP B 9 9.91 -5.19 -16.85
C ASP B 9 11.01 -6.05 -17.49
N ALA B 10 10.87 -6.33 -18.78
CA ALA B 10 11.93 -7.00 -19.56
C ALA B 10 13.25 -6.23 -19.57
N ARG B 11 14.37 -6.93 -19.45
CA ARG B 11 15.65 -6.35 -19.76
C ARG B 11 16.03 -6.76 -21.17
N LEU B 12 16.36 -5.76 -21.97
CA LEU B 12 16.72 -5.91 -23.36
C LEU B 12 18.02 -5.16 -23.67
N ASP B 13 18.82 -5.63 -24.64
CA ASP B 13 19.91 -4.84 -25.19
C ASP B 13 19.32 -3.56 -25.80
N PRO B 14 19.76 -2.36 -25.34
CA PRO B 14 19.25 -1.10 -25.86
C PRO B 14 19.23 -0.99 -27.39
N ALA B 15 20.33 -1.38 -28.06
CA ALA B 15 20.37 -1.34 -29.54
C ALA B 15 19.39 -2.33 -30.20
N GLU B 16 19.34 -3.58 -29.71
CA GLU B 16 18.31 -4.53 -30.19
C GLU B 16 16.89 -3.98 -29.95
N GLN B 17 16.69 -3.36 -28.78
CA GLN B 17 15.36 -2.84 -28.42
C GLN B 17 14.89 -1.81 -29.44
N ASP B 18 15.76 -0.87 -29.79
CA ASP B 18 15.39 0.14 -30.80
C ASP B 18 15.07 -0.49 -32.13
N ARG B 19 15.91 -1.42 -32.59
CA ARG B 19 15.75 -2.04 -33.89
C ARG B 19 14.42 -2.76 -33.95
N LEU B 20 14.13 -3.53 -32.90
CA LEU B 20 12.90 -4.32 -32.90
C LEU B 20 11.65 -3.46 -32.72
N PHE B 21 11.76 -2.39 -31.93
CA PHE B 21 10.66 -1.44 -31.76
C PHE B 21 10.27 -0.85 -33.12
N ARG B 22 11.27 -0.43 -33.87
CA ARG B 22 11.04 0.15 -35.19
C ARG B 22 10.41 -0.81 -36.15
N ARG B 23 10.91 -2.04 -36.21
CA ARG B 23 10.34 -3.04 -37.09
C ARG B 23 8.86 -3.26 -36.80
N VAL B 24 8.52 -3.39 -35.52
CA VAL B 24 7.12 -3.59 -35.14
C VAL B 24 6.31 -2.31 -35.46
N MET B 25 6.79 -1.15 -35.08
CA MET B 25 6.07 0.07 -35.43
C MET B 25 5.75 0.15 -36.92
N ASP B 26 6.74 -0.14 -37.75
CA ASP B 26 6.54 -0.04 -39.18
C ASP B 26 5.44 -0.98 -39.69
N ARG B 27 5.28 -2.14 -39.07
CA ARG B 27 4.29 -3.12 -39.47
C ARG B 27 2.94 -2.92 -38.78
N THR B 28 2.84 -1.98 -37.85
CA THR B 28 1.59 -1.86 -37.10
C THR B 28 1.11 -0.43 -37.11
N PHE B 29 1.66 0.41 -36.25
CA PHE B 29 1.09 1.77 -36.11
C PHE B 29 1.30 2.59 -37.36
N ASN B 30 2.38 2.30 -38.10
CA ASN B 30 2.68 2.94 -39.38
C ASN B 30 2.06 2.22 -40.58
N ALA B 31 1.09 1.35 -40.30
CA ALA B 31 0.39 0.53 -41.28
C ALA B 31 -1.11 0.71 -41.15
N VAL B 32 -1.55 1.79 -40.48
CA VAL B 32 -2.98 2.01 -40.23
C VAL B 32 -3.38 3.38 -40.71
N SER B 33 -4.57 3.48 -41.27
CA SER B 33 -5.09 4.80 -41.67
C SER B 33 -6.59 4.85 -41.51
N ILE B 34 -7.07 5.88 -40.80
CA ILE B 34 -8.50 6.10 -40.70
C ILE B 34 -8.87 7.10 -41.74
N ASP B 35 -8.15 8.21 -41.82
CA ASP B 35 -8.58 9.32 -42.67
C ASP B 35 -7.41 10.00 -43.38
N THR B 36 -6.27 9.32 -43.47
CA THR B 36 -5.03 9.90 -44.08
C THR B 36 -4.45 11.13 -43.38
N ASP B 37 -5.08 11.61 -42.30
CA ASP B 37 -4.71 12.90 -41.68
C ASP B 37 -3.61 12.74 -40.62
N THR B 38 -2.41 12.38 -41.07
CA THR B 38 -1.22 12.33 -40.22
C THR B 38 -1.16 13.58 -39.32
N SER B 39 -1.29 13.36 -38.00
CA SER B 39 -1.32 14.39 -36.98
C SER B 39 0.02 15.05 -36.67
N THR B 40 -0.12 16.12 -35.92
CA THR B 40 0.99 16.98 -35.50
C THR B 40 1.63 16.44 -34.19
N SER B 41 1.11 15.32 -33.72
CA SER B 41 1.33 14.90 -32.35
C SER B 41 1.59 13.39 -32.19
N ASP B 42 1.59 12.61 -33.27
CA ASP B 42 1.70 11.11 -33.10
C ASP B 42 2.95 10.76 -32.33
N THR B 43 2.78 9.98 -31.26
CA THR B 43 3.88 9.56 -30.35
C THR B 43 3.70 8.09 -30.02
N ALA B 44 4.75 7.29 -30.15
CA ALA B 44 4.75 5.89 -29.77
C ALA B 44 6.02 5.55 -28.99
N VAL B 45 5.91 5.01 -27.76
CA VAL B 45 7.10 4.79 -26.88
C VAL B 45 7.06 3.43 -26.20
N LEU B 46 8.21 2.81 -26.01
CA LEU B 46 8.39 1.61 -25.18
C LEU B 46 9.39 1.97 -24.11
N PHE B 47 9.00 1.66 -22.87
CA PHE B 47 9.90 1.73 -21.71
C PHE B 47 10.13 0.33 -21.30
N ALA B 48 11.42 -0.05 -21.15
CA ALA B 48 11.84 -1.34 -20.59
C ALA B 48 12.76 -1.12 -19.38
N ASN B 49 12.22 -1.31 -18.17
CA ASN B 49 13.02 -1.27 -16.97
C ASN B 49 13.58 -2.69 -16.78
N GLY B 50 14.50 -2.95 -15.88
CA GLY B 50 15.06 -4.34 -15.98
C GLY B 50 14.48 -5.40 -15.08
N LEU B 51 13.44 -5.04 -14.34
CA LEU B 51 13.15 -5.69 -13.08
C LEU B 51 12.88 -7.21 -13.19
N ALA B 52 12.35 -7.69 -14.32
CA ALA B 52 12.02 -9.12 -14.46
C ALA B 52 13.17 -9.86 -15.09
N GLY B 53 14.25 -9.16 -15.42
CA GLY B 53 15.46 -9.82 -15.91
C GLY B 53 15.46 -10.03 -17.41
N GLU B 54 16.55 -10.58 -17.91
CA GLU B 54 16.73 -10.76 -19.36
C GLU B 54 15.63 -11.57 -20.04
N VAL B 55 15.25 -11.12 -21.23
CA VAL B 55 14.30 -11.80 -22.10
C VAL B 55 14.92 -11.89 -23.49
N ASP B 56 14.72 -13.04 -24.15
CA ASP B 56 15.10 -13.22 -25.54
C ASP B 56 14.49 -12.14 -26.46
N ALA B 57 15.36 -11.45 -27.21
CA ALA B 57 14.96 -10.36 -28.13
C ALA B 57 13.87 -10.76 -29.15
N GLY B 58 14.01 -11.96 -29.71
CA GLY B 58 13.05 -12.51 -30.66
C GLY B 58 11.68 -12.86 -30.04
N GLU B 59 11.70 -13.40 -28.83
CA GLU B 59 10.47 -13.67 -28.11
C GLU B 59 9.76 -12.38 -27.77
N PHE B 60 10.54 -11.42 -27.26
CA PHE B 60 9.97 -10.10 -26.96
C PHE B 60 9.40 -9.42 -28.20
N GLU B 61 10.13 -9.49 -29.31
CA GLU B 61 9.69 -8.80 -30.53
C GLU B 61 8.35 -9.35 -30.97
N GLU B 62 8.29 -10.65 -31.12
CA GLU B 62 7.03 -11.37 -31.34
C GLU B 62 5.87 -10.88 -30.43
N ALA B 63 6.16 -10.74 -29.14
CA ALA B 63 5.17 -10.32 -28.14
C ALA B 63 4.75 -8.86 -28.33
N LEU B 64 5.72 -7.99 -28.62
CA LEU B 64 5.43 -6.59 -28.92
C LEU B 64 4.58 -6.52 -30.19
N HIS B 65 4.89 -7.36 -31.17
CA HIS B 65 4.16 -7.36 -32.41
C HIS B 65 2.70 -7.74 -32.22
N THR B 66 2.46 -8.75 -31.44
CA THR B 66 1.11 -9.15 -31.13
C THR B 66 0.37 -8.07 -30.35
N ALA B 67 1.04 -7.44 -29.41
CA ALA B 67 0.45 -6.36 -28.63
C ALA B 67 0.11 -5.18 -29.51
N ALA B 68 1.06 -4.80 -30.35
CA ALA B 68 0.88 -3.63 -31.21
C ALA B 68 -0.28 -3.83 -32.19
N LEU B 69 -0.34 -5.02 -32.80
CA LEU B 69 -1.30 -5.34 -33.83
C LEU B 69 -2.68 -5.32 -33.24
N ALA B 70 -2.83 -6.03 -32.13
CA ALA B 70 -4.11 -6.01 -31.45
C ALA B 70 -4.55 -4.52 -31.22
N LEU B 71 -3.64 -3.67 -30.77
CA LEU B 71 -4.02 -2.26 -30.58
C LEU B 71 -4.40 -1.56 -31.86
N VAL B 72 -3.65 -1.83 -32.95
CA VAL B 72 -3.91 -1.25 -34.27
C VAL B 72 -5.32 -1.66 -34.76
N LYS B 73 -5.63 -2.95 -34.72
CA LYS B 73 -6.98 -3.43 -35.08
C LYS B 73 -8.09 -2.85 -34.17
N ASP B 74 -7.77 -2.66 -32.91
CA ASP B 74 -8.62 -1.90 -32.03
C ASP B 74 -8.92 -0.52 -32.60
N ILE B 75 -7.87 0.22 -32.96
CA ILE B 75 -8.04 1.58 -33.46
C ILE B 75 -8.85 1.59 -34.77
N ALA B 76 -8.62 0.58 -35.63
CA ALA B 76 -9.23 0.56 -36.95
C ALA B 76 -10.72 0.26 -36.81
N SER B 77 -11.04 -0.61 -35.85
CA SER B 77 -12.42 -0.95 -35.57
C SER B 77 -13.16 0.18 -34.91
N ASP B 78 -12.43 1.05 -34.22
CA ASP B 78 -12.99 2.13 -33.46
C ASP B 78 -12.85 3.41 -34.23
N GLY B 79 -12.50 3.34 -35.50
CA GLY B 79 -12.32 4.55 -36.30
C GLY B 79 -13.51 5.45 -36.14
N GLU B 80 -13.27 6.74 -36.20
CA GLU B 80 -14.36 7.68 -36.08
C GLU B 80 -15.46 7.30 -37.09
N GLY B 81 -16.65 7.07 -36.56
CA GLY B 81 -17.81 6.67 -37.33
C GLY B 81 -17.81 5.25 -37.90
N ALA B 82 -16.73 4.50 -37.79
CA ALA B 82 -16.65 3.26 -38.59
C ALA B 82 -17.65 2.20 -38.13
N ALA B 83 -18.13 1.41 -39.08
CA ALA B 83 -18.85 0.18 -38.79
C ALA B 83 -17.99 -1.05 -39.11
N LYS B 84 -16.95 -0.85 -39.88
CA LYS B 84 -16.22 -1.97 -40.48
C LYS B 84 -14.74 -1.69 -40.46
N LEU B 85 -13.97 -2.67 -40.03
CA LEU B 85 -12.54 -2.67 -40.26
C LEU B 85 -12.23 -3.14 -41.68
N ILE B 86 -11.35 -2.41 -42.36
CA ILE B 86 -10.85 -2.90 -43.66
C ILE B 86 -9.39 -3.31 -43.52
N GLU B 87 -9.12 -4.54 -43.95
CA GLU B 87 -7.78 -5.06 -44.05
C GLU B 87 -7.36 -5.26 -45.52
N VAL B 88 -6.37 -4.53 -46.00
CA VAL B 88 -5.87 -4.71 -47.36
C VAL B 88 -4.54 -5.47 -47.40
N GLN B 89 -4.60 -6.70 -47.97
CA GLN B 89 -3.45 -7.57 -48.15
C GLN B 89 -2.85 -7.57 -49.58
N VAL B 90 -1.69 -6.91 -49.72
CA VAL B 90 -1.05 -6.82 -51.02
C VAL B 90 0.12 -7.78 -51.10
N THR B 91 0.19 -8.59 -52.18
CA THR B 91 1.28 -9.51 -52.40
C THR B 91 1.73 -9.40 -53.87
N GLY B 92 2.91 -9.99 -54.15
CA GLY B 92 3.42 -10.10 -55.51
C GLY B 92 3.97 -8.77 -55.99
N ALA B 93 4.20 -7.85 -55.05
CA ALA B 93 4.67 -6.53 -55.40
C ALA B 93 6.18 -6.57 -55.75
N ARG B 94 6.67 -5.47 -56.30
CA ARG B 94 8.07 -5.35 -56.63
C ARG B 94 8.89 -5.54 -55.37
N ASP B 95 8.46 -4.85 -54.31
CA ASP B 95 9.09 -4.93 -53.02
C ASP B 95 8.01 -4.58 -51.99
N ASP B 96 8.33 -4.69 -50.70
CA ASP B 96 7.36 -4.51 -49.61
C ASP B 96 6.82 -3.08 -49.59
N ALA B 97 7.69 -2.13 -49.90
CA ALA B 97 7.34 -0.71 -49.87
C ALA B 97 6.24 -0.35 -50.90
N GLN B 98 6.32 -0.89 -52.11
CA GLN B 98 5.27 -0.80 -53.13
C GLN B 98 3.97 -1.49 -52.66
N ALA B 99 4.07 -2.69 -52.11
CA ALA B 99 2.89 -3.34 -51.53
C ALA B 99 2.20 -2.44 -50.49
N LYS B 100 2.99 -1.83 -49.62
CA LYS B 100 2.43 -0.84 -48.64
C LYS B 100 1.81 0.38 -49.32
N ARG B 101 2.44 0.89 -50.35
CA ARG B 101 1.96 2.07 -51.10
C ARG B 101 0.59 1.80 -51.74
N VAL B 102 0.48 0.62 -52.35
CA VAL B 102 -0.77 0.21 -52.96
C VAL B 102 -1.86 -0.06 -51.91
N GLY B 103 -1.58 -0.84 -50.87
CA GLY B 103 -2.50 -1.03 -49.77
C GLY B 103 -3.01 0.29 -49.24
N LYS B 104 -2.12 1.22 -48.93
CA LYS B 104 -2.57 2.54 -48.42
C LYS B 104 -3.49 3.25 -49.38
N THR B 105 -3.13 3.30 -50.66
CA THR B 105 -3.94 4.00 -51.66
C THR B 105 -5.40 3.45 -51.70
N VAL B 106 -5.49 2.10 -51.73
CA VAL B 106 -6.75 1.40 -51.70
C VAL B 106 -7.57 1.63 -50.39
N VAL B 107 -6.94 1.42 -49.24
CA VAL B 107 -7.65 1.57 -47.98
C VAL B 107 -7.98 3.06 -47.71
N ASN B 108 -7.35 3.98 -48.42
CA ASN B 108 -7.61 5.43 -48.21
C ASN B 108 -8.47 6.01 -49.33
N SER B 109 -8.96 5.15 -50.22
CA SER B 109 -9.85 5.65 -51.27
C SER B 109 -11.26 5.94 -50.73
N PRO B 110 -11.69 7.23 -50.71
CA PRO B 110 -13.08 7.44 -50.27
C PRO B 110 -14.12 6.56 -50.99
N LEU B 111 -13.99 6.38 -52.28
CA LEU B 111 -14.93 5.50 -53.01
C LEU B 111 -14.85 4.01 -52.55
N VAL B 112 -13.66 3.50 -52.29
CA VAL B 112 -13.52 2.17 -51.69
C VAL B 112 -14.13 2.11 -50.29
N LYS B 113 -13.92 3.18 -49.52
CA LYS B 113 -14.34 3.22 -48.12
C LYS B 113 -15.89 3.29 -47.99
N THR B 114 -16.53 4.00 -48.89
CA THR B 114 -18.00 4.07 -48.98
C THR B 114 -18.63 2.80 -49.62
N ALA B 115 -17.98 2.21 -50.63
CA ALA B 115 -18.56 0.98 -51.22
C ALA B 115 -18.62 -0.06 -50.14
N VAL B 116 -17.53 -0.19 -49.39
CA VAL B 116 -17.47 -1.20 -48.29
C VAL B 116 -18.51 -0.88 -47.21
N HIS B 117 -18.70 0.40 -46.95
CA HIS B 117 -19.68 0.86 -46.01
C HIS B 117 -21.11 0.51 -46.42
N GLY B 118 -21.41 0.56 -47.73
CA GLY B 118 -22.73 0.19 -48.20
C GLY B 118 -22.88 -1.30 -48.44
N CYS B 119 -21.84 -2.10 -48.18
CA CYS B 119 -21.80 -3.49 -48.66
C CYS B 119 -21.92 -3.65 -50.20
N ASP B 120 -21.48 -2.64 -50.96
CA ASP B 120 -21.53 -2.67 -52.44
C ASP B 120 -20.25 -3.24 -53.01
N PRO B 121 -20.31 -4.43 -53.66
CA PRO B 121 -19.13 -5.15 -54.14
C PRO B 121 -18.61 -4.51 -55.44
N ASN B 122 -18.22 -3.24 -55.30
CA ASN B 122 -17.84 -2.36 -56.39
C ASN B 122 -16.34 -2.40 -56.46
N TRP B 123 -15.86 -3.60 -56.82
CA TRP B 123 -14.46 -3.95 -56.91
C TRP B 123 -13.74 -3.11 -57.93
N GLY B 124 -14.48 -2.60 -58.91
CA GLY B 124 -13.93 -1.70 -59.90
C GLY B 124 -13.35 -0.47 -59.22
N ARG B 125 -13.88 -0.07 -58.05
CA ARG B 125 -13.27 1.05 -57.28
C ARG B 125 -11.90 0.70 -56.71
N VAL B 126 -11.66 -0.61 -56.47
CA VAL B 126 -10.35 -1.05 -55.95
C VAL B 126 -9.35 -1.12 -57.09
N ALA B 127 -9.85 -1.44 -58.26
CA ALA B 127 -9.01 -1.43 -59.49
C ALA B 127 -8.59 0.00 -59.75
N MET B 128 -9.56 0.93 -59.64
CA MET B 128 -9.27 2.35 -59.76
C MET B 128 -8.19 2.77 -58.79
N ALA B 129 -8.36 2.37 -57.53
CA ALA B 129 -7.49 2.84 -56.45
C ALA B 129 -6.01 2.37 -56.71
N ILE B 130 -5.85 1.09 -57.01
CA ILE B 130 -4.58 0.54 -57.44
C ILE B 130 -4.06 1.33 -58.61
N GLY B 131 -4.95 1.67 -59.55
CA GLY B 131 -4.58 2.43 -60.72
C GLY B 131 -3.97 3.78 -60.44
N LYS B 132 -4.33 4.38 -59.30
CA LYS B 132 -3.82 5.72 -58.92
C LYS B 132 -2.33 5.69 -58.60
N CYS B 133 -1.73 4.50 -58.44
CA CYS B 133 -0.27 4.44 -58.26
C CYS B 133 0.33 4.47 -59.65
N SER B 134 0.22 5.67 -60.27
CA SER B 134 0.49 5.80 -61.66
C SER B 134 1.98 5.95 -61.95
N ASP B 135 2.81 6.08 -60.92
CA ASP B 135 4.26 6.04 -61.08
C ASP B 135 4.83 4.60 -60.95
N ASP B 136 4.02 3.63 -60.57
CA ASP B 136 4.45 2.24 -60.52
C ASP B 136 4.09 1.57 -61.84
N THR B 137 4.89 1.82 -62.87
CA THR B 137 4.55 1.40 -64.24
C THR B 137 4.81 -0.11 -64.45
N ASP B 138 5.27 -0.80 -63.41
CA ASP B 138 5.38 -2.26 -63.45
C ASP B 138 4.08 -2.92 -62.94
N ILE B 139 3.14 -2.13 -62.47
CA ILE B 139 1.80 -2.68 -62.19
C ILE B 139 1.00 -2.73 -63.50
N ASP B 140 0.69 -3.95 -63.92
CA ASP B 140 0.04 -4.20 -65.18
C ASP B 140 -1.36 -4.70 -64.84
N GLN B 141 -2.39 -4.00 -65.33
CA GLN B 141 -3.80 -4.38 -65.05
C GLN B 141 -4.09 -5.82 -65.56
N GLU B 142 -3.38 -6.28 -66.57
CA GLU B 142 -3.59 -7.64 -67.09
C GLU B 142 -3.15 -8.69 -66.10
N ARG B 143 -2.15 -8.38 -65.26
CA ARG B 143 -1.59 -9.37 -64.34
C ARG B 143 -2.12 -9.28 -62.88
N VAL B 144 -2.77 -8.17 -62.56
CA VAL B 144 -3.25 -7.93 -61.22
C VAL B 144 -4.47 -8.74 -60.89
N THR B 145 -4.55 -9.25 -59.67
CA THR B 145 -5.76 -9.94 -59.20
C THR B 145 -6.32 -9.24 -58.00
N ILE B 146 -7.65 -9.27 -57.89
CA ILE B 146 -8.36 -8.65 -56.76
C ILE B 146 -9.40 -9.60 -56.18
N ARG B 147 -9.33 -9.78 -54.86
CA ARG B 147 -10.36 -10.47 -54.13
C ARG B 147 -10.91 -9.63 -53.00
N PHE B 148 -12.20 -9.88 -52.70
CA PHE B 148 -12.78 -9.54 -51.40
C PHE B 148 -13.00 -10.84 -50.66
N GLY B 149 -12.63 -10.84 -49.37
CA GLY B 149 -12.62 -12.09 -48.62
C GLY B 149 -11.90 -13.15 -49.43
N GLU B 150 -12.56 -14.26 -49.63
CA GLU B 150 -11.98 -15.40 -50.35
C GLU B 150 -12.51 -15.51 -51.79
N VAL B 151 -13.04 -14.41 -52.32
CA VAL B 151 -13.68 -14.42 -53.60
C VAL B 151 -12.92 -13.56 -54.59
N GLU B 152 -12.19 -14.19 -55.50
CA GLU B 152 -11.50 -13.43 -56.54
C GLU B 152 -12.49 -12.91 -57.62
N VAL B 153 -12.51 -11.59 -57.80
CA VAL B 153 -13.46 -10.91 -58.65
C VAL B 153 -12.81 -10.29 -59.91
N TYR B 154 -11.49 -10.20 -59.93
CA TYR B 154 -10.73 -9.66 -61.06
C TYR B 154 -9.45 -10.45 -61.19
N PRO B 155 -9.01 -10.80 -62.41
CA PRO B 155 -9.53 -10.52 -63.74
C PRO B 155 -10.71 -11.42 -64.15
N PRO B 156 -11.49 -10.98 -65.18
CA PRO B 156 -12.57 -11.82 -65.73
C PRO B 156 -11.94 -12.97 -66.49
N LYS B 157 -12.39 -14.18 -66.26
CA LYS B 157 -11.80 -15.33 -66.91
C LYS B 157 -12.91 -15.70 -67.90
N ALA B 158 -12.71 -15.66 -69.19
CA ALA B 158 -13.90 -15.78 -70.05
C ALA B 158 -14.63 -14.45 -70.25
N ARG B 159 -15.96 -14.44 -70.22
CA ARG B 159 -16.75 -13.33 -70.85
C ARG B 159 -16.73 -11.83 -70.37
N GLY B 160 -17.83 -11.05 -70.69
CA GLY B 160 -19.30 -11.34 -70.45
C GLY B 160 -19.54 -11.14 -68.94
N ASP B 161 -20.79 -10.94 -68.53
CA ASP B 161 -21.08 -10.60 -67.11
C ASP B 161 -21.42 -11.72 -66.15
N GLN B 162 -21.55 -12.92 -66.70
CA GLN B 162 -21.21 -14.16 -65.97
C GLN B 162 -21.92 -14.25 -64.67
N ALA B 163 -21.33 -14.79 -63.61
CA ALA B 163 -19.85 -14.67 -63.21
C ALA B 163 -19.38 -13.57 -62.37
N ASP B 164 -19.09 -12.42 -62.94
CA ASP B 164 -19.03 -11.22 -62.14
C ASP B 164 -20.30 -11.11 -61.29
N ASP B 165 -21.48 -11.23 -61.91
CA ASP B 165 -22.77 -11.24 -61.19
C ASP B 165 -22.76 -12.16 -59.98
N ALA B 166 -22.58 -13.45 -60.19
CA ALA B 166 -22.55 -14.38 -59.11
C ALA B 166 -21.24 -14.05 -58.46
N LEU B 167 -21.02 -14.23 -57.19
CA LEU B 167 -19.61 -13.83 -56.82
C LEU B 167 -19.46 -12.32 -56.54
N ARG B 168 -19.83 -11.40 -57.46
CA ARG B 168 -20.42 -10.11 -56.94
C ARG B 168 -21.31 -10.24 -55.74
N ALA B 169 -22.32 -11.12 -55.92
CA ALA B 169 -23.26 -11.47 -54.87
C ALA B 169 -22.54 -12.07 -53.66
N ALA B 170 -21.51 -12.90 -53.89
CA ALA B 170 -20.70 -13.50 -52.79
C ALA B 170 -19.86 -12.48 -52.06
N VAL B 171 -19.40 -11.46 -52.79
CA VAL B 171 -18.66 -10.35 -52.19
C VAL B 171 -19.57 -9.55 -51.29
N ALA B 172 -20.80 -9.35 -51.73
CA ALA B 172 -21.82 -8.68 -50.92
C ALA B 172 -22.01 -9.34 -49.54
N GLU B 173 -21.96 -10.67 -49.50
CA GLU B 173 -22.03 -11.42 -48.25
C GLU B 173 -20.91 -11.13 -47.29
N HIS B 174 -19.68 -11.25 -47.76
CA HIS B 174 -18.51 -11.01 -46.92
C HIS B 174 -18.52 -9.57 -46.38
N LEU B 175 -18.92 -8.63 -47.23
CA LEU B 175 -19.01 -7.20 -46.87
C LEU B 175 -19.94 -6.94 -45.67
N ARG B 176 -20.89 -7.82 -45.45
CA ARG B 176 -21.82 -7.69 -44.31
C ARG B 176 -21.16 -7.87 -42.94
N GLY B 177 -20.01 -8.52 -42.91
CA GLY B 177 -19.20 -8.61 -41.70
C GLY B 177 -18.66 -7.29 -41.21
N ASP B 178 -18.18 -7.28 -39.97
CA ASP B 178 -17.55 -6.09 -39.39
C ASP B 178 -16.06 -6.04 -39.71
N GLU B 179 -15.49 -7.10 -40.29
CA GLU B 179 -14.10 -7.04 -40.73
C GLU B 179 -14.01 -7.47 -42.17
N VAL B 180 -13.41 -6.63 -43.02
CA VAL B 180 -13.39 -6.88 -44.46
C VAL B 180 -11.96 -6.95 -44.97
N VAL B 181 -11.68 -8.01 -45.73
CA VAL B 181 -10.37 -8.20 -46.37
C VAL B 181 -10.46 -7.91 -47.88
N ILE B 182 -9.49 -7.13 -48.35
CA ILE B 182 -9.28 -6.94 -49.76
C ILE B 182 -7.86 -7.46 -50.01
N GLY B 183 -7.78 -8.56 -50.80
CA GLY B 183 -6.52 -9.12 -51.25
C GLY B 183 -6.24 -8.76 -52.69
N ILE B 184 -4.98 -8.43 -52.94
CA ILE B 184 -4.57 -7.82 -54.19
C ILE B 184 -3.24 -8.44 -54.48
N ASP B 185 -3.05 -8.97 -55.66
CA ASP B 185 -1.74 -9.45 -56.04
C ASP B 185 -1.27 -8.79 -57.31
N LEU B 186 -0.01 -8.35 -57.34
CA LEU B 186 0.48 -7.52 -58.47
C LEU B 186 1.29 -8.33 -59.49
N ALA B 187 1.60 -9.56 -59.12
CA ALA B 187 2.32 -10.51 -59.96
C ALA B 187 3.61 -9.88 -60.53
N ILE B 188 4.30 -9.10 -59.70
CA ILE B 188 5.60 -8.52 -60.08
C ILE B 188 6.74 -9.34 -59.44
N ALA B 189 6.76 -9.44 -58.12
CA ALA B 189 7.83 -10.18 -57.42
C ALA B 189 7.31 -10.71 -56.09
N ASP B 190 7.99 -10.42 -54.98
CA ASP B 190 7.65 -11.00 -53.70
C ASP B 190 7.31 -9.99 -52.66
N GLY B 191 7.22 -8.72 -53.00
CA GLY B 191 6.83 -7.68 -52.04
C GLY B 191 5.44 -7.88 -51.45
N ALA B 192 5.35 -7.83 -50.13
CA ALA B 192 4.10 -8.06 -49.37
C ALA B 192 3.89 -7.03 -48.24
N PHE B 193 2.65 -6.60 -48.07
CA PHE B 193 2.29 -5.74 -46.97
C PHE B 193 0.79 -5.74 -46.75
N THR B 194 0.40 -5.79 -45.48
CA THR B 194 -0.97 -5.64 -45.05
C THR B 194 -1.13 -4.26 -44.35
N VAL B 195 -2.14 -3.49 -44.76
CA VAL B 195 -2.52 -2.26 -44.04
C VAL B 195 -3.97 -2.34 -43.51
N TYR B 196 -4.29 -1.43 -42.59
CA TYR B 196 -5.58 -1.47 -41.88
C TYR B 196 -6.22 -0.04 -41.90
N GLY B 197 -7.53 0.01 -42.12
CA GLY B 197 -8.27 1.22 -42.18
C GLY B 197 -9.71 0.86 -41.82
N CYS B 198 -10.68 1.63 -42.29
CA CYS B 198 -12.09 1.38 -41.98
C CYS B 198 -12.98 1.95 -43.05
N ASP B 199 -14.30 1.78 -42.90
CA ASP B 199 -15.23 2.37 -43.87
C ASP B 199 -15.47 3.85 -43.52
N LEU B 200 -16.11 4.53 -44.45
CA LEU B 200 -16.40 5.93 -44.37
C LEU B 200 -17.92 6.01 -44.23
N THR B 201 -18.34 6.63 -43.14
CA THR B 201 -19.72 6.67 -42.72
C THR B 201 -20.18 8.13 -42.53
N GLU B 202 -21.50 8.29 -42.54
CA GLU B 202 -22.15 9.53 -42.18
C GLU B 202 -21.76 9.99 -40.79
N GLY B 203 -21.49 9.02 -39.92
CA GLY B 203 -21.03 9.20 -38.53
C GLY B 203 -19.69 9.90 -38.46
N TYR B 204 -18.74 9.49 -39.35
CA TYR B 204 -17.44 10.19 -39.47
C TYR B 204 -17.70 11.64 -39.78
N VAL B 205 -18.56 11.91 -40.77
CA VAL B 205 -18.82 13.26 -41.26
C VAL B 205 -19.50 14.15 -40.20
N ARG B 206 -20.54 13.59 -39.57
CA ARG B 206 -21.29 14.28 -38.51
C ARG B 206 -20.37 14.60 -37.32
N LEU B 207 -19.66 13.61 -36.82
CA LEU B 207 -18.75 13.83 -35.69
C LEU B 207 -17.83 14.98 -36.03
N ASN B 208 -17.15 14.88 -37.19
CA ASN B 208 -16.13 15.84 -37.56
C ASN B 208 -16.61 17.17 -38.10
N SER B 209 -17.89 17.26 -38.40
CA SER B 209 -18.58 18.51 -38.71
C SER B 209 -19.14 19.25 -37.46
N GLU B 210 -19.55 18.48 -36.46
CA GLU B 210 -20.41 19.03 -35.40
C GLU B 210 -19.95 19.60 -34.01
N TYR B 211 -18.76 19.53 -33.39
CA TYR B 211 -17.66 18.73 -33.48
C TYR B 211 -16.37 19.35 -33.61
N THR B 212 -15.95 20.03 -32.58
CA THR B 212 -14.62 20.63 -32.62
C THR B 212 -13.65 19.67 -31.96
N THR B 213 -12.94 18.90 -32.77
CA THR B 213 -11.94 18.02 -32.28
C THR B 213 -10.72 18.21 -33.22
N THR C 1 -24.84 -5.47 8.12
CA THR C 1 -24.12 -6.73 8.45
C THR C 1 -22.61 -6.71 8.19
N PRO C 2 -22.10 -5.93 7.21
CA PRO C 2 -20.65 -5.89 7.10
C PRO C 2 -20.03 -5.24 8.31
N ARG C 3 -18.85 -5.72 8.67
CA ARG C 3 -18.10 -5.19 9.81
C ARG C 3 -17.63 -3.80 9.52
N GLY C 4 -17.73 -2.93 10.50
CA GLY C 4 -17.17 -1.60 10.40
C GLY C 4 -18.03 -0.54 9.81
N PHE C 5 -19.25 -0.89 9.40
CA PHE C 5 -20.16 0.11 8.83
C PHE C 5 -21.30 0.46 9.75
N VAL C 6 -21.49 1.77 9.91
CA VAL C 6 -22.49 2.35 10.77
C VAL C 6 -23.34 3.28 9.92
N VAL C 7 -24.57 3.53 10.38
CA VAL C 7 -25.49 4.40 9.69
C VAL C 7 -26.07 5.45 10.63
N HIS C 8 -26.00 6.70 10.24
CA HIS C 8 -26.72 7.76 10.91
C HIS C 8 -27.84 8.21 9.99
N THR C 9 -29.07 8.24 10.48
CA THR C 9 -30.22 8.82 9.77
C THR C 9 -31.01 9.80 10.68
N ALA C 10 -31.55 10.86 10.12
CA ALA C 10 -32.23 11.85 10.94
C ALA C 10 -33.08 12.74 10.07
N PRO C 11 -34.13 13.34 10.62
CA PRO C 11 -34.91 14.37 9.93
C PRO C 11 -34.23 15.75 9.96
N VAL C 12 -34.09 16.41 8.83
CA VAL C 12 -33.55 17.78 8.86
C VAL C 12 -34.45 18.79 8.16
N GLY C 13 -35.64 18.33 7.72
CA GLY C 13 -36.61 19.23 7.10
C GLY C 13 -36.32 19.60 5.64
N LEU C 14 -35.76 18.67 4.88
CA LEU C 14 -35.58 18.86 3.43
C LEU C 14 -36.94 18.78 2.73
N ALA C 15 -37.86 18.07 3.37
CA ALA C 15 -39.31 18.26 3.16
C ALA C 15 -39.91 18.43 4.53
N ASP C 16 -41.14 18.92 4.57
CA ASP C 16 -41.76 19.27 5.87
C ASP C 16 -42.70 18.16 6.34
N ASP C 17 -42.14 17.02 6.72
CA ASP C 17 -42.92 15.86 7.13
C ASP C 17 -42.25 15.07 8.24
N GLY C 18 -41.20 15.61 8.86
CA GLY C 18 -40.53 14.90 9.97
C GLY C 18 -39.89 13.58 9.60
N ARG C 19 -39.73 13.32 8.31
CA ARG C 19 -39.16 12.00 7.88
C ARG C 19 -37.63 12.06 7.80
N ASP C 20 -36.98 10.93 8.07
CA ASP C 20 -35.53 10.86 7.96
C ASP C 20 -35.16 11.27 6.55
N ASP C 21 -34.42 12.34 6.40
CA ASP C 21 -33.96 12.72 5.07
C ASP C 21 -32.48 13.10 4.99
N PHE C 22 -31.73 12.77 6.05
CA PHE C 22 -30.29 13.10 6.13
C PHE C 22 -29.57 11.85 6.62
N THR C 23 -28.66 11.31 5.82
CA THR C 23 -28.07 10.01 6.09
C THR C 23 -26.55 10.14 6.07
N VAL C 24 -25.88 9.51 7.05
CA VAL C 24 -24.47 9.32 6.94
C VAL C 24 -24.12 7.82 7.00
N LEU C 25 -23.52 7.32 5.95
CA LEU C 25 -22.91 6.00 5.94
C LEU C 25 -21.38 6.14 6.10
N ALA C 26 -20.78 5.39 7.00
CA ALA C 26 -19.34 5.60 7.30
C ALA C 26 -18.74 4.31 7.71
N SER C 27 -17.47 4.09 7.30
CA SER C 27 -16.63 2.97 7.78
C SER C 27 -15.76 3.41 8.94
N THR C 28 -15.71 2.56 9.98
CA THR C 28 -14.78 2.73 11.10
C THR C 28 -13.34 2.46 10.75
N ALA C 29 -13.12 1.91 9.57
CA ALA C 29 -11.83 1.52 9.08
C ALA C 29 -11.63 2.21 7.73
N PRO C 30 -10.35 2.47 7.37
CA PRO C 30 -10.05 2.89 5.99
C PRO C 30 -10.65 1.92 4.96
N ALA C 31 -11.11 2.49 3.85
CA ALA C 31 -11.83 1.77 2.82
C ALA C 31 -11.33 2.22 1.47
N THR C 32 -11.12 1.26 0.58
CA THR C 32 -10.97 1.57 -0.84
C THR C 32 -12.35 1.80 -1.45
N VAL C 33 -12.45 2.83 -2.28
CA VAL C 33 -13.69 3.26 -2.87
C VAL C 33 -13.61 3.23 -4.39
N SER C 34 -14.73 2.84 -5.01
CA SER C 34 -14.94 2.94 -6.44
C SER C 34 -16.26 3.64 -6.62
N ALA C 35 -16.36 4.54 -7.58
CA ALA C 35 -17.59 5.30 -7.74
C ALA C 35 -17.73 5.70 -9.20
N VAL C 36 -18.96 5.80 -9.70
CA VAL C 36 -19.27 6.41 -11.00
C VAL C 36 -20.42 7.44 -10.84
N PHE C 37 -20.46 8.41 -11.73
CA PHE C 37 -21.41 9.53 -11.58
C PHE C 37 -22.01 10.00 -12.92
N THR C 38 -23.10 10.79 -12.78
CA THR C 38 -23.66 11.57 -13.89
C THR C 38 -22.55 12.35 -14.60
N ARG C 39 -22.72 12.53 -15.91
CA ARG C 39 -21.87 13.40 -16.73
C ARG C 39 -22.74 14.54 -17.22
N SER C 40 -23.89 14.72 -16.58
CA SER C 40 -24.81 15.78 -16.92
C SER C 40 -24.07 17.11 -16.94
N ARG C 41 -24.39 17.96 -17.92
CA ARG C 41 -23.91 19.32 -17.97
C ARG C 41 -24.41 20.14 -16.79
N PHE C 42 -25.48 19.70 -16.17
CA PHE C 42 -26.00 20.39 -15.00
C PHE C 42 -25.69 19.62 -13.72
N ALA C 43 -24.64 18.82 -13.77
CA ALA C 43 -24.18 18.01 -12.65
C ALA C 43 -24.12 18.90 -11.45
N GLY C 44 -24.71 18.47 -10.34
CA GLY C 44 -24.76 19.24 -9.15
C GLY C 44 -23.42 19.32 -8.46
N PRO C 45 -23.18 20.38 -7.65
CA PRO C 45 -21.92 20.54 -6.91
C PRO C 45 -21.53 19.30 -6.08
N SER C 46 -22.49 18.53 -5.58
CA SER C 46 -22.21 17.31 -4.80
C SER C 46 -21.32 16.33 -5.57
N VAL C 47 -21.57 16.25 -6.88
CA VAL C 47 -20.93 15.31 -7.79
C VAL C 47 -19.45 15.66 -7.95
N VAL C 48 -19.16 16.93 -8.11
CA VAL C 48 -17.80 17.38 -8.31
C VAL C 48 -16.92 16.95 -7.10
N LEU C 49 -17.46 17.18 -5.92
CA LEU C 49 -16.75 16.88 -4.69
C LEU C 49 -16.60 15.38 -4.50
N CYS C 50 -17.60 14.61 -4.88
CA CYS C 50 -17.42 13.14 -4.90
C CYS C 50 -16.30 12.68 -5.81
N ARG C 51 -16.21 13.22 -7.02
CA ARG C 51 -15.08 12.90 -7.94
C ARG C 51 -13.74 13.16 -7.28
N GLU C 52 -13.54 14.39 -6.81
CA GLU C 52 -12.38 14.78 -6.09
C GLU C 52 -12.07 13.81 -4.95
N ALA C 53 -13.08 13.49 -4.17
CA ALA C 53 -12.87 12.61 -3.01
C ALA C 53 -12.50 11.16 -3.36
N VAL C 54 -12.93 10.63 -4.50
CA VAL C 54 -12.54 9.25 -4.85
C VAL C 54 -11.30 9.20 -5.73
N ALA C 55 -10.73 10.36 -6.07
CA ALA C 55 -9.59 10.42 -6.96
C ALA C 55 -8.39 9.61 -6.45
N ASP C 56 -8.21 9.55 -5.13
CA ASP C 56 -7.08 8.77 -4.54
C ASP C 56 -7.44 7.31 -4.23
N GLY C 57 -8.67 6.94 -4.54
CA GLY C 57 -9.17 5.62 -4.28
C GLY C 57 -9.51 5.37 -2.83
N GLN C 58 -9.59 6.44 -2.06
CA GLN C 58 -9.70 6.35 -0.63
C GLN C 58 -10.91 7.16 -0.13
N ALA C 59 -11.83 6.47 0.53
CA ALA C 59 -12.95 7.18 1.18
C ALA C 59 -13.63 6.32 2.22
N ARG C 60 -14.24 6.96 3.18
CA ARG C 60 -14.84 6.20 4.28
C ARG C 60 -16.31 6.40 4.47
N GLY C 61 -16.96 7.19 3.65
CA GLY C 61 -18.39 7.35 3.79
C GLY C 61 -18.94 8.39 2.87
N VAL C 62 -20.23 8.67 3.10
CA VAL C 62 -21.01 9.54 2.27
C VAL C 62 -22.16 10.06 3.10
N VAL C 63 -22.37 11.40 3.07
CA VAL C 63 -23.57 12.02 3.55
C VAL C 63 -24.59 12.22 2.39
N VAL C 64 -25.86 11.90 2.68
CA VAL C 64 -26.91 11.89 1.66
C VAL C 64 -28.09 12.72 2.09
N LEU C 65 -28.46 13.68 1.26
CA LEU C 65 -29.64 14.50 1.57
C LEU C 65 -30.74 14.19 0.56
N ALA C 66 -31.97 13.96 1.06
CA ALA C 66 -33.10 13.53 0.22
C ALA C 66 -34.19 14.55 0.28
N ARG C 67 -34.88 14.70 -0.87
CA ARG C 67 -35.88 15.72 -1.17
C ARG C 67 -35.29 17.12 -1.39
N ASN C 68 -33.98 17.20 -1.58
CA ASN C 68 -33.38 18.36 -2.26
C ASN C 68 -32.09 17.96 -2.94
N ALA C 69 -32.05 18.22 -4.23
CA ALA C 69 -30.91 17.82 -5.05
C ALA C 69 -29.68 18.67 -4.89
N ASN C 70 -29.87 19.93 -4.49
CA ASN C 70 -28.86 20.96 -4.50
C ASN C 70 -28.22 21.07 -5.86
N VAL C 71 -29.08 21.34 -6.86
CA VAL C 71 -28.68 21.39 -8.27
C VAL C 71 -29.24 22.65 -8.89
N ALA C 72 -28.41 23.32 -9.68
CA ALA C 72 -28.76 24.59 -10.30
C ALA C 72 -29.03 25.64 -9.24
N THR C 73 -28.24 25.55 -8.18
CA THR C 73 -28.36 26.43 -7.01
C THR C 73 -27.23 27.49 -6.89
N GLY C 74 -26.35 27.52 -7.90
CA GLY C 74 -25.35 28.57 -8.04
C GLY C 74 -24.25 28.37 -7.06
N LEU C 75 -23.57 29.48 -6.76
CA LEU C 75 -22.46 29.54 -5.85
C LEU C 75 -22.95 29.26 -4.42
N GLU C 76 -24.09 29.83 -4.06
CA GLU C 76 -24.72 29.48 -2.81
C GLU C 76 -24.75 27.96 -2.63
N GLY C 77 -25.32 27.24 -3.58
CA GLY C 77 -25.38 25.77 -3.49
C GLY C 77 -24.03 25.08 -3.44
N GLU C 78 -23.03 25.65 -4.14
CA GLU C 78 -21.63 25.15 -4.07
C GLU C 78 -21.11 25.27 -2.67
N GLU C 79 -21.21 26.47 -2.11
CA GLU C 79 -20.84 26.72 -0.72
C GLU C 79 -21.53 25.75 0.24
N ASN C 80 -22.84 25.60 0.08
CA ASN C 80 -23.59 24.64 0.89
C ASN C 80 -23.14 23.18 0.75
N ALA C 81 -22.78 22.77 -0.44
CA ALA C 81 -22.30 21.40 -0.66
C ALA C 81 -21.04 21.19 0.19
N ARG C 82 -20.12 22.14 0.09
CA ARG C 82 -18.86 22.03 0.76
C ARG C 82 -19.01 22.12 2.23
N GLU C 83 -19.81 23.06 2.69
CA GLU C 83 -20.04 23.19 4.11
C GLU C 83 -20.56 21.87 4.70
N VAL C 84 -21.54 21.28 4.06
CA VAL C 84 -22.16 20.11 4.62
C VAL C 84 -21.19 18.95 4.62
N ARG C 85 -20.56 18.72 3.47
CA ARG C 85 -19.60 17.63 3.32
C ARG C 85 -18.50 17.79 4.40
N GLU C 86 -17.97 19.00 4.54
CA GLU C 86 -16.91 19.23 5.48
C GLU C 86 -17.33 19.10 6.93
N ALA C 87 -18.52 19.62 7.25
CA ALA C 87 -19.01 19.56 8.62
C ALA C 87 -19.21 18.10 9.04
N VAL C 88 -19.62 17.23 8.12
CA VAL C 88 -19.78 15.80 8.42
C VAL C 88 -18.41 15.18 8.67
N ALA C 89 -17.45 15.45 7.78
CA ALA C 89 -16.09 14.96 7.91
C ALA C 89 -15.47 15.32 9.26
N ARG C 90 -15.58 16.60 9.58
CA ARG C 90 -15.08 17.16 10.80
C ARG C 90 -15.72 16.58 12.06
N ALA C 91 -17.05 16.42 12.03
CA ALA C 91 -17.78 15.87 13.18
C ALA C 91 -17.29 14.46 13.48
N LEU C 92 -16.98 13.67 12.45
CA LEU C 92 -16.59 12.29 12.64
C LEU C 92 -15.09 12.14 12.64
N GLY C 93 -14.38 13.26 12.60
CA GLY C 93 -12.92 13.22 12.68
C GLY C 93 -12.25 12.57 11.47
N LEU C 94 -12.92 12.65 10.33
CA LEU C 94 -12.39 12.08 9.08
C LEU C 94 -11.86 13.22 8.23
N PRO C 95 -10.89 12.90 7.33
CA PRO C 95 -10.43 13.93 6.41
C PRO C 95 -11.52 14.23 5.33
N GLU C 96 -11.68 15.50 5.02
CA GLU C 96 -12.62 15.93 4.00
C GLU C 96 -12.66 15.01 2.80
N GLY C 97 -11.45 14.72 2.31
CA GLY C 97 -11.30 13.93 1.09
C GLY C 97 -11.63 12.45 1.21
N GLU C 98 -12.09 12.04 2.38
CA GLU C 98 -12.61 10.70 2.57
C GLU C 98 -14.11 10.64 2.86
N MET C 99 -14.79 11.78 2.71
CA MET C 99 -16.23 11.86 2.85
C MET C 99 -16.81 12.30 1.53
N LEU C 100 -17.66 11.48 0.93
CA LEU C 100 -18.43 11.95 -0.22
C LEU C 100 -19.77 12.58 0.22
N ILE C 101 -20.42 13.26 -0.72
CA ILE C 101 -21.74 13.82 -0.49
C ILE C 101 -22.65 13.57 -1.70
N ALA C 102 -23.91 13.23 -1.43
CA ALA C 102 -24.89 12.93 -2.48
C ALA C 102 -26.23 13.54 -2.13
N SER C 103 -26.98 13.98 -3.14
CA SER C 103 -28.16 14.76 -2.82
C SER C 103 -29.20 14.56 -3.88
N THR C 104 -30.46 14.38 -3.45
CA THR C 104 -31.53 14.01 -4.38
C THR C 104 -32.83 14.65 -4.02
N GLY C 105 -33.64 14.92 -5.05
CA GLY C 105 -34.92 15.58 -4.93
C GLY C 105 -35.05 16.73 -5.88
N VAL C 106 -35.65 17.83 -5.44
CA VAL C 106 -35.91 19.00 -6.29
C VAL C 106 -34.64 19.66 -6.75
N ILE C 107 -34.70 20.15 -8.00
CA ILE C 107 -33.67 20.95 -8.63
C ILE C 107 -34.07 22.45 -8.53
N GLY C 108 -33.13 23.30 -8.14
CA GLY C 108 -33.32 24.77 -8.20
C GLY C 108 -33.85 25.33 -6.92
N ARG C 109 -33.66 24.57 -5.84
CA ARG C 109 -34.09 24.95 -4.48
C ARG C 109 -32.94 24.85 -3.50
N GLN C 110 -32.71 25.95 -2.81
CA GLN C 110 -31.64 26.03 -1.84
C GLN C 110 -31.94 25.12 -0.67
N TYR C 111 -30.88 24.58 -0.07
CA TYR C 111 -31.00 23.81 1.14
C TYR C 111 -31.51 24.69 2.27
N PRO C 112 -32.24 24.08 3.23
CA PRO C 112 -32.62 24.75 4.47
C PRO C 112 -31.42 24.68 5.42
N MET C 113 -30.50 25.62 5.28
CA MET C 113 -29.18 25.51 5.90
C MET C 113 -29.15 25.67 7.43
N GLU C 114 -30.03 26.49 7.98
CA GLU C 114 -30.11 26.63 9.43
C GLU C 114 -30.57 25.34 10.11
N SER C 115 -31.57 24.70 9.55
CA SER C 115 -32.00 23.39 10.04
C SER C 115 -30.85 22.35 9.98
N ILE C 116 -30.12 22.36 8.86
CA ILE C 116 -29.01 21.44 8.61
C ILE C 116 -27.85 21.77 9.52
N ARG C 117 -27.55 23.06 9.68
CA ARG C 117 -26.49 23.51 10.60
C ARG C 117 -26.72 23.06 12.05
N GLU C 118 -27.95 23.24 12.54
CA GLU C 118 -28.28 22.80 13.87
C GLU C 118 -28.09 21.29 14.03
N HIS C 119 -28.44 20.50 13.02
CA HIS C 119 -28.32 19.07 13.16
C HIS C 119 -26.83 18.68 13.17
N LEU C 120 -26.08 19.20 12.22
CA LEU C 120 -24.65 18.90 12.15
C LEU C 120 -23.91 19.11 13.48
N LYS C 121 -24.24 20.16 14.24
CA LYS C 121 -23.64 20.37 15.56
C LYS C 121 -23.81 19.20 16.53
N THR C 122 -24.85 18.39 16.35
CA THR C 122 -25.14 17.24 17.24
C THR C 122 -24.50 15.92 16.71
N LEU C 123 -23.99 15.97 15.49
CA LEU C 123 -23.62 14.74 14.79
C LEU C 123 -22.38 14.05 15.40
N GLU C 124 -22.52 12.76 15.66
CA GLU C 124 -21.39 11.93 16.01
C GLU C 124 -21.57 10.50 15.58
N TRP C 125 -20.54 9.69 15.83
CA TRP C 125 -20.56 8.31 15.43
C TRP C 125 -21.72 7.61 16.04
N PRO C 126 -22.52 6.90 15.22
CA PRO C 126 -23.50 5.96 15.76
C PRO C 126 -22.87 5.02 16.78
N ALA C 127 -23.58 4.74 17.87
CA ALA C 127 -23.22 3.61 18.70
C ALA C 127 -23.63 2.34 17.90
N GLY C 128 -22.72 1.40 17.75
CA GLY C 128 -23.05 0.13 17.09
C GLY C 128 -23.11 0.21 15.58
N GLU C 129 -22.95 -0.96 14.95
CA GLU C 129 -22.91 -1.10 13.49
C GLU C 129 -24.30 -1.36 12.91
N GLY C 130 -24.40 -1.26 11.58
CA GLY C 130 -25.63 -1.54 10.85
C GLY C 130 -26.52 -0.32 10.67
N GLY C 131 -27.72 -0.60 10.17
CA GLY C 131 -28.74 0.42 9.91
C GLY C 131 -28.94 0.74 8.44
N PHE C 132 -28.64 -0.21 7.56
CA PHE C 132 -28.74 0.01 6.13
C PHE C 132 -30.19 0.12 5.70
N ASP C 133 -31.04 -0.62 6.38
CA ASP C 133 -32.48 -0.53 6.27
C ASP C 133 -32.95 0.92 6.52
N ARG C 134 -32.45 1.55 7.59
CA ARG C 134 -32.71 2.97 7.87
C ARG C 134 -32.19 3.91 6.80
N ALA C 135 -30.97 3.66 6.32
CA ALA C 135 -30.41 4.41 5.18
C ALA C 135 -31.30 4.30 3.93
N ALA C 136 -31.65 3.07 3.59
CA ALA C 136 -32.53 2.75 2.49
C ALA C 136 -33.76 3.61 2.50
N ARG C 137 -34.43 3.68 3.65
CA ARG C 137 -35.62 4.52 3.81
C ARG C 137 -35.34 6.01 3.75
N ALA C 138 -34.26 6.44 4.39
CA ALA C 138 -33.95 7.86 4.49
C ALA C 138 -33.46 8.49 3.15
N ILE C 139 -33.03 7.67 2.18
CA ILE C 139 -32.66 8.17 0.83
C ILE C 139 -33.82 8.26 -0.18
N MET C 140 -34.97 7.65 0.12
CA MET C 140 -36.11 7.61 -0.79
C MET C 140 -36.59 9.00 -1.16
N THR C 141 -37.07 9.17 -2.39
CA THR C 141 -37.90 10.36 -2.71
C THR C 141 -39.26 9.90 -3.22
N THR C 142 -39.39 9.70 -4.53
CA THR C 142 -40.65 9.20 -5.10
C THR C 142 -40.74 7.68 -5.16
N ASP C 143 -39.74 6.99 -4.64
CA ASP C 143 -39.79 5.54 -4.45
C ASP C 143 -41.00 5.21 -3.57
N THR C 144 -41.66 4.08 -3.83
CA THR C 144 -42.76 3.63 -2.99
C THR C 144 -42.29 2.59 -1.95
N ARG C 145 -41.09 2.08 -2.14
CA ARG C 145 -40.50 1.18 -1.19
C ARG C 145 -38.95 1.33 -1.13
N PRO C 146 -38.38 1.04 0.02
CA PRO C 146 -36.93 0.99 0.14
C PRO C 146 -36.39 -0.22 -0.67
N LYS C 147 -35.15 -0.08 -1.12
CA LYS C 147 -34.50 -1.05 -1.94
C LYS C 147 -33.16 -1.40 -1.31
N GLU C 148 -33.05 -2.67 -0.93
CA GLU C 148 -31.96 -3.18 -0.13
C GLU C 148 -31.63 -4.61 -0.57
N VAL C 149 -30.35 -4.97 -0.52
CA VAL C 149 -29.92 -6.32 -0.86
C VAL C 149 -28.61 -6.67 -0.15
N ARG C 150 -28.48 -7.95 0.15
CA ARG C 150 -27.44 -8.47 0.99
C ARG C 150 -26.92 -9.74 0.38
N VAL C 151 -25.60 -9.85 0.22
CA VAL C 151 -24.98 -11.06 -0.24
C VAL C 151 -23.76 -11.38 0.62
N SER C 152 -23.56 -12.68 0.89
CA SER C 152 -22.33 -13.18 1.52
C SER C 152 -21.35 -13.66 0.46
N VAL C 153 -20.05 -13.34 0.62
CA VAL C 153 -18.99 -13.91 -0.22
C VAL C 153 -17.69 -14.17 0.51
N GLY C 154 -17.26 -15.41 0.45
CA GLY C 154 -15.99 -15.80 1.04
C GLY C 154 -15.79 -15.37 2.48
N GLY C 155 -16.86 -15.28 3.26
CA GLY C 155 -16.72 -14.83 4.66
C GLY C 155 -16.89 -13.33 4.87
N ALA C 156 -17.03 -12.58 3.77
CA ALA C 156 -17.34 -11.18 3.85
C ALA C 156 -18.83 -10.99 3.58
N THR C 157 -19.33 -9.78 3.84
CA THR C 157 -20.70 -9.42 3.57
C THR C 157 -20.73 -8.19 2.67
N LEU C 158 -21.68 -8.18 1.74
CA LEU C 158 -21.89 -7.06 0.87
C LEU C 158 -23.38 -6.66 0.96
N VAL C 159 -23.62 -5.40 1.28
CA VAL C 159 -24.92 -4.84 1.38
C VAL C 159 -25.01 -3.68 0.40
N GLY C 160 -26.09 -3.63 -0.36
CA GLY C 160 -26.33 -2.54 -1.24
C GLY C 160 -27.69 -1.96 -1.01
N ILE C 161 -27.77 -0.64 -1.12
CA ILE C 161 -29.04 0.03 -1.15
C ILE C 161 -29.10 0.90 -2.44
N ALA C 162 -30.31 1.14 -2.96
CA ALA C 162 -30.50 2.05 -4.07
C ALA C 162 -31.79 2.81 -3.94
N LYS C 163 -31.87 3.91 -4.67
CA LYS C 163 -33.12 4.62 -4.75
C LYS C 163 -33.18 5.22 -6.14
N GLY C 164 -34.38 5.60 -6.60
CA GLY C 164 -34.52 6.37 -7.83
C GLY C 164 -35.46 5.71 -8.78
N VAL C 165 -36.66 6.26 -8.96
CA VAL C 165 -37.60 5.66 -9.89
C VAL C 165 -38.16 6.63 -10.92
N GLY C 166 -37.62 7.84 -10.97
CA GLY C 166 -37.93 8.81 -12.02
C GLY C 166 -36.68 9.59 -12.24
N MET C 167 -36.63 10.35 -13.34
CA MET C 167 -35.39 10.99 -13.78
C MET C 167 -34.32 9.92 -13.78
N LEU C 168 -34.59 8.84 -14.50
CA LEU C 168 -33.78 7.67 -14.42
C LEU C 168 -33.38 7.00 -15.74
N GLU C 169 -32.26 7.42 -16.30
CA GLU C 169 -31.51 6.60 -17.24
C GLU C 169 -30.01 6.87 -17.01
N PRO C 170 -29.41 6.16 -16.05
CA PRO C 170 -28.04 6.44 -15.69
C PRO C 170 -26.99 6.20 -16.78
N ASP C 171 -26.06 7.12 -16.89
CA ASP C 171 -25.02 7.01 -17.89
C ASP C 171 -23.80 7.48 -17.15
N MET C 172 -23.29 6.60 -16.31
CA MET C 172 -22.36 7.01 -15.28
C MET C 172 -20.98 6.53 -15.56
N ALA C 173 -20.00 7.35 -15.22
CA ALA C 173 -18.57 6.98 -15.42
C ALA C 173 -17.70 7.71 -14.40
CAA TH5 D 1 -32.20 15.12 -9.42
CAH TH5 D 1 -31.99 13.82 -8.72
OAD TH5 D 1 -32.10 13.81 -7.49
OG1 TH5 D 1 -31.73 12.63 -9.44
CB TH5 D 1 -31.59 11.41 -8.73
CG2 TH5 D 1 -30.09 11.21 -8.31
CA TH5 D 1 -32.03 10.42 -9.77
C TH5 D 1 -31.81 9.04 -9.14
N TH5 D 1 -33.44 10.68 -10.11
O TH5 D 1 -32.60 8.63 -8.23
N LEU D 2 -30.74 8.49 -9.53
CA LEU D 2 -30.22 7.09 -8.99
C LEU D 2 -29.26 7.54 -7.89
N LEU D 3 -29.49 7.02 -6.69
CA LEU D 3 -28.44 6.87 -5.69
C LEU D 3 -28.37 5.35 -5.36
N THR D 4 -27.17 4.82 -5.39
CA THR D 4 -26.90 3.50 -4.89
C THR D 4 -25.54 3.40 -4.23
N PHE D 5 -25.52 2.70 -3.09
CA PHE D 5 -24.33 2.52 -2.28
C PHE D 5 -24.17 1.08 -1.86
N PHE D 6 -22.95 0.60 -2.00
CA PHE D 6 -22.61 -0.75 -1.58
C PHE D 6 -21.55 -0.68 -0.47
N ALA D 7 -21.66 -1.60 0.47
CA ALA D 7 -20.72 -1.72 1.59
C ALA D 7 -20.32 -3.20 1.76
N THR D 8 -19.02 -3.44 1.89
CA THR D 8 -18.50 -4.76 2.12
C THR D 8 -17.32 -4.76 3.12
N ASP D 9 -17.20 -5.84 3.88
CA ASP D 9 -16.00 -6.08 4.68
C ASP D 9 -14.93 -6.90 3.93
N ALA D 10 -15.16 -7.14 2.66
CA ALA D 10 -14.15 -7.73 1.78
C ALA D 10 -12.89 -6.89 1.67
N ARG D 11 -11.75 -7.55 1.59
CA ARG D 11 -10.55 -6.87 1.17
C ARG D 11 -10.27 -7.24 -0.27
N LEU D 12 -10.05 -6.20 -1.08
CA LEU D 12 -9.87 -6.31 -2.51
C LEU D 12 -8.65 -5.52 -2.89
N ASP D 13 -7.96 -5.95 -3.97
CA ASP D 13 -6.98 -5.10 -4.63
C ASP D 13 -7.70 -3.89 -5.16
N PRO D 14 -7.25 -2.65 -4.77
CA PRO D 14 -7.91 -1.40 -5.20
C PRO D 14 -8.11 -1.28 -6.70
N ALA D 15 -7.08 -1.60 -7.48
CA ALA D 15 -7.20 -1.50 -8.94
C ALA D 15 -8.18 -2.53 -9.53
N GLU D 16 -8.11 -3.77 -9.07
CA GLU D 16 -9.13 -4.78 -9.49
C GLU D 16 -10.55 -4.37 -9.02
N GLN D 17 -10.64 -3.74 -7.85
CA GLN D 17 -11.95 -3.29 -7.35
C GLN D 17 -12.56 -2.26 -8.27
N ASP D 18 -11.76 -1.31 -8.75
CA ASP D 18 -12.28 -0.28 -9.64
C ASP D 18 -12.73 -0.94 -10.95
N ARG D 19 -11.89 -1.80 -11.48
CA ARG D 19 -12.18 -2.42 -12.78
C ARG D 19 -13.50 -3.21 -12.71
N LEU D 20 -13.64 -3.97 -11.64
CA LEU D 20 -14.83 -4.83 -11.52
C LEU D 20 -16.13 -4.04 -11.18
N PHE D 21 -15.97 -2.97 -10.43
CA PHE D 21 -17.04 -2.07 -10.13
C PHE D 21 -17.61 -1.51 -11.44
N ARG D 22 -16.74 -0.99 -12.30
CA ARG D 22 -17.14 -0.42 -13.56
C ARG D 22 -17.82 -1.41 -14.49
N ARG D 23 -17.26 -2.60 -14.60
CA ARG D 23 -17.85 -3.63 -15.46
C ARG D 23 -19.28 -3.91 -15.04
N VAL D 24 -19.50 -4.11 -13.74
CA VAL D 24 -20.82 -4.42 -13.22
C VAL D 24 -21.72 -3.20 -13.37
N MET D 25 -21.24 -2.00 -13.01
CA MET D 25 -22.05 -0.79 -13.25
C MET D 25 -22.58 -0.74 -14.70
N ASP D 26 -21.66 -0.90 -15.65
CA ASP D 26 -22.01 -0.78 -17.07
C ASP D 26 -23.04 -1.81 -17.53
N ARG D 27 -23.09 -2.96 -16.88
CA ARG D 27 -24.11 -3.98 -17.20
C ARG D 27 -25.40 -3.89 -16.39
N THR D 28 -25.48 -2.97 -15.43
CA THR D 28 -26.62 -2.89 -14.53
C THR D 28 -27.20 -1.46 -14.48
N PHE D 29 -26.70 -0.63 -13.57
CA PHE D 29 -27.27 0.72 -13.38
C PHE D 29 -27.18 1.60 -14.62
N ASN D 30 -26.15 1.36 -15.46
CA ASN D 30 -26.00 2.05 -16.79
C ASN D 30 -26.70 1.30 -17.93
N ALA D 31 -27.58 0.36 -17.57
CA ALA D 31 -28.33 -0.48 -18.48
C ALA D 31 -29.82 -0.37 -18.18
N VAL D 32 -30.26 0.69 -17.49
CA VAL D 32 -31.67 0.81 -17.09
C VAL D 32 -32.21 2.17 -17.49
N SER D 33 -33.47 2.22 -17.86
CA SER D 33 -34.05 3.51 -18.24
C SER D 33 -35.56 3.50 -18.00
N ILE D 34 -36.03 4.39 -17.15
CA ILE D 34 -37.44 4.52 -16.86
C ILE D 34 -38.00 5.53 -17.81
N ASP D 35 -37.33 6.69 -17.96
CA ASP D 35 -37.86 7.79 -18.75
C ASP D 35 -36.85 8.56 -19.56
N THR D 36 -35.71 7.91 -19.83
CA THR D 36 -34.56 8.56 -20.52
C THR D 36 -33.96 9.79 -19.87
N ASP D 37 -34.46 10.21 -18.70
CA ASP D 37 -34.12 11.55 -18.12
C ASP D 37 -32.94 11.47 -17.17
N THR D 38 -31.75 11.22 -17.73
CA THR D 38 -30.47 11.18 -17.03
C THR D 38 -30.36 12.40 -16.12
N SER D 39 -30.34 12.12 -14.80
CA SER D 39 -30.34 13.15 -13.76
C SER D 39 -28.99 13.87 -13.59
N THR D 40 -29.11 14.95 -12.82
CA THR D 40 -28.04 15.84 -12.48
C THR D 40 -27.22 15.34 -11.28
N SER D 41 -27.58 14.18 -10.78
CA SER D 41 -27.20 13.76 -9.44
C SER D 41 -26.80 12.26 -9.30
N ASP D 42 -26.95 11.47 -10.36
CA ASP D 42 -26.74 10.01 -10.25
C ASP D 42 -25.40 9.70 -9.63
N THR D 43 -25.43 8.93 -8.54
CA THR D 43 -24.20 8.56 -7.77
C THR D 43 -24.29 7.09 -7.44
N ALA D 44 -23.24 6.32 -7.75
CA ALA D 44 -23.13 4.90 -7.37
C ALA D 44 -21.71 4.64 -6.77
N VAL D 45 -21.66 4.08 -5.55
CA VAL D 45 -20.38 3.88 -4.79
C VAL D 45 -20.30 2.52 -4.14
N LEU D 46 -19.08 2.00 -4.05
CA LEU D 46 -18.72 0.81 -3.28
C LEU D 46 -17.65 1.14 -2.28
N PHE D 47 -17.94 0.86 -1.01
CA PHE D 47 -16.94 0.90 0.05
C PHE D 47 -16.56 -0.51 0.43
N ALA D 48 -15.25 -0.76 0.45
CA ALA D 48 -14.66 -2.03 0.89
C ALA D 48 -13.64 -1.77 2.01
N ASN D 49 -14.03 -2.04 3.25
CA ASN D 49 -13.06 -1.99 4.35
C ASN D 49 -12.47 -3.41 4.48
N GLY D 50 -11.42 -3.65 5.22
CA GLY D 50 -10.79 -4.97 5.04
C GLY D 50 -11.23 -6.05 6.00
N LEU D 51 -12.27 -5.79 6.78
CA LEU D 51 -12.41 -6.46 8.06
C LEU D 51 -12.63 -7.95 7.98
N ALA D 52 -13.19 -8.46 6.89
CA ALA D 52 -13.44 -9.90 6.76
C ALA D 52 -12.31 -10.61 6.02
N GLY D 53 -11.33 -9.84 5.58
CA GLY D 53 -10.15 -10.41 4.94
C GLY D 53 -10.33 -10.60 3.44
N GLU D 54 -9.26 -11.09 2.81
CA GLU D 54 -9.20 -11.22 1.36
C GLU D 54 -10.37 -12.04 0.81
N VAL D 55 -10.87 -11.61 -0.35
CA VAL D 55 -11.85 -12.39 -1.11
C VAL D 55 -11.40 -12.40 -2.57
N ASP D 56 -11.58 -13.56 -3.21
CA ASP D 56 -11.33 -13.67 -4.66
C ASP D 56 -12.09 -12.57 -5.43
N ALA D 57 -11.35 -11.87 -6.28
CA ALA D 57 -11.90 -10.82 -7.14
C ALA D 57 -13.08 -11.26 -8.00
N GLY D 58 -12.95 -12.42 -8.65
CA GLY D 58 -14.00 -12.97 -9.51
C GLY D 58 -15.28 -13.31 -8.73
N GLU D 59 -15.11 -13.98 -7.60
CA GLU D 59 -16.25 -14.34 -6.76
C GLU D 59 -16.97 -13.10 -6.31
N PHE D 60 -16.20 -12.10 -5.86
CA PHE D 60 -16.79 -10.85 -5.45
C PHE D 60 -17.53 -10.16 -6.61
N GLU D 61 -16.91 -10.10 -7.79
CA GLU D 61 -17.51 -9.42 -8.92
C GLU D 61 -18.86 -10.02 -9.21
N GLU D 62 -18.87 -11.36 -9.35
CA GLU D 62 -20.10 -12.16 -9.48
C GLU D 62 -21.21 -11.80 -8.43
N ALA D 63 -20.80 -11.60 -7.19
CA ALA D 63 -21.74 -11.22 -6.12
C ALA D 63 -22.25 -9.77 -6.27
N LEU D 64 -21.34 -8.88 -6.64
CA LEU D 64 -21.68 -7.48 -6.87
C LEU D 64 -22.63 -7.44 -8.05
N HIS D 65 -22.40 -8.28 -9.07
CA HIS D 65 -23.28 -8.29 -10.21
C HIS D 65 -24.71 -8.74 -9.85
N THR D 66 -24.81 -9.74 -9.01
CA THR D 66 -26.08 -10.26 -8.61
C THR D 66 -26.80 -9.20 -7.77
N ALA D 67 -26.07 -8.58 -6.87
CA ALA D 67 -26.64 -7.53 -6.00
C ALA D 67 -27.07 -6.32 -6.86
N ALA D 68 -26.21 -5.91 -7.78
CA ALA D 68 -26.54 -4.79 -8.62
C ALA D 68 -27.79 -5.02 -9.50
N LEU D 69 -27.88 -6.21 -10.09
CA LEU D 69 -28.95 -6.59 -11.01
C LEU D 69 -30.28 -6.68 -10.30
N ALA D 70 -30.29 -7.36 -9.14
CA ALA D 70 -31.49 -7.38 -8.31
C ALA D 70 -31.97 -5.92 -7.97
N LEU D 71 -31.04 -5.05 -7.62
CA LEU D 71 -31.44 -3.67 -7.39
C LEU D 71 -32.01 -2.99 -8.61
N VAL D 72 -31.38 -3.19 -9.77
CA VAL D 72 -31.80 -2.60 -11.04
C VAL D 72 -33.23 -3.04 -11.36
N LYS D 73 -33.48 -4.35 -11.32
CA LYS D 73 -34.83 -4.90 -11.58
C LYS D 73 -35.88 -4.34 -10.59
N ASP D 74 -35.45 -4.17 -9.36
CA ASP D 74 -36.26 -3.49 -8.35
C ASP D 74 -36.67 -2.08 -8.84
N ILE D 75 -35.69 -1.34 -9.34
CA ILE D 75 -35.95 0.01 -9.78
C ILE D 75 -36.85 0.02 -11.00
N ALA D 76 -36.64 -0.93 -11.91
CA ALA D 76 -37.41 -0.99 -13.14
C ALA D 76 -38.86 -1.40 -12.83
N SER D 77 -39.04 -2.30 -11.87
CA SER D 77 -40.37 -2.74 -11.43
C SER D 77 -41.10 -1.70 -10.65
N ASP D 78 -40.34 -0.83 -10.03
CA ASP D 78 -40.90 0.26 -9.21
C ASP D 78 -40.87 1.57 -9.95
N GLY D 79 -40.67 1.54 -11.27
CA GLY D 79 -40.60 2.75 -12.06
C GLY D 79 -41.82 3.57 -11.75
N GLU D 80 -41.68 4.90 -11.80
CA GLU D 80 -42.82 5.80 -11.57
C GLU D 80 -43.99 5.39 -12.46
N GLY D 81 -45.11 5.11 -11.79
CA GLY D 81 -46.32 4.62 -12.46
C GLY D 81 -46.31 3.22 -13.08
N ALA D 82 -45.16 2.53 -13.15
CA ALA D 82 -45.10 1.27 -13.96
C ALA D 82 -45.95 0.15 -13.35
N ALA D 83 -46.51 -0.69 -14.23
CA ALA D 83 -47.12 -1.95 -13.87
C ALA D 83 -46.20 -3.09 -14.33
N LYS D 84 -45.30 -2.81 -15.27
CA LYS D 84 -44.61 -3.87 -16.01
C LYS D 84 -43.14 -3.55 -16.18
N LEU D 85 -42.29 -4.49 -15.83
CA LEU D 85 -40.87 -4.39 -16.18
C LEU D 85 -40.70 -4.89 -17.62
N ILE D 86 -39.92 -4.13 -18.41
CA ILE D 86 -39.57 -4.53 -19.76
C ILE D 86 -38.08 -4.85 -19.82
N GLU D 87 -37.81 -6.05 -20.28
CA GLU D 87 -36.47 -6.50 -20.54
C GLU D 87 -36.22 -6.61 -22.05
N VAL D 88 -35.27 -5.85 -22.58
CA VAL D 88 -34.92 -5.99 -23.99
C VAL D 88 -33.58 -6.68 -24.19
N GLN D 89 -33.64 -7.90 -24.76
CA GLN D 89 -32.45 -8.71 -25.07
C GLN D 89 -31.99 -8.65 -26.54
N VAL D 90 -30.92 -7.91 -26.80
CA VAL D 90 -30.41 -7.76 -28.16
C VAL D 90 -29.19 -8.65 -28.42
N THR D 91 -29.23 -9.40 -29.52
CA THR D 91 -28.11 -10.29 -29.89
C THR D 91 -27.81 -10.14 -31.36
N GLY D 92 -26.68 -10.68 -31.78
CA GLY D 92 -26.33 -10.74 -33.18
C GLY D 92 -25.92 -9.37 -33.67
N ALA D 93 -25.59 -8.48 -32.73
CA ALA D 93 -25.23 -7.11 -33.10
C ALA D 93 -23.76 -7.03 -33.59
N ARG D 94 -23.41 -5.91 -34.18
CA ARG D 94 -22.07 -5.66 -34.65
C ARG D 94 -21.08 -5.78 -33.49
N ASP D 95 -21.44 -5.11 -32.40
CA ASP D 95 -20.74 -5.20 -31.16
C ASP D 95 -21.71 -4.92 -30.02
N ASP D 96 -21.24 -5.14 -28.80
CA ASP D 96 -22.07 -5.03 -27.61
C ASP D 96 -22.69 -3.64 -27.47
N ALA D 97 -21.94 -2.61 -27.86
CA ALA D 97 -22.39 -1.20 -27.74
C ALA D 97 -23.60 -0.93 -28.63
N GLN D 98 -23.59 -1.50 -29.85
CA GLN D 98 -24.71 -1.39 -30.77
C GLN D 98 -25.92 -2.12 -30.20
N ALA D 99 -25.71 -3.33 -29.68
CA ALA D 99 -26.78 -4.06 -28.99
C ALA D 99 -27.41 -3.22 -27.86
N LYS D 100 -26.59 -2.55 -27.07
CA LYS D 100 -27.07 -1.66 -26.04
C LYS D 100 -27.86 -0.47 -26.59
N ARG D 101 -27.37 0.11 -27.69
CA ARG D 101 -27.99 1.29 -28.36
C ARG D 101 -29.36 0.96 -28.95
N VAL D 102 -29.47 -0.24 -29.53
CA VAL D 102 -30.74 -0.74 -30.02
C VAL D 102 -31.70 -1.08 -28.84
N GLY D 103 -31.21 -1.76 -27.80
CA GLY D 103 -32.04 -2.03 -26.64
C GLY D 103 -32.60 -0.76 -26.04
N LYS D 104 -31.74 0.22 -25.82
CA LYS D 104 -32.19 1.47 -25.20
C LYS D 104 -33.25 2.10 -26.08
N THR D 105 -33.02 2.22 -27.36
CA THR D 105 -33.96 2.91 -28.24
C THR D 105 -35.37 2.28 -28.16
N VAL D 106 -35.40 0.95 -28.19
CA VAL D 106 -36.61 0.14 -28.03
C VAL D 106 -37.32 0.30 -26.67
N VAL D 107 -36.56 0.07 -25.60
CA VAL D 107 -37.10 0.20 -24.24
C VAL D 107 -37.52 1.68 -23.95
N ASN D 108 -36.96 2.66 -24.70
CA ASN D 108 -37.28 4.09 -24.43
C ASN D 108 -38.27 4.68 -25.40
N SER D 109 -38.80 3.83 -26.30
CA SER D 109 -39.84 4.28 -27.26
C SER D 109 -41.21 4.43 -26.58
N PRO D 110 -41.74 5.68 -26.47
CA PRO D 110 -43.05 5.77 -25.84
C PRO D 110 -44.10 4.83 -26.48
N LEU D 111 -44.10 4.69 -27.79
CA LEU D 111 -45.06 3.80 -28.42
C LEU D 111 -44.88 2.32 -27.97
N VAL D 112 -43.65 1.85 -27.89
CA VAL D 112 -43.41 0.48 -27.37
C VAL D 112 -43.85 0.35 -25.89
N LYS D 113 -43.64 1.43 -25.11
CA LYS D 113 -43.84 1.43 -23.70
C LYS D 113 -45.38 1.39 -23.41
N THR D 114 -46.14 2.11 -24.24
CA THR D 114 -47.61 2.10 -24.19
C THR D 114 -48.21 0.82 -24.77
N ALA D 115 -47.68 0.30 -25.86
CA ALA D 115 -48.27 -0.95 -26.37
C ALA D 115 -48.12 -2.04 -25.30
N VAL D 116 -46.95 -2.11 -24.68
CA VAL D 116 -46.74 -3.08 -23.65
C VAL D 116 -47.69 -2.82 -22.44
N HIS D 117 -47.84 -1.55 -22.09
CA HIS D 117 -48.79 -1.17 -21.06
C HIS D 117 -50.25 -1.64 -21.33
N GLY D 118 -50.68 -1.59 -22.60
CA GLY D 118 -52.02 -2.02 -22.97
C GLY D 118 -52.13 -3.52 -23.24
N CYS D 119 -51.02 -4.25 -23.05
CA CYS D 119 -50.92 -5.64 -23.54
C CYS D 119 -51.20 -5.78 -25.04
N ASP D 120 -50.96 -4.74 -25.82
CA ASP D 120 -51.17 -4.77 -27.25
C ASP D 120 -49.87 -5.30 -27.95
N PRO D 121 -49.97 -6.45 -28.66
CA PRO D 121 -48.83 -7.07 -29.30
C PRO D 121 -48.49 -6.38 -30.61
N ASN D 122 -48.20 -5.10 -30.50
CA ASN D 122 -48.00 -4.21 -31.62
C ASN D 122 -46.54 -4.18 -31.87
N TRP D 123 -46.00 -5.34 -32.29
CA TRP D 123 -44.57 -5.56 -32.54
C TRP D 123 -44.03 -4.67 -33.64
N GLY D 124 -44.88 -4.16 -34.49
CA GLY D 124 -44.45 -3.21 -35.52
C GLY D 124 -43.82 -1.97 -34.90
N ARG D 125 -44.24 -1.63 -33.69
CA ARG D 125 -43.65 -0.48 -32.95
C ARG D 125 -42.21 -0.75 -32.54
N VAL D 126 -41.88 -2.05 -32.31
CA VAL D 126 -40.55 -2.45 -31.96
C VAL D 126 -39.65 -2.40 -33.19
N ALA D 127 -40.23 -2.76 -34.31
CA ALA D 127 -39.57 -2.72 -35.60
C ALA D 127 -39.26 -1.25 -35.88
N MET D 128 -40.26 -0.39 -35.71
CA MET D 128 -40.06 1.07 -35.81
C MET D 128 -38.92 1.54 -34.93
N ALA D 129 -38.90 1.09 -33.67
CA ALA D 129 -37.93 1.57 -32.70
C ALA D 129 -36.48 1.25 -33.12
N ILE D 130 -36.28 0.00 -33.48
CA ILE D 130 -35.06 -0.46 -34.07
C ILE D 130 -34.69 0.36 -35.26
N GLY D 131 -35.70 0.65 -36.06
CA GLY D 131 -35.50 1.44 -37.27
C GLY D 131 -34.91 2.81 -37.01
N LYS D 132 -35.22 3.38 -35.84
CA LYS D 132 -34.75 4.74 -35.47
C LYS D 132 -33.22 4.81 -35.33
N CYS D 133 -32.55 3.64 -35.24
CA CYS D 133 -31.07 3.64 -35.24
C CYS D 133 -30.62 3.72 -36.69
N SER D 134 -30.84 4.88 -37.26
CA SER D 134 -30.76 5.02 -38.69
C SER D 134 -29.31 5.14 -39.13
N ASP D 135 -28.37 5.36 -38.20
CA ASP D 135 -26.94 5.46 -38.49
C ASP D 135 -26.30 4.12 -38.48
N ASP D 136 -27.00 3.10 -37.99
CA ASP D 136 -26.51 1.73 -38.00
C ASP D 136 -26.96 1.04 -39.27
N THR D 137 -26.32 1.39 -40.36
CA THR D 137 -26.75 0.97 -41.70
C THR D 137 -26.47 -0.52 -41.97
N ASP D 138 -25.84 -1.19 -41.00
CA ASP D 138 -25.64 -2.65 -41.08
C ASP D 138 -26.84 -3.41 -40.52
N ILE D 139 -27.77 -2.69 -39.92
CA ILE D 139 -29.03 -3.32 -39.52
C ILE D 139 -29.95 -3.38 -40.76
N ASP D 140 -30.25 -4.60 -41.16
CA ASP D 140 -31.02 -4.89 -42.35
C ASP D 140 -32.34 -5.48 -41.87
N GLN D 141 -33.46 -4.81 -42.20
CA GLN D 141 -34.80 -5.28 -41.77
C GLN D 141 -35.09 -6.70 -42.30
N GLU D 142 -34.49 -7.10 -43.40
CA GLU D 142 -34.66 -8.45 -43.90
C GLU D 142 -34.04 -9.50 -42.93
N ARG D 143 -32.99 -9.13 -42.20
CA ARG D 143 -32.24 -10.10 -41.38
C ARG D 143 -32.60 -10.08 -39.89
N VAL D 144 -33.33 -9.04 -39.47
CA VAL D 144 -33.71 -8.80 -38.11
C VAL D 144 -34.81 -9.74 -37.71
N THR D 145 -34.75 -10.24 -36.48
CA THR D 145 -35.87 -10.98 -35.88
C THR D 145 -36.32 -10.30 -34.62
N ILE D 146 -37.61 -10.40 -34.32
CA ILE D 146 -38.18 -9.84 -33.09
C ILE D 146 -39.11 -10.84 -32.44
N ARG D 147 -38.91 -11.07 -31.15
CA ARG D 147 -39.82 -11.86 -30.35
C ARG D 147 -40.26 -11.09 -29.12
N PHE D 148 -41.47 -11.41 -28.65
CA PHE D 148 -41.92 -11.06 -27.32
C PHE D 148 -42.00 -12.37 -26.60
N GLY D 149 -41.48 -12.43 -25.39
CA GLY D 149 -41.34 -13.69 -24.70
C GLY D 149 -40.69 -14.70 -25.64
N GLU D 150 -41.32 -15.86 -25.73
CA GLU D 150 -40.81 -16.95 -26.52
C GLU D 150 -41.51 -17.06 -27.88
N VAL D 151 -42.12 -15.98 -28.32
CA VAL D 151 -42.88 -15.99 -29.55
C VAL D 151 -42.25 -15.07 -30.61
N GLU D 152 -41.64 -15.66 -31.63
CA GLU D 152 -41.06 -14.87 -32.71
C GLU D 152 -42.17 -14.38 -33.65
N VAL D 153 -42.25 -13.05 -33.83
CA VAL D 153 -43.35 -12.43 -34.58
C VAL D 153 -42.90 -11.77 -35.89
N TYR D 154 -41.59 -11.60 -36.05
CA TYR D 154 -41.01 -10.97 -37.22
C TYR D 154 -39.68 -11.67 -37.44
N PRO D 155 -39.34 -12.02 -38.71
CA PRO D 155 -40.03 -11.78 -39.98
C PRO D 155 -41.24 -12.69 -40.27
N PRO D 156 -42.13 -12.28 -41.21
CA PRO D 156 -43.21 -13.14 -41.65
C PRO D 156 -42.66 -14.27 -42.52
N LYS D 157 -43.18 -15.47 -42.36
CA LYS D 157 -42.64 -16.65 -43.05
C LYS D 157 -43.30 -16.96 -44.37
N ALA D 158 -44.54 -16.56 -44.52
CA ALA D 158 -45.33 -16.93 -45.69
C ALA D 158 -46.16 -15.72 -46.05
N ARG D 159 -47.47 -15.85 -46.04
CA ARG D 159 -48.44 -14.75 -46.26
C ARG D 159 -48.31 -13.35 -45.51
N GLY D 160 -49.38 -12.54 -45.70
CA GLY D 160 -50.80 -12.91 -45.43
C GLY D 160 -50.85 -12.86 -43.89
N ASP D 161 -52.04 -12.78 -43.27
CA ASP D 161 -52.08 -12.57 -41.80
C ASP D 161 -52.34 -13.76 -40.85
N GLN D 162 -52.33 -15.00 -41.37
CA GLN D 162 -52.04 -16.24 -40.59
C GLN D 162 -52.44 -16.40 -39.12
N ALA D 163 -51.85 -15.52 -38.37
CA ALA D 163 -51.18 -15.91 -37.18
C ALA D 163 -49.76 -15.48 -37.39
N ASP D 164 -49.44 -14.32 -37.98
CA ASP D 164 -49.65 -13.09 -37.30
C ASP D 164 -50.86 -13.15 -36.36
N ASP D 165 -52.10 -13.25 -36.84
CA ASP D 165 -53.24 -13.51 -35.90
C ASP D 165 -52.87 -14.45 -34.70
N ALA D 166 -52.79 -15.76 -34.91
CA ALA D 166 -52.15 -16.72 -33.98
C ALA D 166 -50.76 -16.21 -33.80
N LEU D 167 -50.26 -16.00 -32.60
CA LEU D 167 -48.86 -15.49 -32.49
C LEU D 167 -48.93 -14.12 -31.84
N ARG D 168 -49.56 -13.18 -32.52
CA ARG D 168 -49.97 -11.95 -31.87
C ARG D 168 -50.84 -12.27 -30.63
N ALA D 169 -51.78 -13.21 -30.78
CA ALA D 169 -52.62 -13.71 -29.65
C ALA D 169 -51.81 -14.29 -28.48
N ALA D 170 -50.66 -14.90 -28.79
CA ALA D 170 -49.79 -15.47 -27.75
C ALA D 170 -48.98 -14.37 -27.14
N VAL D 171 -48.51 -13.42 -27.96
CA VAL D 171 -47.73 -12.27 -27.45
C VAL D 171 -48.59 -11.52 -26.45
N ALA D 172 -49.88 -11.33 -26.79
CA ALA D 172 -50.89 -10.77 -25.88
C ALA D 172 -50.86 -11.45 -24.52
N GLU D 173 -50.75 -12.79 -24.51
CA GLU D 173 -50.69 -13.56 -23.27
C GLU D 173 -49.46 -13.27 -22.40
N HIS D 174 -48.29 -13.25 -23.01
CA HIS D 174 -47.05 -12.95 -22.32
C HIS D 174 -47.04 -11.51 -21.80
N LEU D 175 -47.60 -10.59 -22.58
CA LEU D 175 -47.74 -9.20 -22.17
C LEU D 175 -48.54 -9.02 -20.85
N ARG D 176 -49.44 -9.96 -20.54
CA ARG D 176 -50.25 -9.88 -19.32
C ARG D 176 -49.41 -10.05 -18.03
N GLY D 177 -48.24 -10.65 -18.16
CA GLY D 177 -47.28 -10.73 -17.06
C GLY D 177 -46.72 -9.38 -16.58
N ASP D 178 -46.21 -9.37 -15.34
CA ASP D 178 -45.61 -8.12 -14.81
C ASP D 178 -44.13 -7.95 -15.30
N GLU D 179 -43.59 -8.98 -15.95
CA GLU D 179 -42.25 -8.88 -16.54
C GLU D 179 -42.24 -9.31 -17.99
N VAL D 180 -41.85 -8.39 -18.87
CA VAL D 180 -41.98 -8.61 -20.29
C VAL D 180 -40.59 -8.68 -20.94
N VAL D 181 -40.38 -9.66 -21.82
CA VAL D 181 -39.15 -9.74 -22.61
C VAL D 181 -39.38 -9.42 -24.11
N ILE D 182 -38.51 -8.58 -24.65
CA ILE D 182 -38.46 -8.35 -26.08
C ILE D 182 -37.07 -8.73 -26.54
N GLY D 183 -37.00 -9.82 -27.32
CA GLY D 183 -35.76 -10.33 -27.88
C GLY D 183 -35.65 -9.86 -29.29
N ILE D 184 -34.48 -9.39 -29.67
CA ILE D 184 -34.23 -8.82 -30.98
C ILE D 184 -32.88 -9.35 -31.44
N ASP D 185 -32.80 -9.91 -32.64
CA ASP D 185 -31.51 -10.33 -33.17
C ASP D 185 -31.24 -9.66 -34.47
N LEU D 186 -30.05 -9.11 -34.63
CA LEU D 186 -29.73 -8.26 -35.77
C LEU D 186 -28.97 -8.97 -36.88
N ALA D 187 -28.52 -10.19 -36.56
CA ALA D 187 -27.84 -11.07 -37.51
C ALA D 187 -26.64 -10.36 -38.18
N ILE D 188 -25.91 -9.55 -37.40
CA ILE D 188 -24.72 -8.90 -37.90
C ILE D 188 -23.42 -9.56 -37.43
N ALA D 189 -23.29 -9.77 -36.13
CA ALA D 189 -22.14 -10.46 -35.57
C ALA D 189 -22.52 -11.02 -34.18
N ASP D 190 -21.70 -10.77 -33.17
CA ASP D 190 -21.85 -11.40 -31.85
C ASP D 190 -22.16 -10.42 -30.72
N GLY D 191 -22.39 -9.15 -31.07
CA GLY D 191 -22.70 -8.13 -30.05
C GLY D 191 -23.97 -8.49 -29.30
N ALA D 192 -23.92 -8.38 -27.97
CA ALA D 192 -25.07 -8.74 -27.13
C ALA D 192 -25.20 -7.79 -25.92
N PHE D 193 -26.45 -7.40 -25.62
CA PHE D 193 -26.73 -6.59 -24.49
C PHE D 193 -28.20 -6.70 -24.08
N THR D 194 -28.41 -6.77 -22.78
CA THR D 194 -29.72 -6.68 -22.19
C THR D 194 -29.87 -5.29 -21.51
N VAL D 195 -30.98 -4.61 -21.75
CA VAL D 195 -31.34 -3.43 -20.97
C VAL D 195 -32.72 -3.63 -20.30
N TYR D 196 -32.98 -2.79 -19.30
CA TYR D 196 -34.18 -2.86 -18.47
C TYR D 196 -34.86 -1.49 -18.45
N GLY D 197 -36.19 -1.50 -18.48
CA GLY D 197 -37.06 -0.31 -18.45
C GLY D 197 -38.44 -0.78 -18.03
N CYS D 198 -39.50 -0.06 -18.37
CA CYS D 198 -40.84 -0.41 -17.86
C CYS D 198 -41.89 0.12 -18.82
N ASP D 199 -43.18 -0.14 -18.55
CA ASP D 199 -44.20 0.43 -19.39
C ASP D 199 -44.43 1.91 -19.01
N LEU D 200 -45.17 2.60 -19.86
CA LEU D 200 -45.62 3.95 -19.66
C LEU D 200 -47.11 3.88 -19.26
N THR D 201 -47.41 4.51 -18.14
CA THR D 201 -48.73 4.49 -17.54
C THR D 201 -49.23 5.89 -17.20
N GLU D 202 -50.57 5.98 -17.08
CA GLU D 202 -51.27 7.19 -16.69
C GLU D 202 -50.70 7.65 -15.34
N GLY D 203 -50.33 6.67 -14.53
CA GLY D 203 -49.74 6.89 -13.21
C GLY D 203 -48.39 7.63 -13.23
N TYR D 204 -47.53 7.31 -14.21
CA TYR D 204 -46.32 8.12 -14.53
C TYR D 204 -46.72 9.57 -14.78
N VAL D 205 -47.69 9.78 -15.68
CA VAL D 205 -48.09 11.12 -16.09
C VAL D 205 -48.60 11.93 -14.92
N ARG D 206 -49.58 11.35 -14.21
CA ARG D 206 -50.27 11.99 -13.09
C ARG D 206 -49.26 12.37 -11.98
N LEU D 207 -48.45 11.41 -11.57
CA LEU D 207 -47.41 11.67 -10.57
C LEU D 207 -46.50 12.86 -10.96
N ASN D 208 -46.04 12.83 -12.20
CA ASN D 208 -45.13 13.82 -12.65
C ASN D 208 -45.74 15.12 -13.12
N SER D 209 -47.05 15.14 -13.31
CA SER D 209 -47.82 16.35 -13.54
C SER D 209 -48.26 17.03 -12.25
N GLU D 210 -48.58 16.27 -11.22
CA GLU D 210 -49.37 16.79 -10.09
C GLU D 210 -48.64 17.20 -8.83
N THR E 1 -0.37 -10.02 15.46
CA THR E 1 -1.09 -11.19 14.84
C THR E 1 -2.63 -11.14 14.93
N PRO E 2 -3.21 -10.53 15.99
CA PRO E 2 -4.70 -10.43 15.96
C PRO E 2 -5.24 -9.53 14.86
N ARG E 3 -6.37 -9.95 14.29
CA ARG E 3 -6.97 -9.27 13.15
C ARG E 3 -7.43 -7.90 13.59
N GLY E 4 -7.17 -6.91 12.77
CA GLY E 4 -7.71 -5.57 12.98
C GLY E 4 -6.86 -4.59 13.78
N PHE E 5 -5.75 -5.07 14.36
CA PHE E 5 -4.92 -4.24 15.21
C PHE E 5 -3.67 -3.78 14.46
N VAL E 6 -3.45 -2.48 14.53
CA VAL E 6 -2.34 -1.81 13.89
C VAL E 6 -1.58 -1.11 15.00
N VAL E 7 -0.28 -0.84 14.75
CA VAL E 7 0.58 -0.13 15.68
C VAL E 7 1.32 1.01 14.99
N HIS E 8 1.23 2.19 15.55
CA HIS E 8 2.02 3.31 15.12
C HIS E 8 2.99 3.54 16.25
N THR E 9 4.27 3.70 15.90
CA THR E 9 5.30 4.12 16.85
C THR E 9 6.18 5.21 16.19
N ALA E 10 6.64 6.18 16.98
CA ALA E 10 7.43 7.25 16.43
C ALA E 10 8.20 7.98 17.54
N PRO E 11 9.37 8.57 17.21
CA PRO E 11 10.06 9.49 18.13
C PRO E 11 9.42 10.87 18.23
N VAL E 12 9.13 11.35 19.44
CA VAL E 12 8.63 12.73 19.60
C VAL E 12 9.45 13.59 20.61
N GLY E 13 10.57 13.03 21.05
CA GLY E 13 11.51 13.74 21.88
C GLY E 13 11.07 13.87 23.33
N LEU E 14 10.40 12.85 23.86
CA LEU E 14 10.08 12.80 25.29
C LEU E 14 11.38 12.64 26.08
N ALA E 15 12.35 11.96 25.47
CA ALA E 15 13.76 12.03 25.85
C ALA E 15 14.57 12.38 24.59
N ASP E 16 15.80 12.81 24.76
CA ASP E 16 16.56 13.37 23.63
C ASP E 16 17.53 12.34 23.02
N ASP E 17 16.97 11.27 22.53
CA ASP E 17 17.73 10.18 21.99
C ASP E 17 17.26 9.64 20.64
N GLY E 18 16.28 10.27 20.00
CA GLY E 18 15.73 9.79 18.72
C GLY E 18 14.97 8.47 18.77
N ARG E 19 14.69 7.94 19.97
CA ARG E 19 14.06 6.64 20.13
C ARG E 19 12.55 6.78 20.03
N ASP E 20 11.89 5.73 19.56
CA ASP E 20 10.42 5.70 19.52
C ASP E 20 9.94 5.84 20.95
N ASP E 21 9.16 6.88 21.20
CA ASP E 21 8.57 7.06 22.51
C ASP E 21 7.08 7.48 22.48
N PHE E 22 6.47 7.41 21.31
CA PHE E 22 5.04 7.76 21.15
C PHE E 22 4.43 6.58 20.43
N THR E 23 3.42 5.94 21.03
CA THR E 23 2.78 4.77 20.43
C THR E 23 1.29 4.97 20.28
N VAL E 24 0.74 4.50 19.14
CA VAL E 24 -0.69 4.35 19.02
C VAL E 24 -1.04 2.92 18.67
N LEU E 25 -1.81 2.28 19.56
CA LEU E 25 -2.41 0.98 19.28
C LEU E 25 -3.87 1.24 18.94
N ALA E 26 -4.41 0.68 17.86
CA ALA E 26 -5.83 0.91 17.52
C ALA E 26 -6.42 -0.32 16.83
N SER E 27 -7.72 -0.55 17.07
CA SER E 27 -8.51 -1.54 16.30
C SER E 27 -9.22 -0.84 15.15
N THR E 28 -9.18 -1.47 13.97
CA THR E 28 -9.96 -1.04 12.81
C THR E 28 -11.47 -1.29 13.01
N ALA E 29 -11.81 -2.12 13.99
CA ALA E 29 -13.15 -2.55 14.25
C ALA E 29 -13.50 -2.12 15.66
N PRO E 30 -14.79 -1.85 15.91
CA PRO E 30 -15.22 -1.67 17.30
C PRO E 30 -14.72 -2.80 18.21
N ALA E 31 -14.42 -2.44 19.45
CA ALA E 31 -13.83 -3.33 20.44
C ALA E 31 -14.51 -3.10 21.78
N THR E 32 -14.77 -4.21 22.49
CA THR E 32 -15.14 -4.12 23.88
C THR E 32 -13.87 -4.01 24.67
N VAL E 33 -13.87 -3.13 25.67
CA VAL E 33 -12.70 -2.87 26.47
C VAL E 33 -12.94 -3.20 27.97
N SER E 34 -11.88 -3.70 28.61
CA SER E 34 -11.78 -3.84 30.08
C SER E 34 -10.43 -3.22 30.54
N ALA E 35 -10.46 -2.40 31.56
CA ALA E 35 -9.26 -1.72 32.03
C ALA E 35 -9.25 -1.61 33.54
N VAL E 36 -8.07 -1.62 34.15
CA VAL E 36 -7.93 -1.28 35.56
C VAL E 36 -6.78 -0.27 35.74
N PHE E 37 -6.83 0.53 36.80
CA PHE E 37 -5.86 1.61 36.95
C PHE E 37 -5.34 1.79 38.39
N THR E 38 -4.21 2.51 38.48
CA THR E 38 -3.79 3.09 39.77
C THR E 38 -5.08 3.63 40.45
N ARG E 39 -5.17 3.53 41.77
CA ARG E 39 -5.87 4.49 42.64
C ARG E 39 -5.07 5.48 43.45
N SER E 40 -3.91 5.81 42.94
CA SER E 40 -3.06 6.78 43.56
C SER E 40 -3.81 8.09 43.79
N ARG E 41 -3.53 8.73 44.90
CA ARG E 41 -3.99 10.10 45.13
C ARG E 41 -3.39 11.11 44.19
N PHE E 42 -2.22 10.77 43.61
CA PHE E 42 -1.57 11.62 42.58
C PHE E 42 -1.75 11.02 41.16
N ALA E 43 -2.82 10.22 41.01
CA ALA E 43 -3.14 9.63 39.72
C ALA E 43 -3.07 10.72 38.64
N GLY E 44 -2.38 10.42 37.54
CA GLY E 44 -2.14 11.39 36.46
C GLY E 44 -3.43 11.69 35.67
N PRO E 45 -3.50 12.87 35.03
CA PRO E 45 -4.66 13.19 34.20
C PRO E 45 -4.97 12.14 33.13
N SER E 46 -3.94 11.45 32.60
CA SER E 46 -4.16 10.37 31.62
C SER E 46 -5.15 9.31 32.13
N VAL E 47 -5.01 8.97 33.42
CA VAL E 47 -5.78 7.90 34.08
C VAL E 47 -7.23 8.27 34.21
N VAL E 48 -7.51 9.52 34.56
CA VAL E 48 -8.88 10.00 34.71
C VAL E 48 -9.62 9.81 33.39
N LEU E 49 -9.00 10.23 32.28
CA LEU E 49 -9.62 10.16 30.94
C LEU E 49 -9.82 8.71 30.53
N CYS E 50 -8.85 7.86 30.79
CA CYS E 50 -9.02 6.41 30.52
C CYS E 50 -10.23 5.87 31.23
N ARG E 51 -10.42 6.18 32.50
CA ARG E 51 -11.63 5.74 33.21
C ARG E 51 -12.92 6.18 32.50
N GLU E 52 -13.04 7.47 32.24
CA GLU E 52 -14.15 7.98 31.45
C GLU E 52 -14.35 7.14 30.17
N ALA E 53 -13.28 6.92 29.41
CA ALA E 53 -13.32 6.29 28.09
C ALA E 53 -13.75 4.81 28.15
N VAL E 54 -13.45 4.12 29.23
CA VAL E 54 -13.90 2.74 29.35
C VAL E 54 -15.21 2.60 30.11
N ALA E 55 -15.79 3.69 30.59
CA ALA E 55 -17.08 3.60 31.29
C ALA E 55 -18.16 2.89 30.48
N ASP E 56 -18.24 3.09 29.16
CA ASP E 56 -19.31 2.48 28.36
C ASP E 56 -18.91 1.10 27.83
N GLY E 57 -17.74 0.62 28.23
CA GLY E 57 -17.24 -0.68 27.78
C GLY E 57 -16.76 -0.72 26.33
N GLN E 58 -16.54 0.46 25.75
CA GLN E 58 -16.31 0.60 24.32
C GLN E 58 -15.06 1.45 24.13
N ALA E 59 -14.06 0.89 23.46
CA ALA E 59 -12.89 1.66 23.10
C ALA E 59 -12.12 0.98 21.96
N ARG E 60 -11.31 1.74 21.24
CA ARG E 60 -10.62 1.16 20.08
C ARG E 60 -9.11 1.25 20.12
N GLY E 61 -8.57 1.96 21.10
CA GLY E 61 -7.11 2.08 21.16
C GLY E 61 -6.57 2.87 22.32
N VAL E 62 -5.30 3.15 22.24
CA VAL E 62 -4.62 3.90 23.29
C VAL E 62 -3.39 4.54 22.71
N VAL E 63 -3.18 5.83 23.00
CA VAL E 63 -1.93 6.50 22.76
C VAL E 63 -1.10 6.47 24.02
N VAL E 64 0.18 6.11 23.86
CA VAL E 64 1.09 5.92 24.99
C VAL E 64 2.33 6.78 24.80
N LEU E 65 2.63 7.61 25.78
CA LEU E 65 3.87 8.40 25.72
C LEU E 65 4.83 7.93 26.80
N ALA E 66 6.10 7.71 26.42
CA ALA E 66 7.15 7.09 27.29
C ALA E 66 8.29 8.05 27.54
N ARG E 67 8.76 8.04 28.77
CA ARG E 67 9.75 8.98 29.34
C ARG E 67 9.18 10.36 29.67
N ASN E 68 7.85 10.41 29.80
CA ASN E 68 7.23 11.49 30.58
C ASN E 68 5.86 11.00 31.00
N ALA E 69 5.64 10.98 32.31
CA ALA E 69 4.41 10.52 32.92
C ALA E 69 3.22 11.46 32.74
N ASN E 70 3.49 12.77 32.63
CA ASN E 70 2.48 13.82 32.69
C ASN E 70 1.66 13.73 33.94
N VAL E 71 2.37 13.77 35.07
CA VAL E 71 1.82 13.62 36.42
C VAL E 71 2.28 14.81 37.27
N ALA E 72 1.39 15.32 38.11
CA ALA E 72 1.67 16.47 38.97
C ALA E 72 2.09 17.70 38.14
N THR E 73 1.44 17.85 36.97
CA THR E 73 1.74 18.91 35.99
C THR E 73 0.63 19.98 35.93
N GLY E 74 -0.32 19.85 36.86
CA GLY E 74 -1.37 20.83 37.02
C GLY E 74 -2.38 20.84 35.90
N LEU E 75 -2.92 22.02 35.66
CA LEU E 75 -3.93 22.26 34.66
C LEU E 75 -3.33 22.24 33.28
N GLU E 76 -2.11 22.78 33.15
CA GLU E 76 -1.33 22.63 31.95
C GLU E 76 -1.29 21.15 31.50
N GLY E 77 -0.86 20.26 32.38
CA GLY E 77 -0.82 18.85 32.05
C GLY E 77 -2.17 18.24 31.74
N GLU E 78 -3.23 18.73 32.40
CA GLU E 78 -4.59 18.23 32.14
C GLU E 78 -5.00 18.59 30.71
N GLU E 79 -4.82 19.86 30.38
CA GLU E 79 -5.05 20.32 29.02
C GLU E 79 -4.22 19.47 28.07
N ASN E 80 -2.94 19.28 28.36
CA ASN E 80 -2.08 18.49 27.45
C ASN E 80 -2.56 17.04 27.24
N ALA E 81 -3.06 16.42 28.30
CA ALA E 81 -3.56 15.05 28.22
C ALA E 81 -4.72 15.00 27.24
N ARG E 82 -5.63 15.97 27.39
CA ARG E 82 -6.85 16.02 26.59
C ARG E 82 -6.55 16.34 25.17
N GLU E 83 -5.67 17.32 24.98
CA GLU E 83 -5.27 17.70 23.63
C GLU E 83 -4.70 16.49 22.89
N VAL E 84 -3.82 15.77 23.53
CA VAL E 84 -3.14 14.68 22.85
C VAL E 84 -4.14 13.52 22.57
N ARG E 85 -4.92 13.16 23.57
CA ARG E 85 -5.87 12.07 23.42
C ARG E 85 -6.87 12.39 22.28
N GLU E 86 -7.37 13.62 22.27
CA GLU E 86 -8.30 14.02 21.26
C GLU E 86 -7.69 14.11 19.86
N ALA E 87 -6.47 14.64 19.77
CA ALA E 87 -5.82 14.83 18.48
C ALA E 87 -5.56 13.45 17.84
N VAL E 88 -5.31 12.43 18.67
CA VAL E 88 -5.10 11.07 18.17
C VAL E 88 -6.40 10.52 17.68
N ALA E 89 -7.46 10.64 18.48
CA ALA E 89 -8.82 10.23 18.08
C ALA E 89 -9.21 10.84 16.73
N ARG E 90 -9.06 12.16 16.65
CA ARG E 90 -9.45 12.95 15.50
C ARG E 90 -8.64 12.57 14.26
N ALA E 91 -7.36 12.34 14.43
CA ALA E 91 -6.47 12.00 13.30
C ALA E 91 -6.83 10.62 12.72
N LEU E 92 -7.40 9.74 13.52
CA LEU E 92 -7.76 8.42 13.00
C LEU E 92 -9.25 8.31 12.72
N GLY E 93 -10.00 9.39 12.90
CA GLY E 93 -11.42 9.34 12.70
C GLY E 93 -12.14 8.36 13.62
N LEU E 94 -11.72 8.34 14.89
CA LEU E 94 -12.43 7.64 15.97
C LEU E 94 -13.06 8.65 16.93
N PRO E 95 -14.10 8.24 17.69
CA PRO E 95 -14.63 9.14 18.73
C PRO E 95 -13.64 9.27 19.89
N GLU E 96 -13.50 10.51 20.40
CA GLU E 96 -12.71 10.78 21.60
C GLU E 96 -12.82 9.70 22.64
N GLY E 97 -14.04 9.35 23.03
CA GLY E 97 -14.26 8.41 24.10
C GLY E 97 -13.99 6.98 23.80
N GLU E 98 -13.49 6.69 22.61
CA GLU E 98 -12.99 5.34 22.27
C GLU E 98 -11.47 5.27 22.17
N MET E 99 -10.79 6.34 22.55
CA MET E 99 -9.33 6.40 22.57
C MET E 99 -8.90 6.61 24.02
N LEU E 100 -8.09 5.69 24.54
CA LEU E 100 -7.48 5.96 25.85
C LEU E 100 -6.11 6.63 25.68
N ILE E 101 -5.54 7.10 26.79
CA ILE E 101 -4.22 7.67 26.79
C ILE E 101 -3.45 7.16 27.99
N ALA E 102 -2.17 6.84 27.80
CA ALA E 102 -1.33 6.34 28.89
C ALA E 102 0.06 6.97 28.76
N SER E 103 0.72 7.23 29.90
CA SER E 103 1.97 8.00 29.90
C SER E 103 2.84 7.58 31.05
N THR E 104 4.14 7.41 30.78
CA THR E 104 5.06 6.84 31.76
C THR E 104 6.39 7.50 31.63
N GLY E 105 7.12 7.52 32.75
CA GLY E 105 8.40 8.23 32.90
C GLY E 105 8.36 9.26 34.02
N VAL E 106 9.05 10.38 33.81
CA VAL E 106 9.23 11.37 34.89
C VAL E 106 7.91 11.96 35.38
N ILE E 107 7.87 12.23 36.68
CA ILE E 107 6.79 12.96 37.32
C ILE E 107 7.21 14.43 37.48
N GLY E 108 6.29 15.35 37.18
CA GLY E 108 6.51 16.78 37.46
C GLY E 108 7.15 17.55 36.33
N ARG E 109 7.10 16.98 35.13
CA ARG E 109 7.67 17.55 33.92
C ARG E 109 6.59 17.68 32.81
N GLN E 110 6.47 18.89 32.28
CA GLN E 110 5.51 19.17 31.24
C GLN E 110 5.95 18.52 29.98
N TYR E 111 4.97 18.09 29.18
CA TYR E 111 5.24 17.51 27.86
C TYR E 111 5.92 18.56 26.95
N PRO E 112 6.78 18.10 26.01
CA PRO E 112 7.29 18.92 24.96
C PRO E 112 6.21 19.03 23.89
N MET E 113 5.33 20.01 24.04
CA MET E 113 4.07 20.02 23.29
C MET E 113 4.20 20.37 21.83
N GLU E 114 5.14 21.26 21.51
CA GLU E 114 5.37 21.60 20.10
C GLU E 114 5.89 20.41 19.28
N SER E 115 6.83 19.67 19.84
CA SER E 115 7.30 18.44 19.21
C SER E 115 6.16 17.43 18.98
N ILE E 116 5.31 17.26 20.01
CA ILE E 116 4.14 16.39 19.94
C ILE E 116 3.09 16.92 18.94
N ARG E 117 2.84 18.23 19.00
CA ARG E 117 1.92 18.86 18.06
C ARG E 117 2.32 18.69 16.61
N GLU E 118 3.61 18.83 16.31
CA GLU E 118 4.06 18.64 14.93
C GLU E 118 3.85 17.21 14.50
N HIS E 119 4.10 16.25 15.39
CA HIS E 119 3.96 14.84 15.01
C HIS E 119 2.51 14.50 14.74
N LEU E 120 1.63 14.90 15.66
CA LEU E 120 0.21 14.64 15.53
C LEU E 120 -0.35 15.05 14.19
N LYS E 121 0.03 16.23 13.69
CA LYS E 121 -0.38 16.68 12.34
C LYS E 121 -0.06 15.69 11.18
N THR E 122 0.93 14.81 11.37
CA THR E 122 1.31 13.80 10.37
C THR E 122 0.69 12.42 10.61
N LEU E 123 -0.02 12.25 11.71
CA LEU E 123 -0.48 10.94 12.15
C LEU E 123 -1.64 10.45 11.32
N GLU E 124 -1.54 9.19 10.87
CA GLU E 124 -2.64 8.48 10.21
C GLU E 124 -2.49 6.98 10.34
N TRP E 125 -3.50 6.26 9.86
CA TRP E 125 -3.57 4.82 10.07
C TRP E 125 -2.37 4.13 9.51
N PRO E 126 -1.71 3.31 10.32
CA PRO E 126 -0.65 2.48 9.74
C PRO E 126 -1.18 1.73 8.53
N ALA E 127 -0.41 1.64 7.46
CA ALA E 127 -0.67 0.65 6.42
C ALA E 127 -0.32 -0.75 6.99
N GLY E 128 -1.27 -1.68 6.91
CA GLY E 128 -1.03 -3.04 7.40
C GLY E 128 -1.14 -3.19 8.90
N GLU E 129 -1.40 -4.43 9.35
CA GLU E 129 -1.64 -4.79 10.75
C GLU E 129 -0.32 -5.18 11.42
N GLY E 130 -0.39 -5.38 12.74
CA GLY E 130 0.76 -5.79 13.54
C GLY E 130 1.67 -4.65 13.97
N GLY E 131 2.79 -5.04 14.56
CA GLY E 131 3.78 -4.12 15.11
C GLY E 131 3.85 -4.06 16.63
N PHE E 132 3.40 -5.13 17.30
CA PHE E 132 3.35 -5.13 18.77
C PHE E 132 4.76 -5.16 19.38
N ASP E 133 5.65 -5.79 18.64
CA ASP E 133 7.07 -5.76 18.92
C ASP E 133 7.60 -4.33 18.98
N ARG E 134 7.25 -3.49 18.00
CA ARG E 134 7.54 -2.04 18.02
C ARG E 134 6.89 -1.29 19.18
N ALA E 135 5.62 -1.56 19.46
CA ALA E 135 4.94 -1.00 20.62
C ALA E 135 5.68 -1.41 21.94
N ALA E 136 6.03 -2.68 22.03
CA ALA E 136 6.72 -3.19 23.24
C ALA E 136 8.00 -2.41 23.49
N ARG E 137 8.74 -2.09 22.42
CA ARG E 137 9.97 -1.27 22.55
C ARG E 137 9.68 0.19 22.87
N ALA E 138 8.69 0.77 22.20
CA ALA E 138 8.43 2.20 22.31
C ALA E 138 7.89 2.60 23.71
N ILE E 139 7.33 1.65 24.44
CA ILE E 139 6.73 1.93 25.77
C ILE E 139 7.77 1.79 26.91
N MET E 140 8.93 1.21 26.62
CA MET E 140 9.96 1.00 27.64
C MET E 140 10.46 2.31 28.26
N THR E 141 10.82 2.25 29.54
CA THR E 141 11.60 3.32 30.18
C THR E 141 12.91 2.80 30.76
N THR E 142 12.87 2.36 32.02
CA THR E 142 14.03 1.73 32.66
C THR E 142 14.01 0.20 32.50
N ASP E 143 13.08 -0.33 31.73
CA ASP E 143 13.16 -1.71 31.28
C ASP E 143 14.47 -1.96 30.51
N THR E 144 15.05 -3.16 30.64
CA THR E 144 16.25 -3.50 29.85
C THR E 144 15.88 -4.31 28.60
N ARG E 145 14.68 -4.86 28.62
CA ARG E 145 14.17 -5.57 27.44
C ARG E 145 12.68 -5.35 27.23
N PRO E 146 12.20 -5.44 25.96
CA PRO E 146 10.78 -5.43 25.69
C PRO E 146 10.15 -6.70 26.21
N LYS E 147 8.88 -6.59 26.56
CA LYS E 147 8.12 -7.67 27.14
C LYS E 147 6.88 -7.82 26.32
N GLU E 148 6.73 -9.02 25.75
CA GLU E 148 5.73 -9.31 24.76
C GLU E 148 5.35 -10.81 24.88
N VAL E 149 4.09 -11.12 24.63
CA VAL E 149 3.61 -12.50 24.67
C VAL E 149 2.40 -12.68 23.76
N ARG E 150 2.28 -13.90 23.24
CA ARG E 150 1.30 -14.24 22.24
C ARG E 150 0.71 -15.58 22.54
N VAL E 151 -0.62 -15.65 22.58
CA VAL E 151 -1.32 -16.92 22.75
C VAL E 151 -2.42 -17.07 21.68
N SER E 152 -2.63 -18.29 21.19
CA SER E 152 -3.78 -18.61 20.36
C SER E 152 -4.87 -19.22 21.24
N VAL E 153 -6.13 -18.84 20.99
CA VAL E 153 -7.29 -19.52 21.59
C VAL E 153 -8.49 -19.61 20.65
N GLY E 154 -8.93 -20.84 20.40
CA GLY E 154 -10.16 -21.09 19.67
C GLY E 154 -10.22 -20.31 18.38
N GLY E 155 -9.07 -20.20 17.71
CA GLY E 155 -9.03 -19.57 16.40
C GLY E 155 -8.78 -18.09 16.45
N ALA E 156 -8.79 -17.53 17.67
CA ALA E 156 -8.46 -16.14 17.87
C ALA E 156 -7.01 -16.03 18.38
N THR E 157 -6.48 -14.82 18.36
CA THR E 157 -5.14 -14.54 18.84
C THR E 157 -5.23 -13.53 19.96
N LEU E 158 -4.34 -13.67 20.93
CA LEU E 158 -4.22 -12.72 21.99
C LEU E 158 -2.75 -12.38 22.08
N VAL E 159 -2.46 -11.08 22.00
CA VAL E 159 -1.11 -10.54 22.17
C VAL E 159 -1.12 -9.57 23.35
N GLY E 160 -0.14 -9.71 24.22
CA GLY E 160 0.00 -8.78 25.31
C GLY E 160 1.41 -8.20 25.30
N ILE E 161 1.51 -6.91 25.65
CA ILE E 161 2.77 -6.27 25.93
C ILE E 161 2.71 -5.60 27.32
N ALA E 162 3.86 -5.41 27.94
CA ALA E 162 3.94 -4.74 29.25
C ALA E 162 5.26 -4.03 29.42
N LYS E 163 5.26 -3.10 30.34
CA LYS E 163 6.47 -2.43 30.68
C LYS E 163 6.36 -2.02 32.15
N GLY E 164 7.49 -1.75 32.78
CA GLY E 164 7.51 -1.24 34.14
C GLY E 164 8.32 -2.14 35.05
N VAL E 165 9.49 -1.69 35.48
CA VAL E 165 10.32 -2.48 36.36
C VAL E 165 10.81 -1.70 37.60
N GLY E 166 10.31 -0.47 37.77
CA GLY E 166 10.51 0.30 39.00
C GLY E 166 9.25 1.12 39.24
N MET E 167 9.11 1.71 40.43
CA MET E 167 7.83 2.28 40.85
C MET E 167 6.74 1.26 40.50
N LEU E 168 6.92 0.07 41.06
CA LEU E 168 6.12 -1.09 40.70
C LEU E 168 5.62 -1.96 41.88
N GLU E 169 4.42 -1.61 42.38
CA GLU E 169 3.53 -2.54 43.05
C GLU E 169 2.12 -2.13 42.66
N PRO E 170 1.59 -2.71 41.57
CA PRO E 170 0.22 -2.36 41.14
C PRO E 170 -0.84 -2.78 42.10
N ASP E 171 -1.81 -1.88 42.30
CA ASP E 171 -2.97 -2.14 43.13
C ASP E 171 -4.11 -1.50 42.38
N MET E 172 -4.53 -2.16 41.29
CA MET E 172 -5.36 -1.52 40.27
C MET E 172 -6.79 -1.97 40.38
N ALA E 173 -7.70 -1.08 40.02
CA ALA E 173 -9.12 -1.43 40.02
C ALA E 173 -9.85 -0.53 39.02
CAA TH5 F 1 4.85 7.46 36.88
CAH TH5 F 1 4.96 6.18 36.06
OAD TH5 F 1 5.40 6.25 34.93
OG1 TH5 F 1 4.62 4.97 36.52
CB TH5 F 1 4.62 3.91 35.50
CG2 TH5 F 1 3.26 3.92 34.74
CA TH5 F 1 4.87 2.59 36.24
C TH5 F 1 4.93 1.37 35.37
N TH5 F 1 6.21 2.60 36.88
O TH5 F 1 5.74 1.34 34.43
N LEU F 2 4.24 0.42 35.71
CA LEU F 2 3.04 -0.55 35.08
C LEU F 2 2.19 0.11 33.99
N LEU F 3 2.55 -0.19 32.74
CA LEU F 3 1.63 -0.06 31.62
C LEU F 3 1.58 -1.45 30.96
N THR F 4 0.40 -2.00 30.80
CA THR F 4 0.23 -3.19 30.06
C THR F 4 -1.09 -3.19 29.26
N PHE F 5 -1.00 -3.68 28.03
CA PHE F 5 -2.11 -3.63 27.09
C PHE F 5 -2.23 -4.99 26.40
N PHE F 6 -3.46 -5.47 26.32
CA PHE F 6 -3.78 -6.69 25.63
C PHE F 6 -4.77 -6.42 24.49
N ALA F 7 -4.56 -7.07 23.36
CA ALA F 7 -5.35 -6.93 22.18
C ALA F 7 -5.68 -8.33 21.66
N THR F 8 -6.99 -8.55 21.41
CA THR F 8 -7.48 -9.81 20.86
C THR F 8 -8.56 -9.61 19.81
N ASP F 9 -8.60 -10.46 18.80
CA ASP F 9 -9.75 -10.52 17.87
C ASP F 9 -10.89 -11.48 18.34
N ALA F 10 -10.75 -12.02 19.56
CA ALA F 10 -11.83 -12.78 20.21
C ALA F 10 -13.09 -11.93 20.32
N ARG F 11 -14.25 -12.59 20.17
CA ARG F 11 -15.49 -12.03 20.63
C ARG F 11 -15.84 -12.65 21.94
N LEU F 12 -16.12 -11.78 22.93
CA LEU F 12 -16.43 -12.19 24.32
C LEU F 12 -17.70 -11.50 24.78
N ASP F 13 -18.44 -12.14 25.68
CA ASP F 13 -19.48 -11.43 26.40
C ASP F 13 -18.82 -10.30 27.22
N PRO F 14 -19.24 -9.04 27.02
CA PRO F 14 -18.65 -7.89 27.76
C PRO F 14 -18.63 -8.04 29.27
N ALA F 15 -19.72 -8.51 29.87
CA ALA F 15 -19.74 -8.74 31.33
C ALA F 15 -18.78 -9.85 31.75
N GLU F 16 -18.78 -11.01 31.07
CA GLU F 16 -17.81 -12.09 31.36
C GLU F 16 -16.41 -11.55 31.19
N GLN F 17 -16.19 -10.72 30.17
CA GLN F 17 -14.85 -10.19 29.85
C GLN F 17 -14.29 -9.35 30.98
N ASP F 18 -15.13 -8.49 31.56
CA ASP F 18 -14.71 -7.72 32.74
C ASP F 18 -14.40 -8.59 33.93
N ARG F 19 -15.26 -9.57 34.19
CA ARG F 19 -15.05 -10.47 35.33
C ARG F 19 -13.73 -11.16 35.20
N LEU F 20 -13.49 -11.78 34.06
CA LEU F 20 -12.31 -12.59 33.87
C LEU F 20 -11.05 -11.72 33.82
N PHE F 21 -11.15 -10.55 33.21
CA PHE F 21 -10.02 -9.62 33.20
C PHE F 21 -9.55 -9.30 34.62
N ARG F 22 -10.49 -8.98 35.49
CA ARG F 22 -10.20 -8.71 36.90
C ARG F 22 -9.62 -9.86 37.68
N ARG F 23 -10.17 -11.04 37.49
CA ARG F 23 -9.63 -12.22 38.15
C ARG F 23 -8.21 -12.42 37.78
N VAL F 24 -7.90 -12.34 36.49
CA VAL F 24 -6.49 -12.51 36.04
C VAL F 24 -5.62 -11.37 36.57
N MET F 25 -6.02 -10.12 36.39
CA MET F 25 -5.26 -9.00 36.95
C MET F 25 -4.89 -9.28 38.40
N ASP F 26 -5.88 -9.66 39.19
CA ASP F 26 -5.66 -9.84 40.62
C ASP F 26 -4.60 -10.87 40.96
N ARG F 27 -4.47 -11.90 40.13
CA ARG F 27 -3.50 -12.97 40.33
C ARG F 27 -2.19 -12.74 39.63
N THR F 28 -2.03 -11.63 38.90
CA THR F 28 -0.78 -11.39 38.14
C THR F 28 -0.25 -9.97 38.41
N PHE F 29 -0.74 -8.96 37.69
CA PHE F 29 -0.18 -7.65 37.82
C PHE F 29 -0.32 -7.05 39.21
N ASN F 30 -1.41 -7.40 39.91
CA ASN F 30 -1.64 -7.02 41.31
C ASN F 30 -1.03 -8.01 42.30
N ALA F 31 -0.07 -8.82 41.80
CA ALA F 31 0.58 -9.84 42.58
C ALA F 31 2.10 -9.67 42.49
N VAL F 32 2.56 -8.51 42.06
CA VAL F 32 3.98 -8.30 41.80
C VAL F 32 4.44 -7.02 42.50
N SER F 33 5.67 -7.08 43.02
CA SER F 33 6.25 -5.89 43.65
C SER F 33 7.77 -5.88 43.51
N ILE F 34 8.28 -4.83 42.89
CA ILE F 34 9.72 -4.61 42.81
C ILE F 34 10.15 -3.81 44.06
N ASP F 35 9.41 -2.73 44.37
CA ASP F 35 9.90 -1.77 45.37
C ASP F 35 8.77 -1.13 46.17
N THR F 36 7.61 -1.79 46.19
CA THR F 36 6.42 -1.36 46.92
C THR F 36 5.85 -0.02 46.45
N ASP F 37 6.53 0.62 45.50
CA ASP F 37 6.19 2.01 45.15
C ASP F 37 5.06 2.13 44.09
N THR F 38 3.85 1.74 44.52
CA THR F 38 2.63 1.90 43.73
C THR F 38 2.58 3.27 43.04
N SER F 39 2.67 3.27 41.72
CA SER F 39 2.72 4.51 40.94
C SER F 39 1.40 5.24 40.78
N THR F 40 1.54 6.45 40.24
CA THR F 40 0.48 7.42 40.00
C THR F 40 -0.13 7.20 38.58
N SER F 41 0.29 6.12 37.92
CA SER F 41 0.00 5.97 36.52
C SER F 41 -0.28 4.49 36.06
N ASP F 42 -0.26 3.51 36.96
CA ASP F 42 -0.48 2.11 36.55
C ASP F 42 -1.79 1.96 35.76
N THR F 43 -1.67 1.38 34.56
CA THR F 43 -2.81 1.21 33.66
C THR F 43 -2.71 -0.16 32.98
N ALA F 44 -3.77 -0.95 33.03
CA ALA F 44 -3.81 -2.29 32.39
C ALA F 44 -5.13 -2.38 31.63
N VAL F 45 -5.07 -2.69 30.33
CA VAL F 45 -6.25 -2.72 29.42
C VAL F 45 -6.30 -3.96 28.52
N LEU F 46 -7.54 -4.45 28.26
CA LEU F 46 -7.84 -5.45 27.27
C LEU F 46 -8.82 -4.87 26.27
N PHE F 47 -8.45 -4.93 24.99
CA PHE F 47 -9.36 -4.64 23.90
C PHE F 47 -9.65 -5.95 23.18
N ALA F 48 -10.93 -6.18 22.93
CA ALA F 48 -11.43 -7.35 22.23
C ALA F 48 -12.36 -6.88 21.11
N ASN F 49 -11.89 -6.96 19.89
CA ASN F 49 -12.74 -6.64 18.77
C ASN F 49 -13.33 -7.98 18.30
N GLY F 50 -14.32 -8.01 17.43
CA GLY F 50 -14.94 -9.37 17.28
C GLY F 50 -14.36 -10.29 16.19
N LEU F 51 -13.29 -9.84 15.55
CA LEU F 51 -13.03 -10.23 14.17
C LEU F 51 -12.77 -11.73 13.97
N ALA F 52 -12.29 -12.44 14.99
CA ALA F 52 -12.07 -13.88 14.82
C ALA F 52 -13.27 -14.70 15.31
N GLY F 53 -14.31 -14.03 15.83
CA GLY F 53 -15.53 -14.70 16.25
C GLY F 53 -15.47 -15.20 17.67
N GLU F 54 -16.58 -15.78 18.13
CA GLU F 54 -16.74 -16.21 19.51
C GLU F 54 -15.65 -17.17 19.97
N VAL F 55 -15.23 -16.98 21.22
CA VAL F 55 -14.28 -17.89 21.90
C VAL F 55 -14.81 -18.21 23.29
N ASP F 56 -14.70 -19.47 23.70
CA ASP F 56 -15.06 -19.89 25.06
C ASP F 56 -14.40 -18.96 26.11
N ALA F 57 -15.24 -18.44 27.00
CA ALA F 57 -14.78 -17.57 28.06
C ALA F 57 -13.65 -18.18 28.94
N GLY F 58 -13.80 -19.46 29.29
CA GLY F 58 -12.82 -20.18 30.13
C GLY F 58 -11.49 -20.43 29.44
N GLU F 59 -11.57 -20.81 28.16
CA GLU F 59 -10.35 -20.96 27.35
C GLU F 59 -9.63 -19.64 27.24
N PHE F 60 -10.36 -18.57 26.94
CA PHE F 60 -9.75 -17.25 26.87
C PHE F 60 -9.15 -16.81 28.20
N GLU F 61 -9.84 -17.07 29.30
CA GLU F 61 -9.35 -16.63 30.60
C GLU F 61 -8.04 -17.31 30.94
N GLU F 62 -8.01 -18.63 30.79
CA GLU F 62 -6.78 -19.42 30.85
C GLU F 62 -5.64 -18.81 30.03
N ALA F 63 -5.93 -18.42 28.78
CA ALA F 63 -4.92 -17.85 27.87
C ALA F 63 -4.47 -16.47 28.33
N LEU F 64 -5.42 -15.63 28.75
CA LEU F 64 -5.08 -14.32 29.31
C LEU F 64 -4.21 -14.48 30.56
N HIS F 65 -4.49 -15.51 31.36
CA HIS F 65 -3.73 -15.75 32.56
C HIS F 65 -2.30 -16.16 32.27
N THR F 66 -2.12 -17.02 31.27
CA THR F 66 -0.79 -17.41 30.85
C THR F 66 -0.02 -16.22 30.30
N ALA F 67 -0.67 -15.43 29.46
CA ALA F 67 -0.04 -14.25 28.90
C ALA F 67 0.37 -13.28 30.02
N ALA F 68 -0.56 -13.02 30.92
CA ALA F 68 -0.35 -12.02 31.97
C ALA F 68 0.79 -12.41 32.90
N LEU F 69 0.81 -13.70 33.29
CA LEU F 69 1.83 -14.28 34.17
C LEU F 69 3.22 -14.26 33.54
N ALA F 70 3.31 -14.70 32.30
CA ALA F 70 4.56 -14.58 31.58
C ALA F 70 5.06 -13.12 31.66
N LEU F 71 4.19 -12.14 31.32
CA LEU F 71 4.60 -10.72 31.43
C LEU F 71 5.03 -10.31 32.86
N VAL F 72 4.29 -10.76 33.87
CA VAL F 72 4.60 -10.46 35.27
C VAL F 72 6.01 -10.97 35.66
N LYS F 73 6.32 -12.21 35.33
CA LYS F 73 7.64 -12.78 35.58
C LYS F 73 8.73 -12.06 34.76
N ASP F 74 8.40 -11.63 33.55
CA ASP F 74 9.28 -10.75 32.78
C ASP F 74 9.66 -9.50 33.54
N ILE F 75 8.66 -8.84 34.11
CA ILE F 75 8.85 -7.60 34.88
C ILE F 75 9.68 -7.86 36.14
N ALA F 76 9.42 -8.98 36.81
CA ALA F 76 10.06 -9.29 38.08
C ALA F 76 11.48 -9.69 37.86
N SER F 77 11.75 -10.34 36.72
CA SER F 77 13.13 -10.65 36.29
C SER F 77 13.87 -9.43 35.85
N ASP F 78 13.16 -8.44 35.33
CA ASP F 78 13.79 -7.25 34.79
C ASP F 78 13.75 -6.12 35.78
N GLY F 79 13.51 -6.45 37.04
CA GLY F 79 13.37 -5.41 38.06
C GLY F 79 14.57 -4.50 38.04
N GLU F 80 14.35 -3.23 38.35
CA GLU F 80 15.47 -2.30 38.38
C GLU F 80 16.58 -2.91 39.26
N GLY F 81 17.76 -3.06 38.65
CA GLY F 81 18.91 -3.67 39.29
C GLY F 81 18.87 -5.18 39.62
N ALA F 82 17.77 -5.87 39.37
CA ALA F 82 17.66 -7.24 39.92
C ALA F 82 18.58 -8.23 39.23
N ALA F 83 19.05 -9.19 40.00
CA ALA F 83 19.75 -10.36 39.46
C ALA F 83 18.87 -11.60 39.64
N LYS F 84 17.83 -11.50 40.46
CA LYS F 84 17.07 -12.68 40.84
C LYS F 84 15.60 -12.36 40.96
N LEU F 85 14.78 -13.23 40.36
CA LEU F 85 13.35 -13.25 40.59
C LEU F 85 13.06 -13.98 41.92
N ILE F 86 12.24 -13.38 42.76
CA ILE F 86 11.76 -14.06 43.96
C ILE F 86 10.27 -14.38 43.81
N GLU F 87 9.95 -15.66 43.99
CA GLU F 87 8.61 -16.14 44.02
C GLU F 87 8.22 -16.61 45.44
N VAL F 88 7.26 -15.94 46.08
CA VAL F 88 6.80 -16.35 47.41
C VAL F 88 5.45 -17.08 47.37
N GLN F 89 5.49 -18.39 47.63
CA GLN F 89 4.32 -19.25 47.67
C GLN F 89 3.79 -19.56 49.06
N VAL F 90 2.69 -18.90 49.41
CA VAL F 90 2.07 -19.01 50.74
C VAL F 90 0.86 -19.91 50.68
N THR F 91 0.83 -20.89 51.59
CA THR F 91 -0.28 -21.82 51.69
C THR F 91 -0.67 -22.00 53.16
N GLY F 92 -1.87 -22.55 53.37
CA GLY F 92 -2.35 -22.90 54.70
C GLY F 92 -2.79 -21.68 55.43
N ALA F 93 -3.08 -20.63 54.68
CA ALA F 93 -3.51 -19.38 55.30
C ALA F 93 -4.95 -19.50 55.74
N ARG F 94 -5.44 -18.48 56.43
CA ARG F 94 -6.83 -18.38 56.83
C ARG F 94 -7.66 -18.31 55.57
N ASP F 95 -7.25 -17.42 54.66
CA ASP F 95 -7.93 -17.22 53.38
C ASP F 95 -6.87 -16.77 52.40
N ASP F 96 -7.26 -16.56 51.15
CA ASP F 96 -6.31 -16.21 50.10
C ASP F 96 -5.70 -14.86 50.35
N ALA F 97 -6.51 -13.94 50.86
CA ALA F 97 -6.13 -12.55 51.07
C ALA F 97 -5.01 -12.46 52.10
N GLN F 98 -5.11 -13.23 53.19
CA GLN F 98 -4.02 -13.31 54.16
C GLN F 98 -2.77 -13.95 53.55
N ALA F 99 -2.90 -15.02 52.81
CA ALA F 99 -1.77 -15.56 52.03
C ALA F 99 -1.10 -14.46 51.15
N LYS F 100 -1.87 -13.64 50.49
CA LYS F 100 -1.29 -12.58 49.66
C LYS F 100 -0.55 -11.57 50.54
N ARG F 101 -1.18 -11.25 51.67
CA ARG F 101 -0.65 -10.22 52.62
C ARG F 101 0.72 -10.61 53.20
N VAL F 102 0.83 -11.89 53.51
CA VAL F 102 2.07 -12.48 53.97
C VAL F 102 3.09 -12.58 52.83
N GLY F 103 2.71 -13.12 51.69
CA GLY F 103 3.65 -13.11 50.56
C GLY F 103 4.18 -11.71 50.30
N LYS F 104 3.32 -10.72 50.20
CA LYS F 104 3.81 -9.36 49.90
C LYS F 104 4.76 -8.89 50.93
N THR F 105 4.42 -9.07 52.21
CA THR F 105 5.29 -8.60 53.31
C THR F 105 6.73 -9.16 53.27
N VAL F 106 6.81 -10.48 52.99
CA VAL F 106 8.02 -11.19 52.73
C VAL F 106 8.78 -10.65 51.47
N VAL F 107 8.09 -10.61 50.33
CA VAL F 107 8.76 -10.28 49.07
C VAL F 107 9.17 -8.82 49.09
N ASN F 108 8.58 -8.02 50.00
CA ASN F 108 8.90 -6.58 50.08
C ASN F 108 9.80 -6.22 51.28
N SER F 109 10.26 -7.22 52.00
CA SER F 109 11.24 -6.99 53.07
C SER F 109 12.67 -6.70 52.51
N PRO F 110 13.21 -5.47 52.75
CA PRO F 110 14.57 -5.25 52.29
C PRO F 110 15.53 -6.34 52.79
N LEU F 111 15.40 -6.76 54.05
CA LEU F 111 16.33 -7.75 54.61
C LEU F 111 16.21 -9.13 53.92
N VAL F 112 15.00 -9.49 53.54
CA VAL F 112 14.80 -10.68 52.71
C VAL F 112 15.37 -10.51 51.34
N LYS F 113 15.20 -9.32 50.79
CA LYS F 113 15.58 -9.02 49.38
C LYS F 113 17.09 -8.98 49.23
N THR F 114 17.78 -8.38 50.20
CA THR F 114 19.26 -8.43 50.32
C THR F 114 19.82 -9.81 50.70
N ALA F 115 19.17 -10.56 51.57
CA ALA F 115 19.72 -11.88 51.86
C ALA F 115 19.73 -12.72 50.57
N VAL F 116 18.63 -12.67 49.84
CA VAL F 116 18.56 -13.45 48.60
C VAL F 116 19.61 -12.95 47.59
N HIS F 117 19.79 -11.64 47.53
CA HIS F 117 20.78 -11.06 46.66
C HIS F 117 22.23 -11.56 46.97
N GLY F 118 22.54 -11.77 48.25
CA GLY F 118 23.81 -12.29 48.66
C GLY F 118 23.86 -13.81 48.72
N CYS F 119 22.80 -14.49 48.28
CA CYS F 119 22.69 -15.96 48.39
C CYS F 119 22.73 -16.45 49.86
N ASP F 120 22.41 -15.55 50.79
CA ASP F 120 22.53 -15.85 52.20
C ASP F 120 21.26 -16.54 52.69
N PRO F 121 21.35 -17.82 53.10
CA PRO F 121 20.13 -18.57 53.42
C PRO F 121 19.54 -18.16 54.80
N ASN F 122 19.22 -16.87 54.93
CA ASN F 122 18.94 -16.19 56.19
C ASN F 122 17.45 -16.26 56.39
N TRP F 123 16.98 -17.49 56.57
CA TRP F 123 15.55 -17.76 56.73
C TRP F 123 14.92 -17.14 57.99
N GLY F 124 15.75 -16.73 58.93
CA GLY F 124 15.29 -15.98 60.06
C GLY F 124 14.71 -14.62 59.65
N ARG F 125 15.22 -14.05 58.55
CA ARG F 125 14.69 -12.82 58.00
C ARG F 125 13.28 -13.01 57.38
N VAL F 126 13.01 -14.21 56.86
CA VAL F 126 11.70 -14.53 56.33
C VAL F 126 10.71 -14.73 57.49
N ALA F 127 11.16 -15.39 58.53
CA ALA F 127 10.37 -15.55 59.78
C ALA F 127 10.06 -14.15 60.36
N MET F 128 11.07 -13.31 60.46
CA MET F 128 10.83 -11.88 60.86
C MET F 128 9.78 -11.22 59.98
N ALA F 129 9.92 -11.39 58.65
CA ALA F 129 9.01 -10.74 57.70
C ALA F 129 7.56 -11.15 57.90
N ILE F 130 7.31 -12.48 57.92
CA ILE F 130 6.04 -13.07 58.30
C ILE F 130 5.54 -12.45 59.62
N GLY F 131 6.44 -12.37 60.56
CA GLY F 131 6.09 -11.86 61.87
C GLY F 131 5.57 -10.43 61.90
N LYS F 132 5.91 -9.66 60.85
CA LYS F 132 5.48 -8.27 60.79
C LYS F 132 3.96 -8.21 60.61
N CYS F 133 3.33 -9.31 60.21
CA CYS F 133 1.86 -9.31 60.04
C CYS F 133 1.27 -9.53 61.43
N SER F 134 1.44 -8.52 62.25
CA SER F 134 1.22 -8.65 63.66
C SER F 134 -0.28 -8.55 64.00
N ASP F 135 -1.11 -8.16 63.05
CA ASP F 135 -2.56 -8.16 63.26
C ASP F 135 -3.16 -9.51 62.92
N ASP F 136 -2.39 -10.41 62.31
CA ASP F 136 -2.86 -11.77 61.98
C ASP F 136 -2.51 -12.72 63.11
N THR F 137 -3.24 -12.61 64.20
CA THR F 137 -2.89 -13.29 65.45
C THR F 137 -3.15 -14.83 65.33
N ASP F 138 -3.64 -15.27 64.19
CA ASP F 138 -3.85 -16.72 64.00
C ASP F 138 -2.58 -17.36 63.42
N ILE F 139 -1.62 -16.50 63.04
CA ILE F 139 -0.32 -16.98 62.61
C ILE F 139 0.51 -17.32 63.86
N ASP F 140 0.82 -18.62 63.97
CA ASP F 140 1.50 -19.17 65.13
C ASP F 140 2.91 -19.65 64.71
N GLN F 141 3.93 -19.00 65.24
CA GLN F 141 5.28 -19.34 64.89
C GLN F 141 5.63 -20.81 65.10
N GLU F 142 4.96 -21.46 66.04
CA GLU F 142 5.11 -22.91 66.24
C GLU F 142 4.63 -23.72 65.03
N ARG F 143 3.58 -23.27 64.35
CA ARG F 143 2.91 -24.08 63.31
C ARG F 143 3.48 -23.78 61.89
N VAL F 144 4.13 -22.62 61.76
CA VAL F 144 4.53 -22.08 60.49
C VAL F 144 5.71 -22.87 59.94
N THR F 145 5.75 -23.13 58.64
CA THR F 145 6.92 -23.74 58.04
C THR F 145 7.42 -22.83 56.96
N ILE F 146 8.74 -22.89 56.73
CA ILE F 146 9.40 -22.09 55.72
C ILE F 146 10.37 -22.93 54.95
N ARG F 147 10.28 -22.87 53.63
CA ARG F 147 11.28 -23.50 52.77
C ARG F 147 11.79 -22.52 51.71
N PHE F 148 13.07 -22.71 51.36
CA PHE F 148 13.65 -22.11 50.18
C PHE F 148 13.77 -23.23 49.16
N GLY F 149 13.35 -22.96 47.91
CA GLY F 149 13.22 -24.03 46.93
C GLY F 149 12.50 -25.22 47.52
N GLU F 150 13.13 -26.38 47.49
CA GLU F 150 12.55 -27.60 48.03
C GLU F 150 13.11 -27.97 49.40
N VAL F 151 13.75 -27.04 50.09
CA VAL F 151 14.42 -27.37 51.34
C VAL F 151 13.71 -26.69 52.50
N GLU F 152 13.02 -27.46 53.33
CA GLU F 152 12.35 -26.88 54.50
C GLU F 152 13.43 -26.61 55.55
N VAL F 153 13.48 -25.36 56.02
CA VAL F 153 14.51 -24.88 56.96
C VAL F 153 13.95 -24.48 58.32
N TYR F 154 12.64 -24.23 58.41
CA TYR F 154 11.95 -23.96 59.68
C TYR F 154 10.67 -24.77 59.66
N PRO F 155 10.26 -25.39 60.78
CA PRO F 155 10.83 -25.36 62.11
C PRO F 155 12.14 -26.18 62.22
N PRO F 156 12.83 -26.08 63.37
CA PRO F 156 13.85 -27.08 63.75
C PRO F 156 13.25 -28.43 64.25
N ALA F 172 21.64 -22.24 50.22
CA ALA F 172 22.70 -21.47 49.52
C ALA F 172 22.79 -21.84 48.03
N GLU F 173 22.68 -23.15 47.74
CA GLU F 173 22.72 -23.66 46.37
C GLU F 173 21.57 -23.29 45.46
N HIS F 174 20.35 -23.35 45.99
CA HIS F 174 19.15 -22.90 45.25
C HIS F 174 19.20 -21.38 45.04
N LEU F 175 19.67 -20.65 46.06
CA LEU F 175 19.83 -19.22 46.00
C LEU F 175 20.75 -18.72 44.88
N ARG F 176 21.66 -19.58 44.43
CA ARG F 176 22.55 -19.25 43.30
C ARG F 176 21.84 -19.08 41.96
N GLY F 177 20.64 -19.67 41.84
CA GLY F 177 19.81 -19.52 40.66
C GLY F 177 19.30 -18.09 40.45
N ASP F 178 18.83 -17.82 39.21
CA ASP F 178 18.22 -16.53 38.87
C ASP F 178 16.72 -16.51 39.22
N GLU F 179 16.16 -17.63 39.68
CA GLU F 179 14.77 -17.65 40.18
C GLU F 179 14.63 -18.36 41.54
N VAL F 180 14.20 -17.61 42.54
CA VAL F 180 14.21 -18.14 43.89
C VAL F 180 12.81 -18.27 44.47
N VAL F 181 12.49 -19.46 45.02
CA VAL F 181 11.20 -19.73 45.63
C VAL F 181 11.33 -19.77 47.15
N ILE F 182 10.41 -19.09 47.80
CA ILE F 182 10.25 -19.14 49.22
C ILE F 182 8.82 -19.62 49.46
N GLY F 183 8.70 -20.83 49.99
CA GLY F 183 7.42 -21.42 50.34
C GLY F 183 7.17 -21.31 51.83
N ILE F 184 5.94 -20.96 52.18
CA ILE F 184 5.59 -20.67 53.54
C ILE F 184 4.26 -21.33 53.74
N ASP F 185 4.10 -22.05 54.83
CA ASP F 185 2.80 -22.57 55.14
C ASP F 185 2.44 -22.19 56.54
N LEU F 186 1.21 -21.65 56.72
CA LEU F 186 0.80 -21.04 58.00
C LEU F 186 0.01 -22.01 58.86
N ALA F 187 -0.40 -23.12 58.24
CA ALA F 187 -1.15 -24.16 58.91
C ALA F 187 -2.35 -23.62 59.65
N ILE F 188 -3.12 -22.73 59.01
CA ILE F 188 -4.36 -22.21 59.56
C ILE F 188 -5.51 -22.90 58.83
N ALA F 189 -5.61 -22.71 57.52
CA ALA F 189 -6.73 -23.26 56.73
C ALA F 189 -6.24 -23.50 55.31
N ASP F 190 -6.99 -23.02 54.30
CA ASP F 190 -6.72 -23.36 52.90
C ASP F 190 -6.32 -22.20 52.03
N GLY F 191 -6.20 -20.98 52.60
CA GLY F 191 -5.83 -19.81 51.84
C GLY F 191 -4.50 -19.96 51.12
N ALA F 192 -4.46 -19.55 49.87
CA ALA F 192 -3.25 -19.73 49.09
C ALA F 192 -3.03 -18.60 48.10
N PHE F 193 -1.78 -18.15 48.00
CA PHE F 193 -1.44 -17.07 47.08
C PHE F 193 0.07 -17.00 46.81
N THR F 194 0.42 -16.83 45.52
CA THR F 194 1.79 -16.66 45.08
C THR F 194 1.99 -15.19 44.69
N VAL F 195 3.05 -14.56 45.20
CA VAL F 195 3.42 -13.24 44.69
C VAL F 195 4.85 -13.29 44.09
N TYR F 196 5.21 -12.19 43.40
CA TYR F 196 6.44 -12.08 42.66
C TYR F 196 7.11 -10.73 42.91
N GLY F 197 8.42 -10.79 43.07
CA GLY F 197 9.27 -9.65 43.34
C GLY F 197 10.68 -10.00 42.91
N CYS F 198 11.67 -9.31 43.44
CA CYS F 198 13.07 -9.51 43.05
C CYS F 198 14.04 -9.24 44.20
N ASP F 199 15.33 -9.48 44.01
CA ASP F 199 16.28 -9.14 45.06
C ASP F 199 16.54 -7.63 45.03
N LEU F 200 17.22 -7.15 46.06
CA LEU F 200 17.62 -5.76 46.16
C LEU F 200 19.11 -5.68 45.97
N THR F 201 19.54 -4.88 44.96
CA THR F 201 20.91 -4.78 44.55
C THR F 201 21.45 -3.32 44.65
N GLU F 202 22.79 -3.23 44.59
CA GLU F 202 23.49 -1.97 44.48
C GLU F 202 23.00 -1.24 43.20
N GLY F 203 22.75 -2.03 42.16
CA GLY F 203 22.25 -1.52 40.85
C GLY F 203 20.92 -0.78 40.95
N TYR F 204 19.96 -1.33 41.71
CA TYR F 204 18.71 -0.61 42.03
C TYR F 204 19.08 0.79 42.57
N VAL F 205 19.97 0.80 43.58
CA VAL F 205 20.28 2.04 44.33
C VAL F 205 20.95 3.07 43.45
N ARG F 206 21.91 2.58 42.66
CA ARG F 206 22.70 3.44 41.77
C ARG F 206 21.79 4.06 40.71
N LEU F 207 21.06 3.21 40.00
CA LEU F 207 20.10 3.68 39.00
C LEU F 207 19.20 4.77 39.60
N ASN F 208 18.59 4.47 40.74
CA ASN F 208 17.60 5.36 41.31
C ASN F 208 18.13 6.56 42.07
N SER F 209 19.43 6.52 42.34
CA SER F 209 20.18 7.67 42.88
C SER F 209 20.76 8.58 41.80
N GLU F 210 21.09 8.02 40.64
CA GLU F 210 21.90 8.74 39.65
C GLU F 210 21.38 9.54 38.39
N TYR F 211 20.22 9.51 37.70
CA TYR F 211 19.08 8.68 37.68
C TYR F 211 17.76 9.21 38.09
N THR F 212 17.42 10.38 37.55
CA THR F 212 16.11 11.00 37.76
C THR F 212 15.00 10.13 37.19
N THR G 1 26.64 -9.13 -6.98
CA THR G 1 25.90 -10.34 -7.49
C THR G 1 24.35 -10.27 -7.26
N PRO G 2 23.87 -9.60 -6.18
CA PRO G 2 22.42 -9.51 -6.08
C PRO G 2 21.75 -8.65 -7.15
N ARG G 3 20.60 -9.11 -7.61
CA ARG G 3 19.94 -8.47 -8.70
C ARG G 3 19.52 -7.07 -8.25
N GLY G 4 19.72 -6.11 -9.12
CA GLY G 4 19.20 -4.77 -8.87
C GLY G 4 20.07 -3.81 -8.14
N PHE G 5 21.26 -4.26 -7.69
CA PHE G 5 22.17 -3.37 -6.96
C PHE G 5 23.39 -2.96 -7.79
N VAL G 6 23.61 -1.64 -7.80
CA VAL G 6 24.65 -1.00 -8.56
C VAL G 6 25.48 -0.24 -7.57
N VAL G 7 26.76 0.02 -7.93
CA VAL G 7 27.70 0.72 -7.06
C VAL G 7 28.41 1.81 -7.83
N HIS G 8 28.38 3.01 -7.30
CA HIS G 8 29.13 4.12 -7.84
C HIS G 8 30.19 4.40 -6.81
N THR G 9 31.43 4.52 -7.28
CA THR G 9 32.55 4.98 -6.46
C THR G 9 33.33 6.03 -7.21
N ALA G 10 33.85 7.03 -6.50
CA ALA G 10 34.65 8.08 -7.15
C ALA G 10 35.49 8.83 -6.13
N PRO G 11 36.60 9.46 -6.57
CA PRO G 11 37.38 10.36 -5.75
C PRO G 11 36.77 11.77 -5.65
N VAL G 12 36.58 12.29 -4.44
CA VAL G 12 36.10 13.66 -4.29
C VAL G 12 37.00 14.51 -3.37
N GLY G 13 38.18 13.98 -3.03
CA GLY G 13 39.16 14.71 -2.27
C GLY G 13 38.90 14.87 -0.79
N LEU G 14 38.23 13.88 -0.18
CA LEU G 14 37.99 13.90 1.28
C LEU G 14 39.35 13.73 1.99
N ALA G 15 40.28 13.02 1.35
CA ALA G 15 41.73 13.14 1.64
C ALA G 15 42.39 13.45 0.29
N ASP G 16 43.65 13.88 0.32
CA ASP G 16 44.32 14.39 -0.88
C ASP G 16 45.24 13.33 -1.50
N ASP G 17 44.64 12.27 -2.02
CA ASP G 17 45.38 11.13 -2.59
C ASP G 17 44.75 10.58 -3.87
N GLY G 18 43.69 11.20 -4.39
CA GLY G 18 43.00 10.67 -5.60
C GLY G 18 42.28 9.34 -5.44
N ARG G 19 42.11 8.88 -4.20
CA ARG G 19 41.52 7.57 -3.97
C ARG G 19 40.01 7.70 -3.94
N ASP G 20 39.32 6.63 -4.35
CA ASP G 20 37.84 6.59 -4.25
C ASP G 20 37.46 6.75 -2.79
N ASP G 21 36.71 7.78 -2.49
CA ASP G 21 36.24 7.99 -1.12
C ASP G 21 34.75 8.38 -1.04
N PHE G 22 34.05 8.28 -2.18
CA PHE G 22 32.62 8.68 -2.29
C PHE G 22 31.88 7.51 -2.95
N THR G 23 30.98 6.89 -2.25
CA THR G 23 30.34 5.69 -2.72
C THR G 23 28.84 5.90 -2.71
N VAL G 24 28.18 5.46 -3.78
CA VAL G 24 26.73 5.30 -3.73
C VAL G 24 26.42 3.83 -3.98
N LEU G 25 25.71 3.25 -3.01
CA LEU G 25 25.06 1.95 -3.24
C LEU G 25 23.57 2.20 -3.48
N ALA G 26 22.94 1.59 -4.48
CA ALA G 26 21.50 1.84 -4.76
C ALA G 26 20.83 0.65 -5.40
N SER G 27 19.56 0.42 -5.07
CA SER G 27 18.71 -0.61 -5.70
C SER G 27 17.83 0.00 -6.78
N THR G 28 17.79 -0.66 -7.94
CA THR G 28 16.91 -0.29 -9.04
C THR G 28 15.43 -0.52 -8.72
N ALA G 29 15.20 -1.25 -7.63
CA ALA G 29 13.90 -1.65 -7.22
C ALA G 29 13.68 -1.17 -5.78
N PRO G 30 12.42 -0.88 -5.42
CA PRO G 30 12.10 -0.61 -4.03
C PRO G 30 12.67 -1.71 -3.13
N ALA G 31 13.06 -1.33 -1.93
CA ALA G 31 13.74 -2.26 -1.02
C ALA G 31 13.26 -2.03 0.38
N THR G 32 12.98 -3.10 1.10
CA THR G 32 12.73 -2.97 2.53
C THR G 32 14.09 -2.83 3.22
N VAL G 33 14.15 -1.93 4.20
CA VAL G 33 15.40 -1.65 4.88
C VAL G 33 15.28 -1.91 6.40
N SER G 34 16.38 -2.41 6.97
CA SER G 34 16.59 -2.51 8.42
C SER G 34 17.98 -1.90 8.74
N ALA G 35 18.06 -1.08 9.78
CA ALA G 35 19.27 -0.35 10.08
C ALA G 35 19.44 -0.17 11.59
N VAL G 36 20.66 -0.19 12.08
CA VAL G 36 20.92 0.20 13.47
C VAL G 36 22.09 1.20 13.52
N PHE G 37 22.15 2.02 14.54
CA PHE G 37 23.11 3.09 14.57
C PHE G 37 23.69 3.33 15.98
N THR G 38 24.79 4.06 16.00
CA THR G 38 25.32 4.65 17.20
C THR G 38 24.23 5.35 18.02
N ARG G 39 24.37 5.30 19.34
CA ARG G 39 23.58 6.12 20.22
C ARG G 39 24.45 7.15 20.90
N SER G 40 25.58 7.44 20.29
CA SER G 40 26.50 8.45 20.78
C SER G 40 25.79 9.79 20.97
N ARG G 41 26.13 10.45 22.06
CA ARG G 41 25.71 11.84 22.30
C ARG G 41 26.26 12.81 21.27
N PHE G 42 27.37 12.44 20.64
CA PHE G 42 27.94 13.22 19.57
C PHE G 42 27.63 12.63 18.18
N ALA G 43 26.54 11.87 18.11
CA ALA G 43 26.11 11.26 16.87
C ALA G 43 26.10 12.35 15.79
N GLY G 44 26.68 12.03 14.65
CA GLY G 44 26.79 12.95 13.53
C GLY G 44 25.46 13.18 12.87
N PRO G 45 25.30 14.34 12.18
CA PRO G 45 24.08 14.61 11.39
C PRO G 45 23.70 13.52 10.39
N SER G 46 24.67 12.78 9.87
CA SER G 46 24.36 11.68 8.94
C SER G 46 23.41 10.65 9.53
N VAL G 47 23.62 10.37 10.79
CA VAL G 47 22.91 9.30 11.56
C VAL G 47 21.46 9.65 11.76
N VAL G 48 21.21 10.92 12.04
CA VAL G 48 19.87 11.44 12.32
C VAL G 48 18.96 11.27 11.09
N LEU G 49 19.54 11.62 9.93
CA LEU G 49 18.87 11.51 8.65
C LEU G 49 18.64 10.07 8.29
N CYS G 50 19.62 9.20 8.53
CA CYS G 50 19.40 7.78 8.32
C CYS G 50 18.21 7.29 9.13
N ARG G 51 18.15 7.63 10.42
CA ARG G 51 17.01 7.17 11.25
C ARG G 51 15.67 7.59 10.65
N GLU G 52 15.56 8.88 10.33
CA GLU G 52 14.40 9.38 9.64
C GLU G 52 14.07 8.58 8.40
N ALA G 53 15.08 8.30 7.58
CA ALA G 53 14.92 7.63 6.30
C ALA G 53 14.42 6.17 6.44
N VAL G 54 14.87 5.45 7.46
CA VAL G 54 14.44 4.07 7.62
C VAL G 54 13.20 3.94 8.51
N ALA G 55 12.67 5.05 9.01
CA ALA G 55 11.48 5.01 9.85
C ALA G 55 10.28 4.33 9.16
N ASP G 56 10.12 4.48 7.85
CA ASP G 56 8.98 3.85 7.13
C ASP G 56 9.31 2.43 6.60
N GLY G 57 10.53 1.97 6.88
CA GLY G 57 10.97 0.64 6.47
C GLY G 57 11.34 0.57 5.00
N GLN G 58 11.52 1.74 4.40
CA GLN G 58 11.65 1.84 2.95
C GLN G 58 12.90 2.67 2.64
N ALA G 59 13.83 2.07 1.89
CA ALA G 59 14.99 2.80 1.37
C ALA G 59 15.67 2.03 0.25
N ARG G 60 16.38 2.74 -0.61
CA ARG G 60 16.93 2.13 -1.80
C ARG G 60 18.43 2.29 -1.94
N GLY G 61 19.08 2.94 -0.99
CA GLY G 61 20.53 3.07 -1.04
C GLY G 61 21.11 3.99 0.02
N VAL G 62 22.37 4.29 -0.14
CA VAL G 62 23.13 5.03 0.80
C VAL G 62 24.35 5.65 0.08
N VAL G 63 24.57 6.94 0.31
CA VAL G 63 25.83 7.60 -0.04
C VAL G 63 26.80 7.59 1.16
N VAL G 64 28.06 7.25 0.88
CA VAL G 64 29.04 7.05 1.94
C VAL G 64 30.25 7.89 1.64
N LEU G 65 30.67 8.72 2.60
CA LEU G 65 31.89 9.52 2.43
C LEU G 65 32.96 9.06 3.44
N ALA G 66 34.17 8.77 2.96
CA ALA G 66 35.27 8.22 3.76
C ALA G 66 36.40 9.21 3.87
N ARG G 67 37.02 9.21 5.05
CA ARG G 67 38.04 10.15 5.50
C ARG G 67 37.48 11.52 5.86
N ASN G 68 36.17 11.60 6.01
CA ASN G 68 35.60 12.72 6.80
C ASN G 68 34.28 12.28 7.37
N ALA G 69 34.18 12.35 8.69
CA ALA G 69 33.01 11.89 9.41
C ALA G 69 31.81 12.82 9.31
N ASN G 70 32.09 14.11 9.15
CA ASN G 70 31.10 15.17 9.29
C ASN G 70 30.40 15.10 10.63
N VAL G 71 31.22 15.17 11.68
CA VAL G 71 30.78 15.07 13.07
C VAL G 71 31.30 16.29 13.83
N ALA G 72 30.45 16.84 14.69
CA ALA G 72 30.82 17.98 15.51
C ALA G 72 31.16 19.19 14.65
N THR G 73 30.46 19.28 13.52
CA THR G 73 30.69 20.29 12.49
C THR G 73 29.56 21.33 12.44
N GLY G 74 28.65 21.23 13.40
CA GLY G 74 27.67 22.25 13.64
C GLY G 74 26.56 22.27 12.61
N LEU G 75 26.01 23.47 12.42
CA LEU G 75 24.90 23.68 11.54
C LEU G 75 25.39 23.57 10.10
N GLU G 76 26.59 24.11 9.86
CA GLU G 76 27.27 23.95 8.59
C GLU G 76 27.27 22.47 8.16
N GLY G 77 27.76 21.60 9.04
CA GLY G 77 27.76 20.18 8.77
C GLY G 77 26.38 19.55 8.61
N GLU G 78 25.39 20.07 9.35
CA GLU G 78 23.98 19.58 9.21
C GLU G 78 23.43 19.89 7.83
N GLU G 79 23.60 21.15 7.42
CA GLU G 79 23.28 21.58 6.07
C GLU G 79 24.02 20.72 5.07
N ASN G 80 25.33 20.46 5.29
CA ASN G 80 26.12 19.68 4.31
C ASN G 80 25.62 18.28 4.19
N ALA G 81 25.26 17.65 5.31
CA ALA G 81 24.69 16.30 5.30
C ALA G 81 23.44 16.27 4.42
N ARG G 82 22.58 17.27 4.60
CA ARG G 82 21.29 17.27 3.92
C ARG G 82 21.48 17.54 2.46
N GLU G 83 22.32 18.50 2.15
CA GLU G 83 22.59 18.82 0.78
C GLU G 83 23.11 17.57 0.08
N VAL G 84 24.06 16.89 0.66
CA VAL G 84 24.67 15.75 -0.06
C VAL G 84 23.68 14.57 -0.26
N ARG G 85 22.98 14.24 0.81
CA ARG G 85 22.01 13.18 0.77
C ARG G 85 20.96 13.48 -0.29
N GLU G 86 20.46 14.70 -0.27
CA GLU G 86 19.41 15.09 -1.21
C GLU G 86 19.93 15.12 -2.69
N ALA G 87 21.09 15.71 -2.88
CA ALA G 87 21.64 15.85 -4.21
C ALA G 87 21.83 14.47 -4.83
N VAL G 88 22.17 13.46 -4.03
CA VAL G 88 22.32 12.08 -4.53
C VAL G 88 20.97 11.49 -4.88
N ALA G 89 19.98 11.63 -3.97
CA ALA G 89 18.61 11.21 -4.26
C ALA G 89 18.14 11.79 -5.60
N ARG G 90 18.26 13.09 -5.69
CA ARG G 90 17.77 13.83 -6.83
C ARG G 90 18.47 13.41 -8.13
N ALA G 91 19.78 13.21 -8.06
CA ALA G 91 20.56 12.79 -9.22
C ALA G 91 20.08 11.48 -9.81
N LEU G 92 19.66 10.55 -8.93
CA LEU G 92 19.24 9.22 -9.37
C LEU G 92 17.74 9.14 -9.54
N GLY G 93 17.02 10.24 -9.29
CA GLY G 93 15.57 10.21 -9.31
C GLY G 93 14.94 9.29 -8.27
N LEU G 94 15.52 9.26 -7.07
CA LEU G 94 14.88 8.62 -5.91
C LEU G 94 14.36 9.64 -4.90
N PRO G 95 13.34 9.25 -4.08
CA PRO G 95 12.87 10.18 -3.05
C PRO G 95 13.94 10.32 -2.00
N GLU G 96 14.14 11.56 -1.54
CA GLU G 96 14.99 11.85 -0.39
C GLU G 96 14.93 10.75 0.67
N GLY G 97 13.73 10.43 1.14
CA GLY G 97 13.55 9.52 2.27
C GLY G 97 13.87 8.07 2.00
N GLU G 98 14.28 7.78 0.77
CA GLU G 98 14.78 6.46 0.44
C GLU G 98 16.26 6.38 0.19
N MET G 99 16.95 7.49 0.48
CA MET G 99 18.42 7.55 0.40
C MET G 99 19.00 7.81 1.80
N LEU G 100 19.81 6.88 2.29
CA LEU G 100 20.57 7.17 3.54
C LEU G 100 21.92 7.84 3.23
N ILE G 101 22.58 8.32 4.27
CA ILE G 101 23.91 8.87 4.16
C ILE G 101 24.76 8.45 5.34
N ALA G 102 26.02 8.09 5.08
CA ALA G 102 26.92 7.61 6.13
C ALA G 102 28.25 8.27 5.85
N SER G 103 29.04 8.49 6.89
CA SER G 103 30.28 9.26 6.75
C SER G 103 31.26 8.85 7.81
N THR G 104 32.53 8.66 7.44
CA THR G 104 33.53 8.13 8.35
C THR G 104 34.90 8.81 8.09
N GLY G 105 35.69 8.87 9.16
CA GLY G 105 36.97 9.53 9.16
C GLY G 105 36.98 10.59 10.22
N VAL G 106 37.71 11.69 9.96
CA VAL G 106 37.99 12.72 10.96
C VAL G 106 36.74 13.37 11.51
N ILE G 107 36.78 13.65 12.81
CA ILE G 107 35.77 14.43 13.51
C ILE G 107 36.21 15.90 13.53
N GLY G 108 35.27 16.81 13.31
CA GLY G 108 35.52 18.23 13.56
C GLY G 108 35.99 19.01 12.37
N ARG G 109 35.83 18.39 11.21
CA ARG G 109 36.35 18.91 9.96
C ARG G 109 35.21 18.96 8.92
N GLN G 110 35.00 20.17 8.40
CA GLN G 110 33.99 20.43 7.42
C GLN G 110 34.34 19.72 6.12
N TYR G 111 33.29 19.34 5.40
CA TYR G 111 33.47 18.68 4.13
C TYR G 111 34.10 19.68 3.16
N PRO G 112 34.84 19.18 2.14
CA PRO G 112 35.26 19.97 0.98
C PRO G 112 34.09 20.04 0.00
N MET G 113 33.23 21.03 0.21
CA MET G 113 31.90 21.04 -0.40
C MET G 113 31.91 21.36 -1.89
N GLU G 114 32.80 22.25 -2.32
CA GLU G 114 32.92 22.56 -3.72
C GLU G 114 33.38 21.34 -4.54
N SER G 115 34.36 20.61 -4.04
CA SER G 115 34.77 19.36 -4.69
C SER G 115 33.62 18.32 -4.81
N ILE G 116 32.84 18.20 -3.73
CA ILE G 116 31.68 17.32 -3.67
C ILE G 116 30.55 17.83 -4.56
N ARG G 117 30.32 19.14 -4.55
CA ARG G 117 29.31 19.75 -5.41
C ARG G 117 29.58 19.51 -6.86
N GLU G 118 30.82 19.66 -7.30
CA GLU G 118 31.16 19.41 -8.72
C GLU G 118 30.92 17.94 -9.07
N HIS G 119 31.26 17.03 -8.15
CA HIS G 119 31.11 15.64 -8.48
C HIS G 119 29.61 15.30 -8.59
N LEU G 120 28.80 15.77 -7.63
CA LEU G 120 27.37 15.49 -7.64
C LEU G 120 26.67 15.85 -8.97
N LYS G 121 27.08 16.96 -9.58
CA LYS G 121 26.54 17.39 -10.87
C LYS G 121 26.73 16.35 -11.98
N THR G 122 27.72 15.48 -11.83
CA THR G 122 28.03 14.47 -12.85
C THR G 122 27.42 13.10 -12.51
N LEU G 123 26.83 12.99 -11.33
CA LEU G 123 26.40 11.69 -10.83
C LEU G 123 25.17 11.14 -11.59
N GLU G 124 25.25 9.86 -11.97
CA GLU G 124 24.11 9.14 -12.50
C GLU G 124 24.26 7.63 -12.37
N TRP G 125 23.19 6.92 -12.70
CA TRP G 125 23.12 5.49 -12.46
C TRP G 125 24.29 4.80 -13.11
N PRO G 126 25.03 4.00 -12.35
CA PRO G 126 25.99 3.13 -12.98
C PRO G 126 25.37 2.30 -14.08
N ALA G 127 26.07 2.18 -15.20
CA ALA G 127 25.71 1.21 -16.22
C ALA G 127 26.06 -0.18 -15.65
N GLY G 128 25.08 -1.07 -15.61
CA GLY G 128 25.36 -2.41 -15.08
C GLY G 128 25.42 -2.54 -13.56
N GLU G 129 25.14 -3.76 -13.09
CA GLU G 129 25.05 -4.11 -11.66
C GLU G 129 26.41 -4.46 -11.07
N GLY G 130 26.47 -4.61 -9.76
CA GLY G 130 27.68 -5.02 -9.06
C GLY G 130 28.65 -3.90 -8.75
N GLY G 131 29.82 -4.30 -8.24
CA GLY G 131 30.88 -3.36 -7.81
C GLY G 131 31.07 -3.24 -6.30
N PHE G 132 30.70 -4.26 -5.56
CA PHE G 132 30.72 -4.18 -4.08
C PHE G 132 32.17 -4.20 -3.60
N ASP G 133 32.98 -4.89 -4.38
CA ASP G 133 34.43 -4.86 -4.20
C ASP G 133 34.95 -3.41 -4.22
N ARG G 134 34.53 -2.60 -5.22
CA ARG G 134 34.86 -1.17 -5.29
C ARG G 134 34.33 -0.39 -4.07
N ALA G 135 33.07 -0.62 -3.71
CA ALA G 135 32.48 0.00 -2.50
C ALA G 135 33.32 -0.35 -1.25
N ALA G 136 33.67 -1.64 -1.11
CA ALA G 136 34.47 -2.11 0.01
C ALA G 136 35.76 -1.29 0.13
N ARG G 137 36.44 -1.06 -0.97
CA ARG G 137 37.65 -0.25 -0.98
C ARG G 137 37.37 1.23 -0.67
N ALA G 138 36.34 1.78 -1.30
CA ALA G 138 36.06 3.20 -1.24
C ALA G 138 35.56 3.65 0.15
N ILE G 139 35.08 2.71 0.95
CA ILE G 139 34.68 3.04 2.36
C ILE G 139 35.80 2.97 3.41
N MET G 140 36.94 2.37 3.07
CA MET G 140 38.07 2.14 4.02
C MET G 140 38.61 3.45 4.55
N THR G 141 39.08 3.46 5.78
CA THR G 141 39.92 4.57 6.31
C THR G 141 41.22 3.96 6.78
N THR G 142 41.31 3.62 8.07
CA THR G 142 42.51 2.99 8.62
C THR G 142 42.50 1.47 8.49
N ASP G 143 41.50 0.91 7.83
CA ASP G 143 41.56 -0.50 7.40
C ASP G 143 42.80 -0.79 6.54
N THR G 144 43.36 -1.98 6.64
CA THR G 144 44.51 -2.32 5.77
C THR G 144 44.03 -3.18 4.61
N ARG G 145 42.83 -3.71 4.74
CA ARG G 145 42.23 -4.48 3.64
C ARG G 145 40.72 -4.32 3.57
N PRO G 146 40.17 -4.42 2.34
CA PRO G 146 38.73 -4.34 2.17
C PRO G 146 38.12 -5.60 2.75
N LYS G 147 36.86 -5.47 3.17
CA LYS G 147 36.15 -6.51 3.86
C LYS G 147 34.84 -6.69 3.14
N GLU G 148 34.68 -7.91 2.62
CA GLU G 148 33.60 -8.25 1.71
C GLU G 148 33.22 -9.72 1.85
N VAL G 149 31.93 -10.02 1.79
CA VAL G 149 31.46 -11.40 1.91
C VAL G 149 30.20 -11.61 1.09
N ARG G 150 30.02 -12.84 0.64
CA ARG G 150 28.95 -13.21 -0.25
C ARG G 150 28.38 -14.56 0.12
N VAL G 151 27.06 -14.60 0.30
CA VAL G 151 26.35 -15.86 0.60
C VAL G 151 25.15 -16.03 -0.33
N SER G 152 24.90 -17.28 -0.75
CA SER G 152 23.71 -17.62 -1.52
C SER G 152 22.69 -18.22 -0.59
N VAL G 153 21.42 -17.81 -0.71
CA VAL G 153 20.31 -18.47 0.04
C VAL G 153 19.02 -18.58 -0.76
N GLY G 154 18.57 -19.81 -0.93
CA GLY G 154 17.30 -20.09 -1.60
C GLY G 154 17.14 -19.40 -2.94
N GLY G 155 18.24 -19.24 -3.68
CA GLY G 155 18.16 -18.62 -5.00
C GLY G 155 18.38 -17.12 -5.00
N ALA G 156 18.48 -16.54 -3.82
CA ALA G 156 18.85 -15.13 -3.72
C ALA G 156 20.32 -15.07 -3.33
N THR G 157 20.87 -13.86 -3.45
CA THR G 157 22.26 -13.58 -3.09
C THR G 157 22.27 -12.50 -2.03
N LEU G 158 23.23 -12.60 -1.11
CA LEU G 158 23.44 -11.64 -0.06
C LEU G 158 24.93 -11.30 -0.11
N VAL G 159 25.22 -10.01 -0.21
CA VAL G 159 26.57 -9.48 -0.21
C VAL G 159 26.63 -8.49 0.93
N GLY G 160 27.71 -8.56 1.70
CA GLY G 160 27.96 -7.61 2.75
C GLY G 160 29.34 -7.04 2.60
N ILE G 161 29.44 -5.75 2.91
CA ILE G 161 30.74 -5.12 3.08
C ILE G 161 30.78 -4.45 4.49
N ALA G 162 31.99 -4.28 5.03
CA ALA G 162 32.18 -3.57 6.25
C ALA G 162 33.50 -2.85 6.27
N LYS G 163 33.59 -1.87 7.15
CA LYS G 163 34.84 -1.22 7.41
C LYS G 163 34.87 -0.76 8.86
N GLY G 164 36.05 -0.49 9.41
CA GLY G 164 36.17 0.05 10.77
C GLY G 164 37.04 -0.82 11.65
N VAL G 165 38.26 -0.35 11.94
CA VAL G 165 39.17 -1.10 12.77
C VAL G 165 39.78 -0.29 13.92
N GLY G 166 39.27 0.94 14.12
CA GLY G 166 39.59 1.74 15.31
C GLY G 166 38.36 2.53 15.64
N MET G 167 38.29 3.11 16.85
CA MET G 167 37.06 3.79 17.32
C MET G 167 35.92 2.77 17.13
N LEU G 168 36.18 1.57 17.67
CA LEU G 168 35.36 0.42 17.40
C LEU G 168 34.90 -0.41 18.63
N GLU G 169 33.77 -0.01 19.21
CA GLU G 169 32.96 -0.91 20.01
C GLU G 169 31.49 -0.59 19.77
N PRO G 170 30.92 -1.11 18.68
CA PRO G 170 29.54 -0.71 18.34
C PRO G 170 28.51 -1.11 19.40
N ASP G 171 27.61 -0.17 19.67
CA ASP G 171 26.49 -0.39 20.60
C ASP G 171 25.25 0.20 19.91
N MET G 172 24.76 -0.53 18.92
CA MET G 172 23.87 0.05 17.90
C MET G 172 22.45 -0.40 18.07
N ALA G 173 21.51 0.50 17.88
CA ALA G 173 20.08 0.17 18.02
C ALA G 173 19.25 1.02 17.07
CAA TH5 H 1 33.72 8.81 13.52
CAH TH5 H 1 33.92 7.54 12.68
OAD TH5 H 1 34.40 7.65 11.52
OG1 TH5 H 1 33.67 6.30 13.12
CB TH5 H 1 33.56 5.31 12.08
CG2 TH5 H 1 32.09 5.04 11.61
CA TH5 H 1 33.99 4.12 12.87
C TH5 H 1 33.76 2.81 12.09
N TH5 H 1 35.39 4.28 13.29
O TH5 H 1 34.42 2.50 11.07
N LEU H 2 32.86 2.14 12.53
CA LEU H 2 31.81 0.86 11.95
C LEU H 2 30.89 1.50 10.91
N LEU H 3 31.14 1.17 9.66
CA LEU H 3 30.12 1.27 8.64
C LEU H 3 30.04 -0.09 7.97
N THR H 4 28.80 -0.62 7.93
CA THR H 4 28.52 -1.88 7.22
C THR H 4 27.13 -1.87 6.59
N PHE H 5 27.10 -2.37 5.37
CA PHE H 5 25.92 -2.33 4.52
C PHE H 5 25.77 -3.68 3.87
N PHE H 6 24.54 -4.17 3.88
CA PHE H 6 24.16 -5.42 3.24
C PHE H 6 23.08 -5.16 2.17
N ALA H 7 23.19 -5.88 1.04
CA ALA H 7 22.28 -5.75 -0.10
C ALA H 7 21.88 -7.18 -0.53
N THR H 8 20.57 -7.38 -0.68
CA THR H 8 20.03 -8.64 -1.14
C THR H 8 18.85 -8.41 -2.07
N ASP H 9 18.70 -9.28 -3.07
CA ASP H 9 17.50 -9.33 -3.91
C ASP H 9 16.40 -10.25 -3.32
N ALA H 10 16.66 -10.81 -2.14
CA ALA H 10 15.64 -11.53 -1.38
C ALA H 10 14.40 -10.69 -1.11
N ARG H 11 13.24 -11.34 -1.17
CA ARG H 11 12.03 -10.75 -0.63
C ARG H 11 11.77 -11.34 0.74
N LEU H 12 11.59 -10.44 1.70
CA LEU H 12 11.36 -10.79 3.10
C LEU H 12 10.15 -10.08 3.69
N ASP H 13 9.47 -10.70 4.64
CA ASP H 13 8.50 -9.97 5.44
C ASP H 13 9.22 -8.85 6.21
N PRO H 14 8.79 -7.58 6.01
CA PRO H 14 9.44 -6.42 6.67
C PRO H 14 9.63 -6.56 8.18
N ALA H 15 8.61 -7.02 8.88
CA ALA H 15 8.74 -7.23 10.34
C ALA H 15 9.71 -8.38 10.71
N GLU H 16 9.61 -9.53 10.04
CA GLU H 16 10.62 -10.60 10.24
C GLU H 16 12.03 -10.10 9.92
N GLN H 17 12.16 -9.29 8.85
CA GLN H 17 13.45 -8.76 8.43
C GLN H 17 14.08 -7.94 9.55
N ASP H 18 13.29 -7.05 10.15
CA ASP H 18 13.83 -6.22 11.23
C ASP H 18 14.24 -7.07 12.41
N ARG H 19 13.40 -8.04 12.76
CA ARG H 19 13.68 -8.89 13.92
C ARG H 19 14.97 -9.65 13.71
N LEU H 20 15.14 -10.22 12.52
CA LEU H 20 16.30 -11.07 12.26
C LEU H 20 17.57 -10.23 12.12
N PHE H 21 17.44 -9.05 11.53
CA PHE H 21 18.58 -8.15 11.39
C PHE H 21 19.14 -7.79 12.77
N ARG H 22 18.24 -7.47 13.68
CA ARG H 22 18.65 -7.16 15.03
C ARG H 22 19.34 -8.30 15.75
N ARG H 23 18.75 -9.50 15.70
CA ARG H 23 19.34 -10.66 16.32
C ARG H 23 20.78 -10.85 15.82
N VAL H 24 20.97 -10.75 14.51
CA VAL H 24 22.32 -10.98 13.93
C VAL H 24 23.22 -9.84 14.37
N MET H 25 22.80 -8.60 14.15
CA MET H 25 23.62 -7.47 14.64
C MET H 25 24.09 -7.68 16.07
N ASP H 26 23.17 -8.01 16.97
CA ASP H 26 23.53 -8.19 18.39
C ASP H 26 24.62 -9.24 18.65
N ARG H 27 24.66 -10.30 17.84
CA ARG H 27 25.62 -11.41 17.99
C ARG H 27 26.90 -11.22 17.19
N THR H 28 26.98 -10.12 16.40
CA THR H 28 28.14 -9.90 15.52
C THR H 28 28.74 -8.51 15.69
N PHE H 29 28.18 -7.50 15.03
CA PHE H 29 28.77 -6.17 15.08
C PHE H 29 28.74 -5.53 16.45
N ASN H 30 27.72 -5.83 17.26
CA ASN H 30 27.61 -5.42 18.68
C ASN H 30 28.36 -6.36 19.65
N ALA H 31 29.20 -7.22 19.09
CA ALA H 31 29.91 -8.28 19.79
C ALA H 31 31.39 -8.16 19.50
N VAL H 32 31.85 -6.98 19.08
CA VAL H 32 33.24 -6.83 18.71
C VAL H 32 33.79 -5.55 19.30
N SER H 33 35.05 -5.61 19.74
CA SER H 33 35.65 -4.42 20.30
C SER H 33 37.16 -4.37 20.04
N ILE H 34 37.60 -3.32 19.38
CA ILE H 34 39.01 -3.12 19.17
C ILE H 34 39.57 -2.34 20.33
N ASP H 35 38.92 -1.21 20.65
CA ASP H 35 39.50 -0.28 21.64
C ASP H 35 38.44 0.33 22.58
N THR H 36 37.30 -0.32 22.73
CA THR H 36 36.18 0.20 23.53
C THR H 36 35.63 1.56 23.08
N ASP H 37 36.17 2.15 22.01
CA ASP H 37 35.83 3.54 21.70
C ASP H 37 34.61 3.67 20.76
N THR H 38 33.43 3.29 21.27
CA THR H 38 32.18 3.44 20.56
C THR H 38 32.12 4.84 19.88
N SER H 39 32.05 4.80 18.55
CA SER H 39 32.06 6.01 17.72
C SER H 39 30.72 6.76 17.63
N THR H 40 30.87 7.98 17.13
CA THR H 40 29.83 8.93 16.92
C THR H 40 29.06 8.69 15.58
N SER H 41 29.38 7.59 14.91
CA SER H 41 28.98 7.41 13.51
C SER H 41 28.60 5.95 13.13
N ASP H 42 28.71 4.98 14.04
CA ASP H 42 28.42 3.57 13.68
C ASP H 42 27.05 3.45 13.00
N THR H 43 27.07 2.86 11.78
CA THR H 43 25.87 2.64 10.93
C THR H 43 25.92 1.24 10.34
N ALA H 44 24.84 0.48 10.50
CA ALA H 44 24.69 -0.89 9.89
C ALA H 44 23.31 -1.00 9.24
N VAL H 45 23.27 -1.32 7.94
CA VAL H 45 22.02 -1.37 7.16
C VAL H 45 21.89 -2.64 6.29
N LEU H 46 20.66 -3.12 6.14
CA LEU H 46 20.29 -4.16 5.19
C LEU H 46 19.19 -3.63 4.27
N PHE H 47 19.44 -3.69 2.98
CA PHE H 47 18.46 -3.40 1.96
C PHE H 47 18.09 -4.73 1.33
N ALA H 48 16.80 -4.96 1.21
CA ALA H 48 16.27 -6.12 0.51
C ALA H 48 15.21 -5.67 -0.54
N ASN H 49 15.60 -5.69 -1.80
CA ASN H 49 14.66 -5.38 -2.87
C ASN H 49 14.03 -6.71 -3.24
N GLY H 50 12.98 -6.77 -4.01
CA GLY H 50 12.34 -8.13 -4.06
C GLY H 50 12.76 -9.08 -5.17
N LEU H 51 13.76 -8.68 -5.95
CA LEU H 51 13.87 -9.08 -7.34
C LEU H 51 14.11 -10.58 -7.53
N ALA H 52 14.70 -11.26 -6.54
CA ALA H 52 14.94 -12.68 -6.65
C ALA H 52 13.80 -13.48 -6.01
N GLY H 53 12.82 -12.78 -5.46
CA GLY H 53 11.62 -13.43 -4.94
C GLY H 53 11.79 -13.90 -3.51
N GLU H 54 10.71 -14.47 -2.99
CA GLU H 54 10.64 -14.91 -1.61
C GLU H 54 11.73 -15.90 -1.22
N VAL H 55 12.27 -15.68 -0.01
CA VAL H 55 13.25 -16.57 0.60
C VAL H 55 12.82 -16.88 2.05
N ASP H 56 12.97 -18.13 2.46
CA ASP H 56 12.73 -18.51 3.85
C ASP H 56 13.49 -17.59 4.86
N ALA H 57 12.74 -17.02 5.80
CA ALA H 57 13.30 -16.15 6.83
C ALA H 57 14.48 -16.75 7.63
N GLY H 58 14.36 -18.02 7.98
CA GLY H 58 15.39 -18.72 8.74
C GLY H 58 16.65 -18.97 7.96
N GLU H 59 16.49 -19.37 6.68
CA GLU H 59 17.63 -19.58 5.79
C GLU H 59 18.35 -18.24 5.65
N PHE H 60 17.58 -17.20 5.34
CA PHE H 60 18.19 -15.89 5.15
C PHE H 60 18.94 -15.45 6.40
N GLU H 61 18.33 -15.62 7.57
CA GLU H 61 18.93 -15.19 8.81
C GLU H 61 20.25 -15.88 9.03
N GLU H 62 20.25 -17.21 8.90
CA GLU H 62 21.47 -18.03 8.89
C GLU H 62 22.56 -17.52 7.95
N ALA H 63 22.19 -17.11 6.74
CA ALA H 63 23.11 -16.53 5.75
C ALA H 63 23.64 -15.15 6.19
N LEU H 64 22.75 -14.31 6.72
CA LEU H 64 23.13 -12.98 7.21
C LEU H 64 24.09 -13.11 8.39
N HIS H 65 23.86 -14.12 9.23
CA HIS H 65 24.72 -14.36 10.35
C HIS H 65 26.11 -14.79 9.95
N THR H 66 26.21 -15.67 8.96
CA THR H 66 27.51 -16.07 8.41
C THR H 66 28.22 -14.89 7.79
N ALA H 67 27.48 -14.09 7.01
CA ALA H 67 28.08 -12.95 6.32
C ALA H 67 28.64 -12.01 7.36
N ALA H 68 27.78 -11.65 8.33
CA ALA H 68 28.08 -10.65 9.35
C ALA H 68 29.27 -11.07 10.24
N LEU H 69 29.31 -12.35 10.58
CA LEU H 69 30.34 -12.91 11.43
C LEU H 69 31.66 -12.89 10.70
N ALA H 70 31.65 -13.29 9.42
CA ALA H 70 32.89 -13.25 8.61
C ALA H 70 33.42 -11.81 8.64
N LEU H 71 32.55 -10.85 8.43
CA LEU H 71 32.98 -9.44 8.40
C LEU H 71 33.53 -9.03 9.75
N VAL H 72 32.85 -9.41 10.83
CA VAL H 72 33.32 -9.10 12.19
C VAL H 72 34.75 -9.61 12.48
N LYS H 73 35.00 -10.88 12.18
CA LYS H 73 36.34 -11.46 12.28
C LYS H 73 37.36 -10.76 11.36
N ASP H 74 36.92 -10.34 10.19
CA ASP H 74 37.76 -9.51 9.34
C ASP H 74 38.21 -8.25 10.10
N ILE H 75 37.24 -7.56 10.70
CA ILE H 75 37.49 -6.31 11.41
C ILE H 75 38.43 -6.56 12.60
N ALA H 76 38.19 -7.65 13.31
CA ALA H 76 38.94 -7.97 14.52
C ALA H 76 40.37 -8.37 14.16
N SER H 77 40.56 -9.03 13.03
CA SER H 77 41.88 -9.36 12.52
C SER H 77 42.61 -8.18 11.97
N ASP H 78 41.86 -7.19 11.51
CA ASP H 78 42.43 -6.01 10.90
C ASP H 78 42.47 -4.85 11.88
N GLY H 79 42.32 -5.17 13.16
CA GLY H 79 42.28 -4.12 14.16
C GLY H 79 43.51 -3.23 13.99
N GLU H 80 43.33 -1.94 14.32
CA GLU H 80 44.45 -1.01 14.28
C GLU H 80 45.67 -1.59 15.03
N GLY H 81 46.75 -1.81 14.28
CA GLY H 81 47.96 -2.40 14.83
C GLY H 81 47.91 -3.87 15.22
N ALA H 82 46.78 -4.56 15.12
CA ALA H 82 46.73 -5.92 15.66
C ALA H 82 47.64 -6.91 14.90
N ALA H 83 48.15 -7.88 15.62
CA ALA H 83 48.73 -9.08 15.05
C ALA H 83 47.82 -10.31 15.32
N LYS H 84 46.87 -10.18 16.26
CA LYS H 84 46.15 -11.34 16.74
C LYS H 84 44.70 -11.02 16.98
N LEU H 85 43.83 -11.88 16.47
CA LEU H 85 42.40 -11.85 16.84
C LEU H 85 42.31 -12.55 18.20
N ILE H 86 41.50 -11.98 19.09
CA ILE H 86 41.13 -12.64 20.32
C ILE H 86 39.65 -12.92 20.28
N GLU H 87 39.33 -14.19 20.53
CA GLU H 87 37.97 -14.65 20.70
C GLU H 87 37.71 -15.07 22.14
N VAL H 88 36.81 -14.36 22.85
CA VAL H 88 36.47 -14.77 24.23
C VAL H 88 35.14 -15.49 24.29
N GLN H 89 35.17 -16.80 24.61
CA GLN H 89 33.96 -17.63 24.73
C GLN H 89 33.51 -17.88 26.17
N VAL H 90 32.42 -17.25 26.57
CA VAL H 90 31.92 -17.35 27.93
C VAL H 90 30.68 -18.25 27.98
N THR H 91 30.71 -19.20 28.92
CA THR H 91 29.60 -20.13 29.15
C THR H 91 29.30 -20.25 30.63
N GLY H 92 28.13 -20.83 30.94
CA GLY H 92 27.73 -21.13 32.31
C GLY H 92 27.33 -19.90 33.06
N ALA H 93 27.08 -18.83 32.33
CA ALA H 93 26.77 -17.55 32.95
C ALA H 93 25.31 -17.56 33.45
N ARG H 94 24.93 -16.54 34.22
CA ARG H 94 23.57 -16.40 34.74
C ARG H 94 22.59 -16.33 33.59
N ASP H 95 22.97 -15.52 32.60
CA ASP H 95 22.22 -15.37 31.38
C ASP H 95 23.20 -14.95 30.30
N ASP H 96 22.71 -14.81 29.08
CA ASP H 96 23.58 -14.44 27.96
C ASP H 96 24.20 -13.03 28.09
N ALA H 97 23.43 -12.11 28.68
CA ALA H 97 23.88 -10.73 28.83
C ALA H 97 25.13 -10.66 29.72
N GLN H 98 25.09 -11.35 30.87
CA GLN H 98 26.23 -11.44 31.75
C GLN H 98 27.41 -12.10 31.00
N ALA H 99 27.17 -13.19 30.28
CA ALA H 99 28.24 -13.79 29.46
C ALA H 99 28.90 -12.78 28.53
N LYS H 100 28.07 -11.96 27.89
CA LYS H 100 28.56 -10.88 27.03
C LYS H 100 29.32 -9.83 27.80
N ARG H 101 28.85 -9.44 28.99
CA ARG H 101 29.50 -8.40 29.86
C ARG H 101 30.92 -8.85 30.31
N VAL H 102 31.03 -10.14 30.69
CA VAL H 102 32.27 -10.72 31.08
C VAL H 102 33.22 -10.83 29.86
N GLY H 103 32.74 -11.37 28.74
CA GLY H 103 33.58 -11.44 27.56
C GLY H 103 34.11 -10.08 27.14
N LYS H 104 33.26 -9.08 27.14
CA LYS H 104 33.71 -7.71 26.79
C LYS H 104 34.78 -7.24 27.78
N THR H 105 34.59 -7.45 29.07
CA THR H 105 35.52 -6.92 30.08
C THR H 105 36.91 -7.48 29.90
N VAL H 106 36.97 -8.80 29.68
CA VAL H 106 38.15 -9.51 29.35
C VAL H 106 38.81 -9.02 28.03
N VAL H 107 38.02 -9.02 26.94
CA VAL H 107 38.58 -8.71 25.62
C VAL H 107 39.00 -7.24 25.52
N ASN H 108 38.51 -6.41 26.46
CA ASN H 108 38.87 -4.98 26.48
C ASN H 108 39.90 -4.65 27.55
N SER H 109 40.39 -5.65 28.25
CA SER H 109 41.42 -5.39 29.28
C SER H 109 42.77 -5.12 28.62
N PRO H 110 43.34 -3.90 28.79
CA PRO H 110 44.66 -3.67 28.20
C PRO H 110 45.71 -4.68 28.64
N LEU H 111 45.67 -5.12 29.90
CA LEU H 111 46.64 -6.12 30.37
C LEU H 111 46.45 -7.47 29.68
N VAL H 112 45.20 -7.86 29.46
CA VAL H 112 44.95 -9.11 28.72
C VAL H 112 45.43 -9.00 27.29
N LYS H 113 45.19 -7.82 26.72
CA LYS H 113 45.41 -7.56 25.31
C LYS H 113 46.93 -7.50 25.02
N THR H 114 47.70 -6.99 25.98
CA THR H 114 49.17 -6.98 25.93
C THR H 114 49.79 -8.32 26.24
N ALA H 115 49.27 -9.08 27.21
CA ALA H 115 49.84 -10.42 27.47
C ALA H 115 49.66 -11.30 26.24
N VAL H 116 48.50 -11.22 25.59
CA VAL H 116 48.29 -12.01 24.39
C VAL H 116 49.24 -11.55 23.29
N HIS H 117 49.42 -10.24 23.17
CA HIS H 117 50.34 -9.68 22.21
C HIS H 117 51.77 -10.18 22.40
N GLY H 118 52.20 -10.36 23.65
CA GLY H 118 53.52 -10.89 23.94
C GLY H 118 53.60 -12.40 23.96
N CYS H 119 52.51 -13.09 23.63
CA CYS H 119 52.37 -14.55 23.79
C CYS H 119 52.60 -15.01 25.25
N ASP H 120 52.36 -14.12 26.22
CA ASP H 120 52.59 -14.42 27.65
C ASP H 120 51.32 -15.06 28.22
N PRO H 121 51.40 -16.31 28.71
CA PRO H 121 50.22 -17.05 29.17
C PRO H 121 49.80 -16.60 30.60
N ASN H 122 49.50 -15.30 30.71
CA ASN H 122 49.36 -14.61 31.99
C ASN H 122 47.88 -14.67 32.31
N TRP H 123 47.41 -15.88 32.55
CA TRP H 123 45.99 -16.13 32.76
C TRP H 123 45.44 -15.41 34.00
N GLY H 124 46.34 -15.04 34.90
CA GLY H 124 45.99 -14.25 36.06
C GLY H 124 45.40 -12.91 35.70
N ARG H 125 45.82 -12.38 34.56
CA ARG H 125 45.21 -11.17 34.03
C ARG H 125 43.74 -11.34 33.56
N VAL H 126 43.40 -12.55 33.08
CA VAL H 126 42.04 -12.86 32.65
C VAL H 126 41.17 -13.00 33.90
N ALA H 127 41.70 -13.69 34.92
CA ALA H 127 41.05 -13.80 36.19
C ALA H 127 40.78 -12.39 36.71
N MET H 128 41.78 -11.53 36.68
CA MET H 128 41.59 -10.13 37.09
C MET H 128 40.42 -9.51 36.33
N ALA H 129 40.46 -9.64 35.00
CA ALA H 129 39.45 -8.99 34.14
C ALA H 129 37.99 -9.41 34.50
N ILE H 130 37.78 -10.73 34.63
CA ILE H 130 36.54 -11.31 35.06
C ILE H 130 36.16 -10.73 36.40
N GLY H 131 37.17 -10.62 37.28
CA GLY H 131 36.99 -10.06 38.57
C GLY H 131 36.39 -8.67 38.56
N LYS H 132 36.68 -7.90 37.53
CA LYS H 132 36.27 -6.49 37.45
C LYS H 132 34.74 -6.36 37.32
N CYS H 133 34.07 -7.48 37.07
CA CYS H 133 32.61 -7.47 37.04
C CYS H 133 32.16 -7.69 38.49
N SER H 134 32.39 -6.64 39.28
CA SER H 134 32.30 -6.74 40.70
C SER H 134 30.81 -6.66 41.15
N ASP H 135 29.90 -6.26 40.27
CA ASP H 135 28.47 -6.23 40.59
C ASP H 135 27.81 -7.58 40.31
N ASP H 136 28.52 -8.46 39.61
CA ASP H 136 28.05 -9.83 39.40
C ASP H 136 28.47 -10.77 40.54
N THR H 137 27.82 -10.62 41.69
CA THR H 137 28.24 -11.29 42.91
C THR H 137 27.97 -12.79 42.84
N ASP H 138 27.36 -13.25 41.75
CA ASP H 138 27.17 -14.69 41.55
C ASP H 138 28.33 -15.34 40.81
N ILE H 139 29.31 -14.51 40.41
CA ILE H 139 30.57 -15.04 39.93
C ILE H 139 31.47 -15.39 41.13
N ASP H 140 31.79 -16.66 41.28
CA ASP H 140 32.53 -17.18 42.41
C ASP H 140 33.85 -17.70 41.87
N GLN H 141 34.96 -17.11 42.33
CA GLN H 141 36.28 -17.45 41.82
C GLN H 141 36.61 -18.89 42.03
N GLU H 142 35.98 -19.52 43.02
CA GLU H 142 36.14 -20.96 43.25
C GLU H 142 35.54 -21.80 42.11
N ARG H 143 34.48 -21.33 41.48
CA ARG H 143 33.74 -22.16 40.52
C ARG H 143 34.10 -21.86 39.07
N VAL H 144 34.77 -20.72 38.84
CA VAL H 144 35.11 -20.25 37.52
C VAL H 144 36.24 -21.10 36.90
N THR H 145 36.18 -21.34 35.60
CA THR H 145 37.29 -21.97 34.91
C THR H 145 37.74 -21.07 33.78
N ILE H 146 39.04 -21.13 33.50
CA ILE H 146 39.65 -20.39 32.41
C ILE H 146 40.55 -21.27 31.55
N ARG H 147 40.34 -21.21 30.25
CA ARG H 147 41.24 -21.84 29.31
C ARG H 147 41.72 -20.86 28.24
N PHE H 148 42.93 -21.11 27.77
CA PHE H 148 43.40 -20.57 26.53
C PHE H 148 43.41 -21.74 25.56
N GLY H 149 42.89 -21.51 24.36
CA GLY H 149 42.73 -22.57 23.40
C GLY H 149 42.03 -23.74 24.09
N GLU H 150 42.64 -24.91 24.03
CA GLU H 150 42.08 -26.12 24.63
C GLU H 150 42.73 -26.50 25.97
N VAL H 151 43.44 -25.54 26.57
CA VAL H 151 44.23 -25.84 27.77
C VAL H 151 43.60 -25.12 28.92
N GLU H 152 42.97 -25.86 29.82
CA GLU H 152 42.44 -25.27 31.06
C GLU H 152 43.55 -24.99 32.07
N VAL H 153 43.70 -23.72 32.46
CA VAL H 153 44.79 -23.24 33.32
C VAL H 153 44.34 -22.82 34.72
N TYR H 154 43.03 -22.60 34.89
CA TYR H 154 42.41 -22.24 36.18
C TYR H 154 41.13 -23.00 36.31
N PRO H 155 40.83 -23.59 37.48
CA PRO H 155 41.51 -23.56 38.78
C PRO H 155 42.71 -24.47 38.83
N PRO H 156 43.59 -24.30 39.87
CA PRO H 156 44.67 -25.29 40.16
C PRO H 156 44.18 -26.64 40.73
N ALA H 172 51.29 -20.74 25.90
CA ALA H 172 52.36 -20.06 25.12
C ALA H 172 52.35 -20.47 23.64
N GLU H 173 52.22 -21.78 23.39
CA GLU H 173 52.11 -22.32 22.02
C GLU H 173 50.88 -21.90 21.23
N HIS H 174 49.71 -21.94 21.85
CA HIS H 174 48.47 -21.50 21.23
C HIS H 174 48.47 -19.95 20.98
N LEU H 175 49.06 -19.21 21.92
CA LEU H 175 49.24 -17.78 21.81
C LEU H 175 50.09 -17.33 20.63
N ARG H 176 50.94 -18.22 20.11
CA ARG H 176 51.74 -17.91 18.92
C ARG H 176 50.89 -17.79 17.64
N GLY H 177 49.69 -18.39 17.64
CA GLY H 177 48.75 -18.26 16.53
C GLY H 177 48.24 -16.85 16.30
N ASP H 178 47.74 -16.60 15.09
CA ASP H 178 47.14 -15.30 14.77
C ASP H 178 45.69 -15.20 15.30
N GLU H 179 45.10 -16.31 15.74
CA GLU H 179 43.75 -16.30 16.36
C GLU H 179 43.77 -17.00 17.71
N VAL H 180 43.40 -16.27 18.74
CA VAL H 180 43.50 -16.78 20.11
C VAL H 180 42.13 -16.89 20.75
N VAL H 181 41.85 -18.03 21.39
CA VAL H 181 40.59 -18.24 22.12
C VAL H 181 40.84 -18.23 23.61
N ILE H 182 39.99 -17.51 24.32
CA ILE H 182 39.96 -17.56 25.77
C ILE H 182 38.55 -18.04 26.11
N GLY H 183 38.49 -19.21 26.76
CA GLY H 183 37.22 -19.78 27.19
C GLY H 183 37.09 -19.65 28.68
N ILE H 184 35.89 -19.28 29.11
CA ILE H 184 35.63 -18.97 30.48
C ILE H 184 34.32 -19.63 30.78
N ASP H 185 34.24 -20.32 31.90
CA ASP H 185 32.96 -20.82 32.35
C ASP H 185 32.71 -20.38 33.78
N LEU H 186 31.53 -19.82 34.02
CA LEU H 186 31.22 -19.21 35.33
C LEU H 186 30.51 -20.18 36.29
N ALA H 187 30.06 -21.31 35.74
CA ALA H 187 29.33 -22.33 36.48
C ALA H 187 28.19 -21.72 37.32
N ILE H 188 27.41 -20.83 36.70
CA ILE H 188 26.22 -20.27 37.32
C ILE H 188 24.97 -20.92 36.74
N ALA H 189 24.79 -20.82 35.42
CA ALA H 189 23.61 -21.36 34.75
C ALA H 189 23.94 -21.65 33.29
N ASP H 190 23.16 -21.13 32.34
CA ASP H 190 23.34 -21.52 30.94
C ASP H 190 23.67 -20.38 30.01
N GLY H 191 23.85 -19.17 30.55
CA GLY H 191 24.18 -18.00 29.72
C GLY H 191 25.46 -18.18 28.92
N ALA H 192 25.41 -17.77 27.66
CA ALA H 192 26.55 -17.96 26.76
C ALA H 192 26.70 -16.83 25.75
N PHE H 193 27.92 -16.41 25.55
CA PHE H 193 28.19 -15.40 24.58
C PHE H 193 29.65 -15.42 24.15
N THR H 194 29.88 -15.26 22.86
CA THR H 194 31.23 -15.10 22.33
C THR H 194 31.41 -13.64 21.88
N VAL H 195 32.52 -13.02 22.28
CA VAL H 195 32.90 -11.71 21.71
C VAL H 195 34.30 -11.80 20.97
N TYR H 196 34.59 -10.73 20.24
CA TYR H 196 35.76 -10.65 19.40
C TYR H 196 36.44 -9.27 19.63
N GLY H 197 37.76 -9.33 19.68
CA GLY H 197 38.62 -8.17 19.84
C GLY H 197 39.98 -8.54 19.26
N CYS H 198 41.02 -7.84 19.70
CA CYS H 198 42.39 -8.12 19.19
C CYS H 198 43.46 -7.79 20.26
N ASP H 199 44.72 -8.05 19.95
CA ASP H 199 45.76 -7.71 20.90
C ASP H 199 45.98 -6.18 20.88
N LEU H 200 46.77 -5.71 21.84
CA LEU H 200 47.21 -4.32 21.86
C LEU H 200 48.73 -4.28 21.50
N THR H 201 49.05 -3.48 20.50
CA THR H 201 50.37 -3.42 19.91
C THR H 201 50.92 -1.97 19.91
N GLU H 202 52.25 -1.90 19.78
CA GLU H 202 52.97 -0.63 19.58
C GLU H 202 52.47 0.07 18.31
N GLY H 203 52.08 -0.73 17.32
CA GLY H 203 51.45 -0.24 16.12
C GLY H 203 50.15 0.53 16.35
N TYR H 204 49.24 0.00 17.18
CA TYR H 204 48.03 0.74 17.60
C TYR H 204 48.43 2.11 18.15
N VAL H 205 49.39 2.11 19.06
CA VAL H 205 49.79 3.37 19.71
C VAL H 205 50.42 4.37 18.76
N ARG H 206 51.33 3.88 17.91
CA ARG H 206 51.99 4.70 16.91
C ARG H 206 50.98 5.28 15.90
N LEU H 207 50.18 4.43 15.29
CA LEU H 207 49.16 4.89 14.35
C LEU H 207 48.35 6.02 15.00
N ASN H 208 47.81 5.76 16.20
CA ASN H 208 46.89 6.67 16.83
C ASN H 208 47.50 7.84 17.54
N SER H 209 48.84 7.80 17.67
CA SER H 209 49.62 8.95 18.13
C SER H 209 50.13 9.87 17.02
N GLU H 210 50.33 9.33 15.83
CA GLU H 210 51.10 10.02 14.80
C GLU H 210 50.35 10.62 13.61
C TRS I . -7.43 13.58 -31.82
C1 TRS I . -6.90 12.15 -31.94
C2 TRS I . -7.15 14.50 -33.00
C3 TRS I . -8.90 13.52 -31.65
N TRS I . -6.87 14.18 -30.68
O1 TRS I . -7.87 11.12 -31.78
O2 TRS I . -5.92 15.17 -32.82
O3 TRS I . -9.22 12.59 -32.68
C TRS J . -13.32 15.00 -25.74
C1 TRS J . -13.66 16.51 -25.52
C2 TRS J . -12.10 14.86 -26.63
C3 TRS J . -13.16 14.08 -24.50
N TRS J . -14.32 14.47 -26.62
O1 TRS J . -14.89 16.87 -24.87
O2 TRS J . -12.38 14.64 -27.98
O3 TRS J . -13.31 14.74 -23.20
C ACT K . 9.49 4.67 35.39
O ACT K . 10.18 5.37 34.59
OXT ACT K . 9.60 3.40 35.54
CH3 ACT K . 8.45 5.40 36.19
C ACT L . 38.02 5.87 12.18
O ACT L . 38.79 6.45 11.33
OXT ACT L . 37.24 6.49 12.96
CH3 ACT L . 37.99 4.36 12.24
#